data_9FFU
#
_entry.id   9FFU
#
_cell.length_a   1.00
_cell.length_b   1.00
_cell.length_c   1.00
_cell.angle_alpha   90.00
_cell.angle_beta   90.00
_cell.angle_gamma   90.00
#
_symmetry.space_group_name_H-M   'P 1'
#
loop_
_entity.id
_entity.type
_entity.pdbx_description
1 polymer 'Gamma-aminobutyric acid receptor subunit alpha-1'
2 polymer 'Gamma-aminobutyric acid receptor subunit beta-3'
3 polymer 'Megabody25,Outer membrane protein'
4 branched alpha-D-mannopyranose-(1-3)-[alpha-D-mannopyranose-(1-6)]beta-D-mannopyranose-(1-4)-2-acetamido-2-deoxy-beta-D-glucopyranose-(1-4)-2-acetamido-2-deoxy-beta-D-glucopyranose
5 branched 2-acetamido-2-deoxy-beta-D-glucopyranose-(1-4)-2-acetamido-2-deoxy-beta-D-glucopyranose
6 non-polymer DECANE
7 non-polymer '(2S)-3-(hexadecanoyloxy)-2-[(9Z)-octadec-9-enoyloxy]propyl 2-(trimethylammonio)ethyl phosphate'
8 non-polymer 'CHLORIDE ION'
9 non-polymer 'GAMMA-AMINO-BUTANOIC ACID'
10 non-polymer HEXADECANE
11 water water
#
loop_
_entity_poly.entity_id
_entity_poly.type
_entity_poly.pdbx_seq_one_letter_code
_entity_poly.pdbx_strand_id
1 'polypeptide(L)'
;MDEKTTGWRGGHVVEGLAGELEQLRARLEHHPQGQREPDYDIPTTENLYFQGTGQPSQDELKDNTTVFTRILDRLLDGYD
NRLRPGLGERVTEVKTDIFVTSFGPVSDHDMEYTIDVFFRQSWKDERLKFKGPMTVLRLNNLMASKIWTPDTFFHNGKKS
VAHNMTMPNKLLRITEDGTLLYTMRLTVRAECPMHLEDFPMDAHACPLKFGSYAYTRAEVVYEWTREPARSVVVAEDGSR
LNQYDLLGQTVDSGIVQSSTGEYVVMTTHFHLKRKIGYFVIQTYLPCIMTVILSQVSFWLNRESVPARTVFGVTTVLTMT
TLSISARNSLPKVAYATAMDWFIAVCYAFVFSALIEFATVNYFTKSQPARAAKIDRLSRIAFPLLFGIFNLVYWATYLNR
EPQLKAPTPHQ
;
D,A
2 'polypeptide(L)'
;MDEKTTGWRGGHVVEGLAGELEQLRARLEHHPQGQREPDYDIPTTENLYFQGTGQSVNDPGNMSFVKETVDKLLKGYDIR
LRPDFGGPPVCVGMNIDIASIDMVSEVNMDYTLTMYFQQYWRDKRLAYSGIPLNLTLDNRVADQLWVPDTYFLNDKKSFV
HGVTVKNRMIRLHPDGTVLYGLRITTTAACMMDLRRYPLDEQNCTLEIESYGYTTDDIEFYWRGGDKAVTGVERIELPQF
SIVEHRLVSRNVVFATGAYPRLSLSFRLKRNIGYFILQTYMPSILITILSWVSFWINYDASAARVALGITTVLTMTTINT
HLRETLPKIPYVKAIDMYLMGCFVFVFLALLEYAFVNYIFFSQPARAAAIDRWSRIVFPFTFSLFNLVYWLYYVN
;
E,B,C
3 'polypeptide(L)'
;QVQLVESGGGLVQTKTTTSVIDTTNDAQNLLTQAQTIVNTLKDYCPILIAKSSSSNGGTNNANTPSWQTAGGGKNSCATF
GAEFSAASDMINNAQKIVQETQQLSANQPKNITQPHNLNLNSPSSLTALAQKMLKNAQSQAEILKLANQVESDFNKLSSG
HLKDYIGKCDASAISSANMTMQNQKNNWGNGCAGVEETQSLLKTSAADFNNQTPQINQAQNLANTLIQELGNNTYEQLSR
LLTNDNGTNSKTSAQAINQAVNNLNERAKTLAGGTTNSPAYQATLLALRSVLGLWNSMGYAVICGGYTKSPGENNQKDFH
YTDENGNGTTINCGGSTNSNGTHSYNGTNTLKADKNVSLSIEQYEKIHEAYQILSKALKQAGLAPLNSKGEKLEAHVTTS
KYGSLRLSCAASGHTFNYPIMGWFRQAPGKEREFVGAISWSGGSTSYADSVKDRFTISRDNAKNTVYLEMNNLKPEDTAV
YYCAAKGRYSGGLYYPTNYDYWGQGTQVTVSSHHHHHHEPEA
;
F
#
loop_
_chem_comp.id
_chem_comp.type
_chem_comp.name
_chem_comp.formula
ABU non-polymer 'GAMMA-AMINO-BUTANOIC ACID' 'C4 H9 N O2'
BMA D-saccharide, beta linking beta-D-mannopyranose 'C6 H12 O6'
CL non-polymer 'CHLORIDE ION' 'Cl -1'
D10 non-polymer DECANE 'C10 H22'
MAN D-saccharide, alpha linking alpha-D-mannopyranose 'C6 H12 O6'
NAG D-saccharide, beta linking 2-acetamido-2-deoxy-beta-D-glucopyranose 'C8 H15 N O6'
POV non-polymer '(2S)-3-(hexadecanoyloxy)-2-[(9Z)-octadec-9-enoyloxy]propyl 2-(trimethylammonio)ethyl phosphate' 'C42 H82 N O8 P'
R16 non-polymer HEXADECANE 'C16 H34'
#
# COMPACT_ATOMS: atom_id res chain seq x y z
N THR A 65 -29.65 30.26 33.66
CA THR A 65 -29.12 29.05 33.04
C THR A 65 -30.06 27.87 33.31
N THR A 66 -30.75 27.90 34.45
CA THR A 66 -31.78 26.91 34.72
C THR A 66 -32.96 27.05 33.74
N VAL A 67 -33.25 28.28 33.31
CA VAL A 67 -34.34 28.50 32.36
C VAL A 67 -34.07 27.76 31.06
N PHE A 68 -32.84 27.83 30.56
CA PHE A 68 -32.52 27.16 29.31
C PHE A 68 -32.52 25.64 29.47
N THR A 69 -32.08 25.13 30.63
CA THR A 69 -32.16 23.70 30.86
C THR A 69 -33.60 23.22 30.87
N ARG A 70 -34.49 23.98 31.53
CA ARG A 70 -35.91 23.62 31.52
C ARG A 70 -36.48 23.68 30.12
N ILE A 71 -36.06 24.67 29.33
CA ILE A 71 -36.52 24.78 27.94
C ILE A 71 -36.10 23.55 27.15
N LEU A 72 -34.83 23.15 27.27
CA LEU A 72 -34.34 21.99 26.53
C LEU A 72 -35.05 20.72 26.96
N ASP A 73 -35.25 20.55 28.26
CA ASP A 73 -35.95 19.38 28.77
C ASP A 73 -37.38 19.32 28.26
N ARG A 74 -38.04 20.46 28.17
CA ARG A 74 -39.40 20.48 27.64
C ARG A 74 -39.42 20.22 26.13
N LEU A 75 -38.44 20.74 25.40
CA LEU A 75 -38.37 20.48 23.97
C LEU A 75 -38.19 19.00 23.69
N LEU A 76 -37.33 18.33 24.46
CA LEU A 76 -37.08 16.92 24.22
C LEU A 76 -38.10 16.00 24.89
N ASP A 77 -39.00 16.55 25.71
CA ASP A 77 -39.95 15.73 26.46
C ASP A 77 -40.97 15.11 25.52
N GLY A 78 -40.93 13.79 25.38
CA GLY A 78 -41.82 13.11 24.46
C GLY A 78 -41.43 13.20 23.00
N TYR A 79 -40.29 13.79 22.68
CA TYR A 79 -39.84 13.90 21.30
C TYR A 79 -39.48 12.53 20.76
N ASP A 80 -39.83 12.30 19.49
CA ASP A 80 -39.53 11.03 18.82
C ASP A 80 -38.65 11.33 17.60
N ASN A 81 -37.37 11.02 17.70
CA ASN A 81 -36.44 11.32 16.61
C ASN A 81 -36.45 10.26 15.52
N ARG A 82 -37.25 9.21 15.67
CA ARG A 82 -37.47 8.25 14.60
C ARG A 82 -38.39 8.78 13.51
N LEU A 83 -39.02 9.93 13.73
CA LEU A 83 -40.01 10.48 12.81
C LEU A 83 -39.52 11.81 12.26
N ARG A 84 -39.65 11.99 10.96
CA ARG A 84 -39.32 13.25 10.33
C ARG A 84 -40.39 14.30 10.67
N PRO A 85 -40.03 15.59 10.67
CA PRO A 85 -41.04 16.62 10.92
C PRO A 85 -42.06 16.65 9.80
N GLY A 86 -43.33 16.76 10.17
CA GLY A 86 -44.38 16.75 9.19
C GLY A 86 -44.72 15.39 8.63
N LEU A 87 -44.37 14.31 9.32
CA LEU A 87 -44.66 12.97 8.85
C LEU A 87 -46.17 12.77 8.71
N GLY A 88 -46.60 12.36 7.52
CA GLY A 88 -48.01 12.14 7.26
C GLY A 88 -48.82 13.39 7.00
N GLU A 89 -48.21 14.55 6.98
CA GLU A 89 -48.92 15.81 6.79
C GLU A 89 -48.35 16.67 5.67
N ARG A 90 -47.03 16.68 5.51
CA ARG A 90 -46.41 17.54 4.49
C ARG A 90 -45.00 17.02 4.20
N VAL A 91 -44.44 17.51 3.09
CA VAL A 91 -43.07 17.19 2.74
C VAL A 91 -42.11 18.00 3.62
N THR A 92 -41.01 17.37 4.03
CA THR A 92 -39.96 18.08 4.73
C THR A 92 -39.03 18.75 3.71
N GLU A 93 -38.85 20.05 3.85
CA GLU A 93 -38.02 20.83 2.94
C GLU A 93 -36.69 21.14 3.60
N VAL A 94 -35.59 20.82 2.92
CA VAL A 94 -34.25 21.04 3.43
C VAL A 94 -33.56 22.03 2.51
N LYS A 95 -33.07 23.13 3.07
CA LYS A 95 -32.26 24.11 2.34
C LYS A 95 -30.79 23.78 2.58
N THR A 96 -30.03 23.68 1.50
CA THR A 96 -28.64 23.23 1.58
CA THR A 96 -28.65 23.22 1.57
C THR A 96 -27.71 24.22 0.91
N ASP A 97 -26.51 24.32 1.47
CA ASP A 97 -25.46 25.10 0.81
C ASP A 97 -24.09 24.59 1.25
N ILE A 98 -23.13 24.71 0.34
CA ILE A 98 -21.81 24.13 0.51
C ILE A 98 -20.76 25.23 0.43
N PHE A 99 -19.85 25.25 1.40
CA PHE A 99 -18.69 26.12 1.37
C PHE A 99 -17.44 25.26 1.24
N VAL A 100 -16.78 25.32 0.10
CA VAL A 100 -15.55 24.57 -0.14
C VAL A 100 -14.38 25.33 0.47
N THR A 101 -13.74 24.72 1.45
CA THR A 101 -12.54 25.32 2.04
C THR A 101 -11.27 24.93 1.31
N SER A 102 -11.28 23.84 0.57
CA SER A 102 -10.14 23.45 -0.26
C SER A 102 -10.61 22.42 -1.27
N PHE A 103 -10.29 22.66 -2.54
CA PHE A 103 -10.57 21.72 -3.61
C PHE A 103 -9.29 20.93 -3.86
N GLY A 104 -9.23 19.74 -3.27
CA GLY A 104 -7.99 19.03 -3.12
C GLY A 104 -7.51 18.38 -4.39
N PRO A 105 -6.50 17.54 -4.29
CA PRO A 105 -5.86 16.98 -5.49
C PRO A 105 -6.82 16.13 -6.29
N VAL A 106 -6.58 16.09 -7.59
CA VAL A 106 -7.27 15.18 -8.51
C VAL A 106 -6.34 14.01 -8.78
N SER A 107 -6.89 12.81 -8.73
CA SER A 107 -6.13 11.59 -9.00
C SER A 107 -6.57 11.02 -10.34
N ASP A 108 -5.71 11.14 -11.36
CA ASP A 108 -6.04 10.58 -12.66
C ASP A 108 -6.05 9.06 -12.64
N HIS A 109 -5.13 8.45 -11.89
CA HIS A 109 -5.03 7.00 -11.86
C HIS A 109 -6.27 6.38 -11.24
N ASP A 110 -6.83 7.00 -10.21
CA ASP A 110 -8.03 6.49 -9.55
C ASP A 110 -9.31 7.11 -10.08
N MET A 111 -9.21 8.09 -10.97
CA MET A 111 -10.37 8.82 -11.49
C MET A 111 -11.25 9.34 -10.34
N GLU A 112 -10.66 10.19 -9.51
CA GLU A 112 -11.33 10.68 -8.31
C GLU A 112 -10.69 11.99 -7.90
N TYR A 113 -11.38 12.70 -7.00
CA TYR A 113 -10.89 13.95 -6.46
C TYR A 113 -11.33 14.05 -5.00
N THR A 114 -10.64 14.89 -4.23
CA THR A 114 -10.98 15.12 -2.84
CA THR A 114 -10.94 15.12 -2.83
C THR A 114 -11.36 16.57 -2.63
N ILE A 115 -12.39 16.79 -1.81
CA ILE A 115 -12.90 18.11 -1.53
C ILE A 115 -13.22 18.23 -0.04
N ASP A 116 -12.85 19.35 0.56
CA ASP A 116 -13.11 19.64 1.97
C ASP A 116 -14.16 20.73 2.06
N VAL A 117 -15.27 20.45 2.75
CA VAL A 117 -16.42 21.35 2.73
C VAL A 117 -16.99 21.57 4.13
N PHE A 118 -17.59 22.74 4.31
CA PHE A 118 -18.66 22.97 5.28
C PHE A 118 -19.97 22.68 4.57
N PHE A 119 -20.66 21.65 5.02
CA PHE A 119 -21.94 21.24 4.46
C PHE A 119 -23.04 21.74 5.40
N ARG A 120 -23.95 22.56 4.88
CA ARG A 120 -24.95 23.24 5.70
C ARG A 120 -26.35 22.85 5.27
N GLN A 121 -27.16 22.40 6.23
CA GLN A 121 -28.55 22.06 6.01
C GLN A 121 -29.43 22.83 6.98
N SER A 122 -30.64 23.14 6.56
CA SER A 122 -31.55 23.93 7.38
C SER A 122 -32.98 23.47 7.11
N TRP A 123 -33.77 23.37 8.16
CA TRP A 123 -35.15 22.90 7.97
C TRP A 123 -36.01 23.27 9.18
N LYS A 124 -37.32 23.13 9.01
CA LYS A 124 -38.30 23.49 10.03
C LYS A 124 -38.79 22.26 10.78
N ASP A 125 -38.86 22.36 12.10
CA ASP A 125 -39.42 21.30 12.95
C ASP A 125 -40.28 21.97 14.02
N GLU A 126 -41.60 21.94 13.82
CA GLU A 126 -42.51 22.62 14.73
C GLU A 126 -42.46 22.05 16.15
N ARG A 127 -41.98 20.82 16.32
CA ARG A 127 -41.87 20.24 17.66
C ARG A 127 -40.84 20.94 18.53
N LEU A 128 -40.01 21.81 17.95
CA LEU A 128 -38.91 22.44 18.66
C LEU A 128 -39.11 23.94 18.87
N LYS A 129 -40.32 24.46 18.63
CA LYS A 129 -40.62 25.84 18.98
C LYS A 129 -40.45 26.06 20.47
N PHE A 130 -39.94 27.22 20.85
CA PHE A 130 -39.78 27.57 22.25
C PHE A 130 -40.02 29.06 22.42
N LYS A 131 -39.98 29.51 23.67
CA LYS A 131 -40.06 30.94 23.98
C LYS A 131 -39.21 31.19 25.20
N GLY A 132 -38.24 32.09 25.09
CA GLY A 132 -37.32 32.34 26.17
C GLY A 132 -36.56 33.65 26.02
N PRO A 133 -35.64 33.92 26.94
CA PRO A 133 -34.90 35.19 26.89
C PRO A 133 -34.04 35.37 25.65
N MET A 134 -33.66 34.30 24.96
CA MET A 134 -32.92 34.39 23.71
C MET A 134 -33.77 33.87 22.55
N THR A 135 -33.41 34.30 21.35
CA THR A 135 -34.12 33.87 20.14
C THR A 135 -33.42 32.75 19.38
N VAL A 136 -32.12 32.54 19.59
CA VAL A 136 -31.38 31.46 18.94
C VAL A 136 -30.57 30.74 20.01
N LEU A 137 -30.78 29.43 20.11
CA LEU A 137 -29.97 28.57 20.97
C LEU A 137 -28.88 27.94 20.12
N ARG A 138 -27.63 28.28 20.42
CA ARG A 138 -26.46 27.69 19.77
C ARG A 138 -25.95 26.57 20.66
N LEU A 139 -26.33 25.33 20.33
CA LEU A 139 -26.18 24.24 21.28
C LEU A 139 -24.90 23.45 21.02
N ASN A 140 -24.53 22.65 22.02
CA ASN A 140 -23.49 21.66 21.84
C ASN A 140 -23.96 20.62 20.82
N ASN A 141 -23.03 20.15 19.99
CA ASN A 141 -23.44 19.33 18.84
C ASN A 141 -24.02 17.98 19.25
N LEU A 142 -23.88 17.56 20.50
CA LEU A 142 -24.51 16.33 20.94
C LEU A 142 -26.03 16.38 20.79
N MET A 143 -26.61 17.58 20.92
CA MET A 143 -28.05 17.72 20.72
C MET A 143 -28.47 17.26 19.33
N ALA A 144 -27.57 17.36 18.35
CA ALA A 144 -27.89 16.90 17.01
C ALA A 144 -28.29 15.43 17.00
N SER A 145 -27.68 14.62 17.87
CA SER A 145 -28.04 13.21 17.91
C SER A 145 -29.36 12.95 18.63
N LYS A 146 -29.89 13.93 19.35
CA LYS A 146 -31.13 13.76 20.08
C LYS A 146 -32.37 14.12 19.26
N ILE A 147 -32.20 14.82 18.15
CA ILE A 147 -33.33 15.24 17.32
C ILE A 147 -33.27 14.51 16.00
N TRP A 148 -34.25 14.75 15.14
CA TRP A 148 -34.23 14.23 13.79
C TRP A 148 -33.34 15.09 12.89
N THR A 149 -32.56 14.43 12.04
CA THR A 149 -31.75 15.12 11.05
C THR A 149 -31.93 14.44 9.70
N PRO A 150 -31.73 15.16 8.60
CA PRO A 150 -31.77 14.52 7.29
C PRO A 150 -30.63 13.52 7.12
N ASP A 151 -30.91 12.46 6.36
CA ASP A 151 -29.93 11.41 6.10
C ASP A 151 -29.28 11.59 4.73
N THR A 152 -28.58 12.70 4.57
CA THR A 152 -27.97 13.04 3.30
C THR A 152 -26.71 12.22 3.05
N PHE A 153 -26.54 11.77 1.81
CA PHE A 153 -25.35 11.05 1.38
C PHE A 153 -24.96 11.51 -0.01
N PHE A 154 -23.69 11.34 -0.33
CA PHE A 154 -23.15 11.68 -1.63
C PHE A 154 -23.18 10.46 -2.53
N HIS A 155 -23.86 10.59 -3.68
CA HIS A 155 -24.12 9.44 -4.54
C HIS A 155 -22.83 8.91 -5.16
N ASN A 156 -21.92 9.80 -5.53
CA ASN A 156 -20.63 9.41 -6.12
C ASN A 156 -19.50 9.48 -5.11
N GLY A 157 -19.80 9.56 -3.82
CA GLY A 157 -18.76 9.49 -2.81
C GLY A 157 -18.14 8.11 -2.75
N LYS A 158 -16.85 8.08 -2.40
CA LYS A 158 -16.11 6.83 -2.33
C LYS A 158 -15.74 6.45 -0.91
N LYS A 159 -15.10 7.34 -0.16
CA LYS A 159 -14.79 7.08 1.24
C LYS A 159 -14.59 8.45 1.90
N SER A 160 -15.63 8.92 2.57
CA SER A 160 -15.62 10.26 3.14
C SER A 160 -15.28 10.21 4.62
N VAL A 161 -14.93 11.36 5.15
CA VAL A 161 -14.54 11.50 6.55
C VAL A 161 -15.32 12.67 7.15
N ALA A 162 -15.98 12.42 8.27
CA ALA A 162 -16.52 13.48 9.11
C ALA A 162 -15.56 13.71 10.26
N HIS A 163 -14.96 14.90 10.31
CA HIS A 163 -13.86 15.16 11.23
C HIS A 163 -14.32 15.17 12.68
N ASN A 164 -13.49 14.61 13.55
CA ASN A 164 -13.85 14.38 14.95
C ASN A 164 -12.78 14.91 15.91
N MET A 165 -11.93 15.82 15.46
CA MET A 165 -10.83 16.38 16.26
C MET A 165 -11.03 17.88 16.39
N THR A 166 -10.97 18.39 17.61
CA THR A 166 -10.80 17.63 18.85
C THR A 166 -12.14 17.07 19.33
N MET A 167 -13.20 17.60 18.77
CA MET A 167 -14.57 17.18 19.00
C MET A 167 -15.23 16.99 17.66
N PRO A 168 -16.43 16.43 17.60
CA PRO A 168 -17.16 16.38 16.32
C PRO A 168 -17.30 17.76 15.72
N ASN A 169 -16.89 17.90 14.46
CA ASN A 169 -16.89 19.17 13.76
C ASN A 169 -18.30 19.46 13.23
N LYS A 170 -19.22 19.66 14.17
CA LYS A 170 -20.62 19.87 13.88
C LYS A 170 -21.15 21.04 14.69
N LEU A 171 -22.18 21.69 14.16
CA LEU A 171 -22.85 22.76 14.89
C LEU A 171 -24.35 22.66 14.68
N LEU A 172 -25.10 22.91 15.75
CA LEU A 172 -26.55 22.92 15.71
C LEU A 172 -27.08 24.20 16.36
N ARG A 173 -28.00 24.86 15.66
CA ARG A 173 -28.64 26.08 16.15
C ARG A 173 -30.15 25.97 15.95
N ILE A 174 -30.89 26.38 16.97
CA ILE A 174 -32.34 26.30 16.98
C ILE A 174 -32.90 27.72 17.17
N THR A 175 -33.69 28.17 16.20
CA THR A 175 -34.40 29.43 16.30
C THR A 175 -35.78 29.19 16.91
N GLU A 176 -36.30 30.21 17.58
CA GLU A 176 -37.50 30.04 18.40
C GLU A 176 -38.72 29.64 17.60
N ASP A 177 -38.72 29.86 16.29
CA ASP A 177 -39.83 29.40 15.47
C ASP A 177 -39.69 27.94 15.04
N GLY A 178 -38.64 27.26 15.48
CA GLY A 178 -38.43 25.87 15.14
C GLY A 178 -37.48 25.62 13.99
N THR A 179 -36.80 26.65 13.49
CA THR A 179 -35.84 26.47 12.42
C THR A 179 -34.54 25.90 12.97
N LEU A 180 -33.98 24.92 12.27
CA LEU A 180 -32.74 24.28 12.63
C LEU A 180 -31.71 24.56 11.56
N LEU A 181 -30.52 25.01 12.00
CA LEU A 181 -29.33 25.06 11.18
C LEU A 181 -28.36 23.98 11.67
N TYR A 182 -27.91 23.14 10.75
CA TYR A 182 -27.09 21.97 11.06
C TYR A 182 -25.92 21.96 10.08
N THR A 183 -24.72 22.12 10.60
CA THR A 183 -23.54 22.26 9.75
C THR A 183 -22.47 21.26 10.16
N MET A 184 -21.78 20.69 9.18
CA MET A 184 -20.72 19.74 9.47
C MET A 184 -19.53 19.95 8.54
N ARG A 185 -18.36 19.49 8.98
CA ARG A 185 -17.14 19.59 8.20
C ARG A 185 -16.76 18.21 7.67
N LEU A 186 -16.59 18.12 6.35
CA LEU A 186 -16.41 16.84 5.69
C LEU A 186 -15.23 16.88 4.73
N THR A 187 -14.60 15.73 4.57
CA THR A 187 -13.64 15.48 3.48
C THR A 187 -14.22 14.37 2.63
N VAL A 188 -14.59 14.69 1.39
CA VAL A 188 -15.27 13.77 0.49
C VAL A 188 -14.32 13.37 -0.62
N ARG A 189 -14.14 12.08 -0.81
CA ARG A 189 -13.52 11.52 -2.01
C ARG A 189 -14.63 11.15 -2.98
N ALA A 190 -14.58 11.69 -4.19
CA ALA A 190 -15.66 11.53 -5.16
C ALA A 190 -15.11 11.07 -6.49
N GLU A 191 -15.92 10.28 -7.19
CA GLU A 191 -15.56 9.78 -8.51
C GLU A 191 -15.68 10.86 -9.55
N CYS A 192 -14.62 11.04 -10.34
CA CYS A 192 -14.67 11.91 -11.53
C CYS A 192 -14.30 11.06 -12.74
N PRO A 193 -15.28 10.54 -13.48
CA PRO A 193 -14.96 9.81 -14.71
C PRO A 193 -14.35 10.74 -15.75
N MET A 194 -13.16 10.39 -16.20
CA MET A 194 -12.41 11.21 -17.12
C MET A 194 -12.23 10.49 -18.45
N HIS A 195 -12.41 11.22 -19.54
CA HIS A 195 -12.05 10.75 -20.87
C HIS A 195 -10.75 11.43 -21.28
N LEU A 196 -9.74 10.64 -21.65
CA LEU A 196 -8.38 11.12 -21.81
C LEU A 196 -7.91 11.08 -23.26
N GLU A 197 -8.81 11.24 -24.22
CA GLU A 197 -8.38 11.28 -25.62
C GLU A 197 -7.48 12.47 -25.89
N ASP A 198 -7.80 13.62 -25.33
CA ASP A 198 -7.05 14.85 -25.55
C ASP A 198 -5.90 15.03 -24.57
N PHE A 199 -5.61 14.05 -23.74
CA PHE A 199 -4.54 14.15 -22.76
C PHE A 199 -3.22 14.47 -23.48
N PRO A 200 -2.40 15.38 -22.95
CA PRO A 200 -2.54 16.15 -21.71
C PRO A 200 -3.21 17.51 -21.88
N MET A 201 -4.06 17.68 -22.87
CA MET A 201 -4.77 18.92 -23.12
C MET A 201 -6.26 18.72 -22.94
N ASP A 202 -6.62 17.99 -21.90
CA ASP A 202 -8.00 17.59 -21.64
C ASP A 202 -8.63 18.48 -20.57
N ALA A 203 -9.95 18.57 -20.62
CA ALA A 203 -10.75 19.28 -19.63
C ALA A 203 -11.83 18.35 -19.11
N HIS A 204 -12.19 18.53 -17.85
CA HIS A 204 -13.14 17.63 -17.20
C HIS A 204 -14.17 18.42 -16.42
N ALA A 205 -15.34 17.80 -16.24
CA ALA A 205 -16.41 18.33 -15.40
C ALA A 205 -16.63 17.31 -14.29
N CYS A 206 -15.97 17.52 -13.16
CA CYS A 206 -16.05 16.60 -12.04
C CYS A 206 -17.34 16.86 -11.24
N PRO A 207 -18.19 15.85 -11.06
CA PRO A 207 -19.47 16.08 -10.38
C PRO A 207 -19.41 15.80 -8.88
N LEU A 208 -20.40 16.35 -8.19
CA LEU A 208 -20.67 16.07 -6.78
C LEU A 208 -22.19 16.05 -6.64
N LYS A 209 -22.73 14.87 -6.37
CA LYS A 209 -24.17 14.66 -6.27
C LYS A 209 -24.52 14.19 -4.88
N PHE A 210 -25.56 14.78 -4.30
CA PHE A 210 -26.01 14.34 -2.98
C PHE A 210 -27.53 14.33 -2.90
N GLY A 211 -28.03 13.64 -1.89
CA GLY A 211 -29.46 13.56 -1.68
C GLY A 211 -29.77 12.66 -0.51
N SER A 212 -31.06 12.47 -0.27
CA SER A 212 -31.53 11.63 0.82
C SER A 212 -31.31 10.16 0.51
N TYR A 213 -30.94 9.38 1.52
CA TYR A 213 -30.77 7.95 1.29
C TYR A 213 -32.09 7.21 1.41
N ALA A 214 -32.90 7.52 2.42
CA ALA A 214 -34.09 6.74 2.71
C ALA A 214 -35.40 7.39 2.29
N TYR A 215 -35.44 8.72 2.14
CA TYR A 215 -36.69 9.44 1.96
C TYR A 215 -36.88 9.82 0.50
N THR A 216 -37.99 9.36 -0.08
CA THR A 216 -38.31 9.71 -1.45
C THR A 216 -38.79 11.16 -1.52
N ARG A 217 -39.05 11.63 -2.74
CA ARG A 217 -39.40 13.03 -2.96
C ARG A 217 -40.75 13.41 -2.37
N ALA A 218 -41.63 12.43 -2.13
CA ALA A 218 -42.89 12.72 -1.45
C ALA A 218 -42.70 12.99 0.03
N GLU A 219 -41.50 12.78 0.57
CA GLU A 219 -41.24 12.95 1.99
C GLU A 219 -40.22 14.05 2.27
N VAL A 220 -39.11 14.09 1.54
CA VAL A 220 -38.07 15.09 1.73
C VAL A 220 -37.67 15.64 0.37
N VAL A 221 -37.59 16.95 0.28
CA VAL A 221 -37.06 17.62 -0.91
C VAL A 221 -35.90 18.50 -0.46
N TYR A 222 -34.99 18.75 -1.39
CA TYR A 222 -33.85 19.62 -1.17
C TYR A 222 -33.94 20.85 -2.05
N GLU A 223 -33.54 21.99 -1.51
CA GLU A 223 -33.46 23.23 -2.25
C GLU A 223 -32.15 23.91 -1.90
N TRP A 224 -31.60 24.65 -2.86
CA TRP A 224 -30.46 25.49 -2.56
C TRP A 224 -30.90 26.69 -1.75
N THR A 225 -30.06 27.08 -0.78
CA THR A 225 -30.48 28.09 0.20
C THR A 225 -30.76 29.43 -0.46
N ARG A 226 -29.90 29.83 -1.40
CA ARG A 226 -30.08 31.06 -2.16
C ARG A 226 -30.02 30.65 -3.62
N GLU A 227 -29.83 31.62 -4.52
CA GLU A 227 -29.62 31.32 -5.93
C GLU A 227 -28.66 30.15 -6.10
N PRO A 228 -28.99 29.17 -6.96
CA PRO A 228 -28.14 27.97 -7.04
C PRO A 228 -26.69 28.27 -7.34
N ALA A 229 -26.41 29.27 -8.17
CA ALA A 229 -25.03 29.62 -8.47
C ALA A 229 -24.29 30.20 -7.27
N ARG A 230 -25.01 30.72 -6.27
CA ARG A 230 -24.39 31.29 -5.09
C ARG A 230 -24.52 30.38 -3.87
N SER A 231 -24.99 29.15 -4.04
CA SER A 231 -25.09 28.22 -2.93
C SER A 231 -23.89 27.29 -2.80
N VAL A 232 -22.98 27.30 -3.77
CA VAL A 232 -21.72 26.54 -3.70
C VAL A 232 -20.61 27.57 -3.81
N VAL A 233 -19.97 27.89 -2.69
CA VAL A 233 -18.99 28.97 -2.62
C VAL A 233 -17.63 28.36 -2.36
N VAL A 234 -16.66 28.66 -3.21
CA VAL A 234 -15.29 28.17 -3.08
C VAL A 234 -14.43 29.23 -2.42
N ALA A 235 -13.68 28.82 -1.40
CA ALA A 235 -12.79 29.75 -0.72
C ALA A 235 -11.72 30.27 -1.68
N GLU A 236 -11.30 31.52 -1.44
CA GLU A 236 -10.41 32.19 -2.38
C GLU A 236 -9.00 31.60 -2.34
N ASP A 237 -8.54 31.19 -1.16
CA ASP A 237 -7.24 30.54 -1.02
C ASP A 237 -7.34 29.03 -0.90
N GLY A 238 -8.52 28.47 -1.14
CA GLY A 238 -8.72 27.03 -0.97
C GLY A 238 -8.52 26.23 -2.23
N SER A 239 -7.26 26.11 -2.67
CA SER A 239 -6.93 25.34 -3.86
C SER A 239 -5.72 24.47 -3.57
N ARG A 240 -5.92 23.16 -3.60
CA ARG A 240 -4.82 22.21 -3.44
C ARG A 240 -4.50 21.49 -4.73
N LEU A 241 -4.91 22.06 -5.86
CA LEU A 241 -4.59 21.49 -7.17
C LEU A 241 -3.17 21.84 -7.55
N ASN A 242 -2.46 20.86 -8.10
CA ASN A 242 -1.11 21.05 -8.63
C ASN A 242 -1.05 20.94 -10.14
N GLN A 243 -1.92 20.13 -10.73
CA GLN A 243 -1.89 19.83 -12.15
C GLN A 243 -3.06 20.43 -12.92
N TYR A 244 -4.12 20.82 -12.24
CA TYR A 244 -5.34 21.30 -12.87
C TYR A 244 -5.60 22.75 -12.51
N ASP A 245 -6.56 23.33 -13.20
CA ASP A 245 -7.01 24.69 -12.94
C ASP A 245 -8.53 24.68 -12.86
N LEU A 246 -9.07 25.17 -11.76
CA LEU A 246 -10.52 25.20 -11.55
C LEU A 246 -11.10 26.45 -12.19
N LEU A 247 -12.02 26.26 -13.14
CA LEU A 247 -12.58 27.36 -13.91
C LEU A 247 -13.91 27.86 -13.39
N GLY A 248 -14.64 27.05 -12.63
CA GLY A 248 -15.94 27.45 -12.13
C GLY A 248 -16.77 26.24 -11.82
N GLN A 249 -18.03 26.50 -11.46
CA GLN A 249 -18.96 25.43 -11.11
C GLN A 249 -20.34 25.74 -11.63
N THR A 250 -21.08 24.68 -11.93
CA THR A 250 -22.46 24.74 -12.38
C THR A 250 -23.33 23.96 -11.40
N VAL A 251 -24.44 24.55 -10.98
CA VAL A 251 -25.26 24.01 -9.90
C VAL A 251 -26.64 23.69 -10.47
N ASP A 252 -27.17 22.51 -10.13
CA ASP A 252 -28.43 22.04 -10.70
C ASP A 252 -29.10 21.06 -9.74
N SER A 253 -30.35 20.73 -10.04
CA SER A 253 -31.12 19.78 -9.24
C SER A 253 -32.00 18.93 -10.16
N GLY A 254 -32.35 17.75 -9.69
CA GLY A 254 -33.14 16.85 -10.50
C GLY A 254 -33.70 15.70 -9.70
N ILE A 255 -34.21 14.71 -10.42
CA ILE A 255 -34.87 13.54 -9.84
C ILE A 255 -34.15 12.29 -10.34
N VAL A 256 -33.78 11.42 -9.41
CA VAL A 256 -33.24 10.11 -9.74
C VAL A 256 -34.30 9.06 -9.44
N GLN A 257 -34.24 7.96 -10.17
CA GLN A 257 -35.18 6.87 -10.03
CA GLN A 257 -35.18 6.87 -10.03
C GLN A 257 -34.45 5.57 -9.72
N SER A 258 -34.99 4.79 -8.80
CA SER A 258 -34.38 3.53 -8.41
C SER A 258 -35.48 2.55 -8.01
N SER A 259 -35.06 1.32 -7.71
CA SER A 259 -36.00 0.27 -7.32
C SER A 259 -36.76 0.62 -6.05
N THR A 260 -36.26 1.56 -5.25
CA THR A 260 -36.94 1.98 -4.04
C THR A 260 -37.75 3.26 -4.20
N GLY A 261 -37.75 3.89 -5.38
CA GLY A 261 -38.63 5.02 -5.61
C GLY A 261 -37.92 6.15 -6.30
N GLU A 262 -38.46 7.36 -6.12
CA GLU A 262 -37.95 8.57 -6.75
C GLU A 262 -37.36 9.49 -5.69
N TYR A 263 -36.16 9.99 -5.94
CA TYR A 263 -35.44 10.80 -4.96
C TYR A 263 -34.97 12.09 -5.61
N VAL A 264 -34.80 13.11 -4.78
CA VAL A 264 -34.24 14.38 -5.23
C VAL A 264 -32.71 14.29 -5.19
N VAL A 265 -32.06 14.84 -6.21
CA VAL A 265 -30.60 14.85 -6.30
C VAL A 265 -30.16 16.29 -6.56
N MET A 266 -29.15 16.73 -5.82
CA MET A 266 -28.53 18.03 -6.03
C MET A 266 -27.14 17.81 -6.61
N THR A 267 -26.82 18.53 -7.68
CA THR A 267 -25.61 18.26 -8.46
C THR A 267 -24.79 19.53 -8.62
N THR A 268 -23.48 19.40 -8.45
CA THR A 268 -22.53 20.47 -8.71
C THR A 268 -21.44 19.94 -9.62
N HIS A 269 -21.17 20.64 -10.71
CA HIS A 269 -20.09 20.27 -11.61
C HIS A 269 -18.98 21.30 -11.51
N PHE A 270 -17.78 20.84 -11.16
CA PHE A 270 -16.59 21.67 -11.14
C PHE A 270 -15.82 21.50 -12.44
N HIS A 271 -15.43 22.60 -13.06
CA HIS A 271 -14.81 22.57 -14.37
C HIS A 271 -13.30 22.74 -14.25
N LEU A 272 -12.56 21.70 -14.62
CA LEU A 272 -11.12 21.65 -14.46
C LEU A 272 -10.45 21.57 -15.82
N LYS A 273 -9.33 22.26 -15.97
CA LYS A 273 -8.52 22.17 -17.17
C LYS A 273 -7.10 21.82 -16.75
N ARG A 274 -6.52 20.81 -17.40
CA ARG A 274 -5.18 20.37 -17.05
C ARG A 274 -4.15 21.40 -17.50
N LYS A 275 -3.22 21.72 -16.61
CA LYS A 275 -2.06 22.51 -16.98
C LYS A 275 -1.06 21.64 -17.72
N ILE A 276 -0.43 22.20 -18.76
CA ILE A 276 0.37 21.40 -19.67
C ILE A 276 1.88 21.45 -19.40
N GLY A 277 2.35 22.39 -18.59
CA GLY A 277 3.76 22.63 -18.43
C GLY A 277 4.59 21.42 -18.02
N TYR A 278 4.07 20.64 -17.07
CA TYR A 278 4.80 19.46 -16.62
C TYR A 278 5.08 18.51 -17.77
N PHE A 279 4.06 18.23 -18.58
CA PHE A 279 4.22 17.32 -19.70
C PHE A 279 5.02 17.94 -20.83
N VAL A 280 5.10 19.26 -20.90
CA VAL A 280 5.98 19.89 -21.86
C VAL A 280 7.44 19.65 -21.49
N ILE A 281 7.80 19.88 -20.22
CA ILE A 281 9.19 19.72 -19.84
C ILE A 281 9.53 18.29 -19.42
N GLN A 282 8.57 17.37 -19.49
CA GLN A 282 8.82 15.99 -19.12
C GLN A 282 8.77 15.04 -20.30
N THR A 283 7.88 15.26 -21.27
CA THR A 283 7.75 14.32 -22.38
C THR A 283 7.96 14.97 -23.74
N TYR A 284 7.40 16.16 -23.97
CA TYR A 284 7.45 16.75 -25.30
C TYR A 284 8.86 17.25 -25.64
N LEU A 285 9.50 17.96 -24.72
CA LEU A 285 10.86 18.45 -24.98
C LEU A 285 11.87 17.33 -25.19
N PRO A 286 11.94 16.28 -24.35
CA PRO A 286 12.87 15.19 -24.66
C PRO A 286 12.60 14.51 -25.99
N CYS A 287 11.34 14.34 -26.38
CA CYS A 287 11.04 13.78 -27.69
C CYS A 287 11.56 14.65 -28.82
N ILE A 288 11.35 15.97 -28.71
CA ILE A 288 11.84 16.90 -29.72
C ILE A 288 13.36 16.83 -29.79
N MET A 289 14.02 16.81 -28.63
CA MET A 289 15.48 16.77 -28.61
C MET A 289 16.00 15.48 -29.22
N THR A 290 15.31 14.36 -28.97
CA THR A 290 15.73 13.09 -29.58
C THR A 290 15.58 13.14 -31.10
N VAL A 291 14.52 13.75 -31.61
CA VAL A 291 14.37 13.86 -33.06
C VAL A 291 15.48 14.71 -33.66
N ILE A 292 15.80 15.84 -33.01
CA ILE A 292 16.89 16.69 -33.50
C ILE A 292 18.22 15.95 -33.43
N LEU A 293 18.45 15.19 -32.36
CA LEU A 293 19.67 14.42 -32.21
C LEU A 293 19.81 13.40 -33.33
N SER A 294 18.71 12.71 -33.66
CA SER A 294 18.76 11.75 -34.76
C SER A 294 19.03 12.42 -36.09
N GLN A 295 18.52 13.64 -36.29
CA GLN A 295 18.79 14.34 -37.55
C GLN A 295 20.18 14.95 -37.61
N VAL A 296 20.86 15.10 -36.48
CA VAL A 296 22.25 15.57 -36.50
C VAL A 296 23.14 14.60 -37.29
N SER A 297 22.77 13.33 -37.32
CA SER A 297 23.56 12.31 -37.99
C SER A 297 23.72 12.55 -39.48
N PHE A 298 22.82 13.32 -40.11
CA PHE A 298 22.89 13.54 -41.54
C PHE A 298 24.10 14.34 -41.97
N TRP A 299 24.80 14.98 -41.03
CA TRP A 299 25.94 15.83 -41.34
C TRP A 299 27.28 15.16 -41.12
N LEU A 300 27.31 13.98 -40.51
CA LEU A 300 28.55 13.23 -40.38
C LEU A 300 28.89 12.55 -41.70
N ASN A 301 30.18 12.50 -42.02
CA ASN A 301 30.61 11.96 -43.30
C ASN A 301 30.28 10.47 -43.39
N ARG A 302 30.08 10.01 -44.63
CA ARG A 302 29.63 8.64 -44.89
C ARG A 302 30.65 7.59 -44.50
N GLU A 303 31.90 7.97 -44.22
CA GLU A 303 32.86 7.00 -43.72
C GLU A 303 32.58 6.63 -42.27
N SER A 304 31.95 7.52 -41.51
CA SER A 304 31.75 7.33 -40.07
C SER A 304 30.57 6.38 -39.81
N VAL A 305 30.72 5.14 -40.25
CA VAL A 305 29.64 4.16 -40.13
C VAL A 305 29.32 3.83 -38.68
N PRO A 306 30.29 3.50 -37.81
CA PRO A 306 29.92 3.23 -36.40
C PRO A 306 29.29 4.41 -35.71
N ALA A 307 29.70 5.63 -36.04
CA ALA A 307 29.14 6.82 -35.39
C ALA A 307 27.68 7.01 -35.76
N ARG A 308 27.35 6.91 -37.04
CA ARG A 308 25.97 7.07 -37.45
C ARG A 308 25.10 5.93 -36.96
N THR A 309 25.65 4.71 -36.90
CA THR A 309 24.91 3.61 -36.30
C THR A 309 24.64 3.87 -34.83
N VAL A 310 25.62 4.41 -34.09
CA VAL A 310 25.43 4.72 -32.68
C VAL A 310 24.32 5.76 -32.52
N PHE A 311 24.35 6.79 -33.36
CA PHE A 311 23.28 7.79 -33.36
C PHE A 311 21.92 7.11 -33.51
N GLY A 312 21.78 6.27 -34.54
CA GLY A 312 20.49 5.66 -34.80
C GLY A 312 20.00 4.76 -33.67
N VAL A 313 20.87 3.86 -33.19
CA VAL A 313 20.43 2.92 -32.17
C VAL A 313 20.12 3.63 -30.86
N THR A 314 20.93 4.61 -30.49
CA THR A 314 20.70 5.32 -29.24
C THR A 314 19.41 6.13 -29.30
N THR A 315 19.13 6.78 -30.44
CA THR A 315 17.89 7.55 -30.52
C THR A 315 16.67 6.64 -30.55
N VAL A 316 16.76 5.47 -31.19
CA VAL A 316 15.62 4.55 -31.18
C VAL A 316 15.39 4.01 -29.78
N LEU A 317 16.46 3.67 -29.05
CA LEU A 317 16.30 3.20 -27.68
C LEU A 317 15.69 4.29 -26.79
N THR A 318 16.15 5.53 -26.94
CA THR A 318 15.59 6.63 -26.16
C THR A 318 14.11 6.83 -26.48
N MET A 319 13.74 6.73 -27.76
CA MET A 319 12.33 6.87 -28.13
C MET A 319 11.49 5.76 -27.53
N THR A 320 12.00 4.52 -27.52
CA THR A 320 11.27 3.41 -26.91
C THR A 320 11.07 3.65 -25.41
N THR A 321 12.12 4.09 -24.73
CA THR A 321 12.01 4.37 -23.30
C THR A 321 10.99 5.47 -23.03
N LEU A 322 11.01 6.53 -23.84
CA LEU A 322 10.06 7.62 -23.65
C LEU A 322 8.62 7.18 -23.93
N SER A 323 8.43 6.36 -24.96
CA SER A 323 7.10 5.86 -25.27
C SER A 323 6.55 5.02 -24.13
N ILE A 324 7.39 4.15 -23.56
CA ILE A 324 6.94 3.30 -22.46
C ILE A 324 6.64 4.14 -21.22
N SER A 325 7.52 5.10 -20.92
CA SER A 325 7.38 5.89 -19.69
C SER A 325 6.25 6.92 -19.76
N ALA A 326 5.70 7.18 -20.94
CA ALA A 326 4.73 8.28 -21.09
C ALA A 326 3.48 8.04 -20.25
N ARG A 327 3.01 6.80 -20.20
CA ARG A 327 1.82 6.45 -19.42
C ARG A 327 2.27 5.80 -18.12
N ASN A 328 2.42 6.63 -17.08
CA ASN A 328 2.82 6.15 -15.78
C ASN A 328 1.93 6.62 -14.64
N SER A 329 1.24 7.74 -14.80
CA SER A 329 0.30 8.24 -13.80
C SER A 329 -1.14 8.16 -14.30
N LEU A 330 -1.39 7.39 -15.34
CA LEU A 330 -2.68 7.30 -16.00
C LEU A 330 -3.27 5.92 -15.84
N PRO A 331 -4.60 5.81 -15.90
CA PRO A 331 -5.22 4.48 -15.98
C PRO A 331 -4.94 3.84 -17.33
N LYS A 332 -5.01 2.51 -17.36
CA LYS A 332 -4.68 1.74 -18.56
C LYS A 332 -5.86 1.77 -19.53
N VAL A 333 -6.10 2.96 -20.08
CA VAL A 333 -7.17 3.10 -21.06
C VAL A 333 -6.79 2.35 -22.33
N ALA A 334 -7.80 1.93 -23.08
CA ALA A 334 -7.60 1.10 -24.26
C ALA A 334 -7.40 1.89 -25.54
N TYR A 335 -7.54 3.22 -25.50
CA TYR A 335 -7.39 4.06 -26.68
C TYR A 335 -6.09 4.86 -26.58
N ALA A 336 -5.83 5.63 -27.64
CA ALA A 336 -4.62 6.44 -27.72
C ALA A 336 -4.92 7.87 -27.32
N THR A 337 -4.01 8.47 -26.56
CA THR A 337 -4.10 9.88 -26.19
C THR A 337 -3.31 10.71 -27.21
N ALA A 338 -3.41 12.04 -27.07
CA ALA A 338 -2.70 12.94 -27.98
C ALA A 338 -1.18 12.79 -27.82
N MET A 339 -0.72 12.67 -26.58
CA MET A 339 0.70 12.47 -26.33
C MET A 339 1.19 11.19 -27.00
N ASP A 340 0.35 10.15 -27.04
CA ASP A 340 0.73 8.92 -27.72
C ASP A 340 0.93 9.14 -29.22
N TRP A 341 0.07 9.95 -29.85
CA TRP A 341 0.25 10.26 -31.26
C TRP A 341 1.53 11.04 -31.50
N PHE A 342 1.83 12.02 -30.63
CA PHE A 342 3.07 12.76 -30.77
C PHE A 342 4.28 11.84 -30.67
N ILE A 343 4.27 10.93 -29.70
CA ILE A 343 5.39 10.03 -29.51
C ILE A 343 5.53 9.06 -30.67
N ALA A 344 4.40 8.59 -31.21
CA ALA A 344 4.44 7.71 -32.38
C ALA A 344 5.07 8.41 -33.57
N VAL A 345 4.72 9.67 -33.81
CA VAL A 345 5.31 10.39 -34.94
C VAL A 345 6.81 10.63 -34.71
N CYS A 346 7.20 10.99 -33.49
CA CYS A 346 8.62 11.17 -33.22
C CYS A 346 9.39 9.87 -33.42
N TYR A 347 8.82 8.74 -32.99
CA TYR A 347 9.42 7.44 -33.20
C TYR A 347 9.57 7.14 -34.68
N ALA A 348 8.54 7.46 -35.47
CA ALA A 348 8.63 7.26 -36.91
C ALA A 348 9.76 8.07 -37.52
N PHE A 349 9.92 9.32 -37.07
CA PHE A 349 11.00 10.16 -37.58
C PHE A 349 12.37 9.58 -37.25
N VAL A 350 12.56 9.13 -36.00
CA VAL A 350 13.85 8.57 -35.59
C VAL A 350 14.16 7.29 -36.39
N PHE A 351 13.16 6.41 -36.50
CA PHE A 351 13.34 5.16 -37.22
C PHE A 351 13.64 5.42 -38.69
N SER A 352 12.96 6.40 -39.29
CA SER A 352 13.21 6.76 -40.67
C SER A 352 14.60 7.34 -40.86
N ALA A 353 15.12 8.06 -39.87
CA ALA A 353 16.51 8.54 -39.98
C ALA A 353 17.49 7.38 -39.98
N LEU A 354 17.25 6.36 -39.14
CA LEU A 354 18.12 5.19 -39.18
C LEU A 354 18.01 4.44 -40.52
N ILE A 355 16.79 4.33 -41.06
CA ILE A 355 16.62 3.71 -42.37
C ILE A 355 17.33 4.51 -43.45
N GLU A 356 17.32 5.84 -43.32
CA GLU A 356 18.04 6.68 -44.26
C GLU A 356 19.53 6.39 -44.22
N PHE A 357 20.08 6.23 -43.01
CA PHE A 357 21.50 5.89 -42.93
C PHE A 357 21.78 4.53 -43.57
N ALA A 358 20.90 3.55 -43.33
CA ALA A 358 21.11 2.24 -43.94
C ALA A 358 21.12 2.33 -45.47
N THR A 359 20.18 3.09 -46.03
CA THR A 359 20.13 3.28 -47.48
C THR A 359 21.36 4.01 -48.00
N VAL A 360 21.82 5.04 -47.28
CA VAL A 360 23.01 5.77 -47.71
C VAL A 360 24.24 4.88 -47.68
N ASN A 361 24.38 4.07 -46.63
CA ASN A 361 25.52 3.17 -46.50
C ASN A 361 25.49 2.07 -47.54
N TYR A 362 24.30 1.65 -47.97
CA TYR A 362 24.21 0.61 -49.00
C TYR A 362 24.79 1.06 -50.33
N PHE A 363 24.61 2.33 -50.69
CA PHE A 363 25.04 2.85 -51.98
C PHE A 363 26.39 3.55 -51.95
N THR A 364 27.10 3.53 -50.81
CA THR A 364 28.28 4.38 -50.66
C THR A 364 29.39 4.01 -51.64
N LYS A 365 29.67 2.71 -51.79
CA LYS A 365 30.82 2.26 -52.55
C LYS A 365 30.49 1.82 -53.96
N SER A 366 29.26 2.02 -54.41
CA SER A 366 28.88 1.70 -55.78
C SER A 366 28.32 2.89 -56.54
N GLN A 367 27.48 3.70 -55.90
CA GLN A 367 26.93 4.91 -56.48
C GLN A 367 27.10 6.05 -55.49
N PRO A 368 28.33 6.52 -55.29
CA PRO A 368 28.57 7.56 -54.27
C PRO A 368 27.77 8.82 -54.51
N ALA A 369 27.50 9.17 -55.76
CA ALA A 369 26.74 10.38 -56.05
C ALA A 369 25.30 10.26 -55.56
N ARG A 370 24.68 9.08 -55.74
CA ARG A 370 23.34 8.87 -55.24
C ARG A 370 23.30 8.97 -53.72
N ALA A 371 24.31 8.42 -53.04
CA ALA A 371 24.36 8.51 -51.59
C ALA A 371 24.51 9.97 -51.13
N ALA A 372 25.37 10.74 -51.80
CA ALA A 372 25.53 12.14 -51.46
C ALA A 372 24.23 12.91 -51.66
N LYS A 373 23.53 12.63 -52.76
CA LYS A 373 22.26 13.29 -53.02
C LYS A 373 21.22 12.94 -51.96
N ILE A 374 21.15 11.67 -51.56
CA ILE A 374 20.20 11.28 -50.53
C ILE A 374 20.49 12.00 -49.23
N ASP A 375 21.77 12.10 -48.86
CA ASP A 375 22.12 12.80 -47.63
C ASP A 375 21.72 14.27 -47.70
N ARG A 376 22.06 14.94 -48.81
CA ARG A 376 21.73 16.37 -48.93
C ARG A 376 20.23 16.59 -48.89
N LEU A 377 19.46 15.74 -49.58
CA LEU A 377 18.00 15.88 -49.58
CA LEU A 377 18.01 15.90 -49.57
C LEU A 377 17.42 15.65 -48.19
N SER A 378 17.93 14.65 -47.47
CA SER A 378 17.43 14.37 -46.14
C SER A 378 17.68 15.54 -45.19
N ARG A 379 18.85 16.19 -45.34
CA ARG A 379 19.21 17.30 -44.45
C ARG A 379 18.18 18.41 -44.47
N ILE A 380 17.44 18.55 -45.56
CA ILE A 380 16.38 19.55 -45.65
C ILE A 380 15.01 18.94 -45.37
N ALA A 381 14.75 17.74 -45.90
CA ALA A 381 13.42 17.18 -45.82
C ALA A 381 13.03 16.83 -44.39
N PHE A 382 13.93 16.22 -43.63
CA PHE A 382 13.56 15.79 -42.28
C PHE A 382 13.20 16.96 -41.36
N PRO A 383 14.01 18.01 -41.22
CA PRO A 383 13.61 19.10 -40.32
C PRO A 383 12.36 19.84 -40.77
N LEU A 384 12.22 20.05 -42.09
CA LEU A 384 11.05 20.75 -42.60
C LEU A 384 9.77 19.97 -42.30
N LEU A 385 9.78 18.67 -42.54
CA LEU A 385 8.61 17.85 -42.24
C LEU A 385 8.34 17.79 -40.74
N PHE A 386 9.38 17.73 -39.91
CA PHE A 386 9.12 17.72 -38.47
C PHE A 386 8.51 19.04 -38.02
N GLY A 387 8.99 20.17 -38.55
CA GLY A 387 8.40 21.45 -38.21
C GLY A 387 6.95 21.56 -38.65
N ILE A 388 6.66 21.09 -39.86
CA ILE A 388 5.28 21.11 -40.34
C ILE A 388 4.39 20.24 -39.47
N PHE A 389 4.86 19.05 -39.09
CA PHE A 389 4.06 18.20 -38.22
C PHE A 389 3.80 18.88 -36.89
N ASN A 390 4.82 19.53 -36.31
CA ASN A 390 4.61 20.20 -35.03
C ASN A 390 3.60 21.33 -35.15
N LEU A 391 3.66 22.09 -36.24
CA LEU A 391 2.67 23.15 -36.45
CA LEU A 391 2.68 23.15 -36.45
C LEU A 391 1.27 22.59 -36.53
N VAL A 392 1.08 21.53 -37.32
CA VAL A 392 -0.25 20.94 -37.47
C VAL A 392 -0.74 20.38 -36.14
N TYR A 393 0.12 19.67 -35.42
CA TYR A 393 -0.27 19.03 -34.17
C TYR A 393 -0.67 20.06 -33.12
N TRP A 394 0.16 21.08 -32.92
CA TRP A 394 -0.12 22.06 -31.87
C TRP A 394 -1.29 22.95 -32.24
N ALA A 395 -1.44 23.28 -33.53
CA ALA A 395 -2.63 24.02 -33.94
C ALA A 395 -3.89 23.18 -33.72
N THR A 396 -3.83 21.88 -34.01
CA THR A 396 -5.00 21.04 -33.83
C THR A 396 -5.40 20.93 -32.37
N TYR A 397 -4.44 20.72 -31.47
CA TYR A 397 -4.80 20.39 -30.10
C TYR A 397 -4.89 21.61 -29.17
N LEU A 398 -4.11 22.66 -29.42
CA LEU A 398 -4.22 23.84 -28.58
C LEU A 398 -5.37 24.75 -28.96
N ASN A 399 -5.97 24.56 -30.13
CA ASN A 399 -7.13 25.35 -30.55
C ASN A 399 -8.44 24.60 -30.39
N ARG A 400 -8.42 23.48 -29.68
CA ARG A 400 -9.63 22.70 -29.44
C ARG A 400 -10.21 23.02 -28.06
N ASN B 62 -9.11 11.48 52.65
CA ASN B 62 -10.53 11.39 52.93
C ASN B 62 -11.33 11.27 51.65
N MET B 63 -11.24 10.11 50.99
CA MET B 63 -11.82 9.94 49.67
C MET B 63 -13.35 10.05 49.69
N SER B 64 -13.98 9.86 50.85
CA SER B 64 -15.44 9.99 50.93
C SER B 64 -15.88 11.42 50.68
N PHE B 65 -15.21 12.40 51.31
CA PHE B 65 -15.61 13.80 51.14
C PHE B 65 -15.33 14.28 49.73
N VAL B 66 -14.18 13.88 49.16
CA VAL B 66 -13.87 14.25 47.78
C VAL B 66 -14.90 13.64 46.83
N LYS B 67 -15.28 12.39 47.07
CA LYS B 67 -16.31 11.77 46.22
C LYS B 67 -17.64 12.50 46.35
N GLU B 68 -18.01 12.90 47.57
CA GLU B 68 -19.23 13.68 47.76
C GLU B 68 -19.18 14.98 46.95
N THR B 69 -18.06 15.70 47.05
CA THR B 69 -17.92 16.96 46.34
C THR B 69 -18.01 16.77 44.83
N VAL B 70 -17.31 15.76 44.30
CA VAL B 70 -17.32 15.53 42.87
C VAL B 70 -18.72 15.14 42.39
N ASP B 71 -19.40 14.27 43.12
CA ASP B 71 -20.77 13.93 42.75
C ASP B 71 -21.70 15.13 42.83
N LYS B 72 -21.45 16.04 43.77
CA LYS B 72 -22.23 17.26 43.86
C LYS B 72 -22.03 18.13 42.64
N LEU B 73 -20.79 18.21 42.14
CA LEU B 73 -20.50 19.08 40.99
C LEU B 73 -21.27 18.66 39.75
N LEU B 74 -21.37 17.36 39.49
CA LEU B 74 -21.99 16.87 38.26
C LEU B 74 -23.48 16.62 38.41
N LYS B 75 -24.09 17.05 39.51
CA LYS B 75 -25.48 16.71 39.77
C LYS B 75 -26.43 17.42 38.81
N GLY B 76 -26.42 18.75 38.82
CA GLY B 76 -27.29 19.50 37.93
C GLY B 76 -26.59 20.03 36.70
N TYR B 77 -25.43 19.46 36.37
CA TYR B 77 -24.62 19.95 35.27
C TYR B 77 -25.30 19.66 33.94
N ASP B 78 -25.39 20.67 33.08
CA ASP B 78 -25.97 20.53 31.74
C ASP B 78 -24.83 20.64 30.73
N ILE B 79 -24.43 19.49 30.17
CA ILE B 79 -23.32 19.46 29.23
C ILE B 79 -23.68 20.10 27.90
N ARG B 80 -24.97 20.31 27.64
CA ARG B 80 -25.41 20.91 26.39
C ARG B 80 -25.21 22.42 26.36
N LEU B 81 -24.97 23.05 27.50
CA LEU B 81 -24.80 24.49 27.59
C LEU B 81 -23.37 24.83 27.96
N ARG B 82 -22.80 25.79 27.25
CA ARG B 82 -21.48 26.28 27.59
C ARG B 82 -21.51 27.07 28.89
N PRO B 83 -20.38 27.17 29.58
CA PRO B 83 -20.32 28.08 30.74
C PRO B 83 -20.66 29.51 30.34
N ASP B 84 -21.43 30.17 31.21
CA ASP B 84 -21.97 31.50 30.94
C ASP B 84 -22.88 31.51 29.72
N PHE B 85 -23.63 30.43 29.53
CA PHE B 85 -24.64 30.40 28.48
C PHE B 85 -25.64 31.52 28.70
N GLY B 86 -25.91 32.29 27.65
CA GLY B 86 -26.76 33.45 27.76
C GLY B 86 -26.05 34.71 28.23
N GLY B 87 -24.73 34.69 28.38
CA GLY B 87 -24.01 35.83 28.88
C GLY B 87 -22.78 36.18 28.06
N PRO B 88 -21.78 36.74 28.72
CA PRO B 88 -20.54 37.11 28.03
C PRO B 88 -19.80 35.89 27.54
N PRO B 89 -18.96 36.03 26.51
CA PRO B 89 -18.23 34.88 25.99
C PRO B 89 -17.25 34.31 27.02
N VAL B 90 -17.12 32.99 27.00
CA VAL B 90 -16.11 32.31 27.81
C VAL B 90 -14.76 32.41 27.13
N CYS B 91 -13.72 32.65 27.91
CA CYS B 91 -12.37 32.83 27.40
C CYS B 91 -11.59 31.53 27.51
N VAL B 92 -10.93 31.14 26.43
CA VAL B 92 -10.18 29.89 26.38
C VAL B 92 -8.74 30.24 26.01
N GLY B 93 -7.82 30.01 26.95
CA GLY B 93 -6.40 30.17 26.68
C GLY B 93 -5.80 28.86 26.19
N MET B 94 -4.87 28.96 25.26
CA MET B 94 -4.27 27.80 24.63
C MET B 94 -2.76 27.80 24.81
N ASN B 95 -2.19 26.62 25.02
N ASN B 95 -2.21 26.60 25.01
CA ASN B 95 -0.75 26.50 24.89
CA ASN B 95 -0.77 26.35 25.08
C ASN B 95 -0.42 25.14 24.29
C ASN B 95 -0.46 25.12 24.24
N ILE B 96 0.73 25.09 23.64
CA ILE B 96 1.17 23.92 22.88
C ILE B 96 2.60 23.60 23.27
N ASP B 97 2.86 22.32 23.54
CA ASP B 97 4.21 21.80 23.67
C ASP B 97 4.46 20.88 22.48
N ILE B 98 5.28 21.33 21.54
CA ILE B 98 5.51 20.57 20.31
C ILE B 98 6.53 19.49 20.58
N ALA B 99 6.15 18.23 20.36
CA ALA B 99 7.05 17.11 20.60
C ALA B 99 7.88 16.78 19.38
N SER B 100 7.29 16.78 18.19
CA SER B 100 8.04 16.48 16.98
C SER B 100 7.29 17.00 15.76
N ILE B 101 8.05 17.21 14.68
CA ILE B 101 7.50 17.48 13.35
C ILE B 101 8.05 16.41 12.43
N ASP B 102 7.20 15.50 11.98
CA ASP B 102 7.58 14.40 11.12
C ASP B 102 7.60 14.84 9.66
N MET B 103 7.49 13.87 8.76
CA MET B 103 7.68 14.06 7.32
C MET B 103 7.05 15.32 6.80
N VAL B 104 7.86 16.17 6.18
CA VAL B 104 7.41 17.35 5.45
C VAL B 104 7.43 16.94 3.98
N SER B 105 6.26 16.61 3.45
CA SER B 105 6.13 16.02 2.12
C SER B 105 5.80 17.08 1.09
N GLU B 106 6.57 17.11 0.00
CA GLU B 106 6.21 17.94 -1.13
C GLU B 106 5.22 17.24 -2.05
N VAL B 107 5.33 15.92 -2.16
CA VAL B 107 4.40 15.16 -3.02
CA VAL B 107 4.40 15.20 -3.04
C VAL B 107 2.98 15.26 -2.49
N ASN B 108 2.82 15.07 -1.19
CA ASN B 108 1.51 15.16 -0.56
C ASN B 108 1.16 16.57 -0.12
N MET B 109 2.10 17.50 -0.15
CA MET B 109 1.90 18.89 0.25
C MET B 109 1.31 18.97 1.65
N ASP B 110 2.02 18.39 2.60
CA ASP B 110 1.57 18.37 3.99
C ASP B 110 2.75 18.09 4.90
N TYR B 111 2.51 18.23 6.20
CA TYR B 111 3.50 17.93 7.22
C TYR B 111 2.79 17.33 8.43
N THR B 112 3.54 16.58 9.23
CA THR B 112 2.97 15.89 10.39
C THR B 112 3.54 16.46 11.67
N LEU B 113 2.66 16.69 12.64
CA LEU B 113 2.99 17.34 13.89
C LEU B 113 2.46 16.52 15.06
N THR B 114 3.27 16.33 16.09
CA THR B 114 2.84 15.74 17.34
C THR B 114 3.00 16.78 18.43
N MET B 115 1.97 16.96 19.25
CA MET B 115 1.98 18.04 20.22
C MET B 115 1.11 17.72 21.42
N TYR B 116 1.38 18.43 22.51
CA TYR B 116 0.53 18.49 23.68
C TYR B 116 -0.26 19.79 23.58
N PHE B 117 -1.58 19.67 23.46
CA PHE B 117 -2.49 20.79 23.25
C PHE B 117 -3.27 20.99 24.54
N GLN B 118 -3.05 22.12 25.22
CA GLN B 118 -3.69 22.41 26.49
C GLN B 118 -4.63 23.59 26.34
N GLN B 119 -5.86 23.43 26.82
CA GLN B 119 -6.86 24.47 26.86
C GLN B 119 -7.21 24.79 28.31
N TYR B 120 -7.43 26.07 28.58
CA TYR B 120 -7.63 26.59 29.93
CA TYR B 120 -7.63 26.58 29.93
C TYR B 120 -8.85 27.49 29.92
N TRP B 121 -9.83 27.18 30.76
CA TRP B 121 -10.99 28.06 30.85
C TRP B 121 -11.58 27.98 32.24
N ARG B 122 -12.64 28.74 32.48
CA ARG B 122 -13.30 28.77 33.77
C ARG B 122 -14.76 28.41 33.61
N ASP B 123 -15.23 27.45 34.40
CA ASP B 123 -16.64 27.07 34.49
C ASP B 123 -17.04 27.18 35.95
N LYS B 124 -17.82 28.21 36.27
CA LYS B 124 -18.21 28.43 37.66
C LYS B 124 -19.10 27.33 38.21
N ARG B 125 -19.73 26.53 37.34
CA ARG B 125 -20.51 25.40 37.81
C ARG B 125 -19.64 24.33 38.47
N LEU B 126 -18.33 24.37 38.26
CA LEU B 126 -17.41 23.36 38.76
C LEU B 126 -16.59 23.84 39.96
N ALA B 127 -16.94 24.99 40.54
CA ALA B 127 -16.22 25.46 41.72
C ALA B 127 -16.56 24.62 42.94
N TYR B 128 -15.58 24.44 43.82
CA TYR B 128 -15.76 23.66 45.02
C TYR B 128 -14.95 24.28 46.15
N SER B 129 -15.33 23.95 47.38
CA SER B 129 -14.74 24.51 48.57
C SER B 129 -14.45 23.41 49.58
N GLY B 130 -13.50 23.68 50.47
CA GLY B 130 -13.13 22.74 51.51
C GLY B 130 -12.05 21.75 51.14
N ILE B 131 -11.57 21.75 49.91
CA ILE B 131 -10.51 20.86 49.46
C ILE B 131 -9.36 21.70 48.94
N PRO B 132 -8.32 21.93 49.75
CA PRO B 132 -7.21 22.76 49.30
C PRO B 132 -6.27 22.03 48.35
N LEU B 133 -6.83 21.40 47.32
CA LEU B 133 -6.06 20.70 46.32
C LEU B 133 -6.65 20.95 44.94
N ASN B 134 -5.79 20.89 43.94
CA ASN B 134 -6.24 20.82 42.56
C ASN B 134 -6.52 19.36 42.22
N LEU B 135 -7.72 19.09 41.70
CA LEU B 135 -8.18 17.71 41.53
C LEU B 135 -7.86 17.25 40.11
N THR B 136 -6.85 16.40 39.97
CA THR B 136 -6.66 15.69 38.71
C THR B 136 -7.60 14.49 38.69
N LEU B 137 -8.43 14.40 37.66
CA LEU B 137 -9.43 13.34 37.63
C LEU B 137 -9.10 12.35 36.52
N ASP B 138 -9.74 11.18 36.60
CA ASP B 138 -9.66 10.21 35.53
C ASP B 138 -10.15 10.85 34.24
N ASN B 139 -9.42 10.59 33.14
CA ASN B 139 -9.68 11.31 31.90
C ASN B 139 -11.09 11.11 31.38
N ARG B 140 -11.75 10.01 31.73
CA ARG B 140 -13.10 9.76 31.25
C ARG B 140 -14.11 10.77 31.79
N VAL B 141 -13.78 11.48 32.87
CA VAL B 141 -14.66 12.54 33.35
C VAL B 141 -14.75 13.66 32.33
N ALA B 142 -13.83 13.73 31.38
CA ALA B 142 -13.95 14.69 30.28
C ALA B 142 -15.21 14.46 29.46
N ASP B 143 -15.77 13.24 29.49
CA ASP B 143 -16.98 12.95 28.74
C ASP B 143 -18.25 13.46 29.43
N GLN B 144 -18.14 14.00 30.64
CA GLN B 144 -19.29 14.54 31.35
C GLN B 144 -19.23 16.04 31.54
N LEU B 145 -18.13 16.68 31.19
CA LEU B 145 -17.99 18.13 31.27
C LEU B 145 -18.12 18.74 29.88
N TRP B 146 -18.40 20.04 29.87
CA TRP B 146 -18.35 20.81 28.64
C TRP B 146 -16.91 21.11 28.29
N VAL B 147 -16.55 20.93 27.02
CA VAL B 147 -15.23 21.32 26.54
C VAL B 147 -15.43 22.13 25.25
N PRO B 148 -14.48 23.01 24.92
CA PRO B 148 -14.57 23.74 23.66
C PRO B 148 -14.51 22.83 22.45
N ASP B 149 -15.21 23.22 21.39
CA ASP B 149 -15.27 22.48 20.12
C ASP B 149 -14.18 22.90 19.16
N THR B 150 -12.93 22.86 19.63
CA THR B 150 -11.79 23.33 18.86
C THR B 150 -11.45 22.36 17.73
N TYR B 151 -11.15 22.92 16.55
CA TYR B 151 -10.78 22.11 15.41
C TYR B 151 -9.67 22.82 14.64
N PHE B 152 -9.03 22.07 13.74
CA PHE B 152 -7.95 22.58 12.90
C PHE B 152 -8.46 22.65 11.46
N LEU B 153 -8.40 23.85 10.89
CA LEU B 153 -9.01 24.05 9.57
C LEU B 153 -8.22 23.35 8.47
N ASN B 154 -6.90 23.35 8.55
CA ASN B 154 -6.07 22.81 7.49
C ASN B 154 -5.55 21.40 7.80
N ASP B 155 -6.22 20.67 8.67
CA ASP B 155 -5.80 19.31 9.00
C ASP B 155 -6.51 18.30 8.11
N LYS B 156 -5.78 17.31 7.66
CA LYS B 156 -6.27 16.25 6.79
C LYS B 156 -6.58 14.97 7.54
N LYS B 157 -5.74 14.57 8.49
CA LYS B 157 -5.97 13.36 9.27
C LYS B 157 -5.34 13.54 10.64
N SER B 158 -6.12 13.29 11.69
CA SER B 158 -5.69 13.51 13.06
C SER B 158 -6.21 12.39 13.95
N PHE B 159 -5.57 12.23 15.10
CA PHE B 159 -6.03 11.28 16.10
C PHE B 159 -5.45 11.66 17.46
N VAL B 160 -6.16 11.29 18.51
CA VAL B 160 -5.64 11.34 19.87
C VAL B 160 -5.02 9.99 20.19
N HIS B 161 -3.82 9.99 20.75
CA HIS B 161 -3.16 8.75 21.12
C HIS B 161 -3.94 8.02 22.20
N GLY B 162 -4.02 6.70 22.10
CA GLY B 162 -4.87 5.92 22.98
C GLY B 162 -4.22 4.75 23.67
N VAL B 163 -2.90 4.78 23.81
CA VAL B 163 -2.15 3.75 24.53
C VAL B 163 -1.37 4.43 25.65
N THR B 164 -1.48 3.90 26.87
CA THR B 164 -2.30 2.74 27.22
C THR B 164 -3.78 3.11 27.36
N VAL B 165 -4.05 4.36 27.74
CA VAL B 165 -5.40 4.90 27.73
C VAL B 165 -5.42 6.08 26.78
N LYS B 166 -6.58 6.69 26.60
CA LYS B 166 -6.65 7.92 25.81
C LYS B 166 -5.80 9.01 26.46
N ASN B 167 -4.88 9.58 25.68
CA ASN B 167 -3.91 10.53 26.19
C ASN B 167 -4.58 11.87 26.48
N ARG B 168 -5.36 11.92 27.54
CA ARG B 168 -6.21 13.04 27.87
C ARG B 168 -6.07 13.36 29.35
N MET B 169 -6.07 14.64 29.70
CA MET B 169 -5.93 15.09 31.08
C MET B 169 -7.02 16.09 31.40
N ILE B 170 -7.71 15.87 32.53
CA ILE B 170 -8.65 16.83 33.09
C ILE B 170 -8.19 17.19 34.50
N ARG B 171 -7.93 18.47 34.74
CA ARG B 171 -7.49 18.95 36.03
C ARG B 171 -8.37 20.12 36.44
N LEU B 172 -9.10 19.95 37.55
CA LEU B 172 -9.97 20.97 38.09
C LEU B 172 -9.25 21.76 39.17
N HIS B 173 -9.66 23.01 39.35
CA HIS B 173 -9.13 23.94 40.33
C HIS B 173 -10.27 24.45 41.19
N PRO B 174 -9.97 24.90 42.41
CA PRO B 174 -11.05 25.26 43.35
C PRO B 174 -12.00 26.34 42.84
N ASP B 175 -11.52 27.29 42.04
CA ASP B 175 -12.38 28.38 41.58
C ASP B 175 -13.18 28.03 40.33
N GLY B 176 -13.09 26.78 39.85
CA GLY B 176 -13.81 26.38 38.67
C GLY B 176 -13.00 26.37 37.40
N THR B 177 -11.69 26.60 37.50
CA THR B 177 -10.83 26.57 36.32
C THR B 177 -10.56 25.14 35.88
N VAL B 178 -10.71 24.88 34.58
CA VAL B 178 -10.45 23.58 33.98
C VAL B 178 -9.20 23.70 33.11
N LEU B 179 -8.26 22.78 33.31
CA LEU B 179 -7.16 22.53 32.39
C LEU B 179 -7.43 21.21 31.68
N TYR B 180 -7.47 21.25 30.35
CA TYR B 180 -7.84 20.12 29.52
C TYR B 180 -6.73 19.89 28.50
N GLY B 181 -6.05 18.77 28.61
CA GLY B 181 -4.88 18.48 27.78
C GLY B 181 -5.09 17.26 26.91
N LEU B 182 -4.58 17.32 25.68
CA LEU B 182 -4.63 16.20 24.74
C LEU B 182 -3.27 16.05 24.08
N ARG B 183 -2.93 14.82 23.71
CA ARG B 183 -1.73 14.57 22.90
C ARG B 183 -2.17 14.16 21.51
N ILE B 184 -1.81 14.97 20.52
CA ILE B 184 -2.41 14.89 19.19
C ILE B 184 -1.31 14.75 18.15
N THR B 185 -1.53 13.87 17.18
CA THR B 185 -0.76 13.82 15.95
C THR B 185 -1.68 14.21 14.79
N THR B 186 -1.25 15.20 14.01
CA THR B 186 -2.05 15.74 12.91
C THR B 186 -1.20 15.90 11.67
N THR B 187 -1.74 15.47 10.54
CA THR B 187 -1.19 15.83 9.24
C THR B 187 -1.91 17.07 8.77
N ALA B 188 -1.17 18.13 8.48
CA ALA B 188 -1.76 19.41 8.10
C ALA B 188 -1.28 19.79 6.71
N ALA B 189 -2.20 20.34 5.93
CA ALA B 189 -1.90 20.74 4.56
C ALA B 189 -1.00 21.97 4.54
N CYS B 190 -0.02 21.96 3.64
CA CYS B 190 0.88 23.10 3.47
C CYS B 190 1.22 23.17 1.99
N MET B 191 0.54 24.06 1.27
CA MET B 191 0.85 24.29 -0.13
C MET B 191 2.20 24.97 -0.25
N MET B 192 3.11 24.37 -1.00
CA MET B 192 4.48 24.83 -1.07
C MET B 192 4.76 25.45 -2.44
N ASP B 193 5.49 26.55 -2.44
CA ASP B 193 5.96 27.19 -3.66
C ASP B 193 7.35 26.65 -3.97
N LEU B 194 7.45 25.83 -5.02
CA LEU B 194 8.66 25.10 -5.34
C LEU B 194 9.45 25.73 -6.48
N ARG B 195 9.23 27.01 -6.76
CA ARG B 195 9.93 27.66 -7.86
C ARG B 195 11.43 27.79 -7.60
N ARG B 196 11.82 27.96 -6.34
CA ARG B 196 13.22 28.06 -5.96
C ARG B 196 13.78 26.77 -5.39
N TYR B 197 13.02 25.69 -5.48
CA TYR B 197 13.48 24.40 -4.99
C TYR B 197 14.74 23.99 -5.74
N PRO B 198 15.76 23.46 -5.05
CA PRO B 198 15.84 23.11 -3.64
C PRO B 198 16.41 24.19 -2.73
N LEU B 199 16.52 25.43 -3.19
CA LEU B 199 16.96 26.54 -2.33
C LEU B 199 15.79 27.33 -1.79
N ASP B 200 14.66 26.67 -1.57
CA ASP B 200 13.40 27.31 -1.23
C ASP B 200 13.22 27.44 0.28
N GLU B 201 12.35 28.38 0.66
CA GLU B 201 11.94 28.57 2.03
C GLU B 201 10.41 28.55 2.09
N GLN B 202 9.87 27.70 2.96
CA GLN B 202 8.43 27.50 3.06
C GLN B 202 7.90 28.08 4.37
N ASN B 203 6.57 28.25 4.40
CA ASN B 203 5.86 28.74 5.58
C ASN B 203 4.67 27.82 5.79
N CYS B 204 4.70 27.03 6.86
CA CYS B 204 3.64 26.08 7.15
C CYS B 204 2.91 26.47 8.43
N THR B 205 1.59 26.37 8.42
CA THR B 205 0.77 26.89 9.51
C THR B 205 -0.11 25.80 10.11
N LEU B 206 -0.62 26.11 11.31
CA LEU B 206 -1.69 25.38 11.95
C LEU B 206 -2.76 26.39 12.33
N GLU B 207 -3.98 26.17 11.86
CA GLU B 207 -5.12 27.07 12.05
C GLU B 207 -6.06 26.46 13.06
N ILE B 208 -6.21 27.12 14.21
CA ILE B 208 -7.00 26.64 15.33
C ILE B 208 -8.25 27.50 15.41
N GLU B 209 -9.42 26.87 15.38
CA GLU B 209 -10.67 27.63 15.33
C GLU B 209 -11.74 26.94 16.14
N SER B 210 -12.78 27.70 16.48
CA SER B 210 -13.99 27.15 17.08
C SER B 210 -14.99 26.84 15.98
N TYR B 211 -15.58 25.64 16.02
CA TYR B 211 -16.51 25.27 14.95
C TYR B 211 -17.86 25.93 15.13
N GLY B 212 -18.52 25.68 16.25
CA GLY B 212 -19.90 26.11 16.39
C GLY B 212 -20.09 27.44 17.09
N TYR B 213 -19.16 27.80 17.97
CA TYR B 213 -19.31 28.99 18.80
C TYR B 213 -18.69 30.19 18.10
N THR B 214 -19.49 31.24 17.94
CA THR B 214 -19.02 32.50 17.37
C THR B 214 -18.33 33.32 18.45
N THR B 215 -17.86 34.51 18.05
CA THR B 215 -17.13 35.39 18.97
C THR B 215 -18.00 35.93 20.10
N ASP B 216 -19.32 35.83 20.00
CA ASP B 216 -20.17 36.24 21.11
CA ASP B 216 -20.22 36.21 21.08
C ASP B 216 -20.31 35.15 22.16
N ASP B 217 -19.88 33.93 21.87
CA ASP B 217 -19.93 32.83 22.83
C ASP B 217 -18.57 32.45 23.39
N ILE B 218 -17.47 32.78 22.69
CA ILE B 218 -16.16 32.25 23.05
C ILE B 218 -15.10 33.18 22.47
N GLU B 219 -13.95 33.23 23.11
CA GLU B 219 -12.81 33.99 22.59
C GLU B 219 -11.52 33.28 22.94
N PHE B 220 -10.66 33.10 21.95
CA PHE B 220 -9.38 32.43 22.11
C PHE B 220 -8.28 33.42 22.42
N TYR B 221 -7.22 32.95 23.08
CA TYR B 221 -6.01 33.73 23.22
C TYR B 221 -4.85 32.79 23.50
N TRP B 222 -3.65 33.23 23.16
CA TRP B 222 -2.44 32.47 23.45
C TRP B 222 -2.05 32.73 24.89
N ARG B 223 -2.11 31.68 25.71
CA ARG B 223 -1.86 31.81 27.15
C ARG B 223 -0.37 31.87 27.41
N GLY B 224 0.11 33.04 27.83
CA GLY B 224 1.53 33.27 28.00
C GLY B 224 2.18 34.10 26.92
N GLY B 225 1.39 34.76 26.07
CA GLY B 225 1.93 35.62 25.04
C GLY B 225 2.69 34.86 23.96
N ASP B 226 3.95 35.23 23.76
CA ASP B 226 4.80 34.60 22.76
C ASP B 226 5.49 33.35 23.28
N LYS B 227 5.24 32.98 24.54
CA LYS B 227 5.80 31.77 25.12
C LYS B 227 4.74 30.68 25.28
N ALA B 228 3.63 30.78 24.55
CA ALA B 228 2.57 29.79 24.63
C ALA B 228 2.90 28.51 23.87
N VAL B 229 3.88 28.54 22.98
CA VAL B 229 4.31 27.36 22.23
C VAL B 229 5.75 27.09 22.61
N THR B 230 6.03 25.88 23.08
CA THR B 230 7.36 25.47 23.50
C THR B 230 7.80 24.25 22.70
N GLY B 231 9.12 24.05 22.66
CA GLY B 231 9.69 22.89 22.01
C GLY B 231 10.05 23.07 20.55
N VAL B 232 9.86 24.27 20.01
CA VAL B 232 10.19 24.51 18.60
C VAL B 232 11.70 24.46 18.40
N GLU B 233 12.45 25.02 19.34
CA GLU B 233 13.90 25.14 19.19
C GLU B 233 14.63 23.81 19.33
N ARG B 234 13.97 22.76 19.79
CA ARG B 234 14.61 21.46 19.95
C ARG B 234 14.21 20.48 18.87
N ILE B 235 13.39 20.89 17.90
CA ILE B 235 13.00 20.02 16.79
C ILE B 235 14.20 19.80 15.87
N GLU B 236 14.38 18.56 15.45
CA GLU B 236 15.42 18.19 14.50
C GLU B 236 14.76 17.66 13.23
N LEU B 237 15.00 18.34 12.11
CA LEU B 237 14.49 17.93 10.83
C LEU B 237 15.65 17.61 9.89
N PRO B 238 15.65 16.47 9.22
CA PRO B 238 16.79 16.14 8.34
C PRO B 238 16.94 17.09 7.16
N GLN B 239 15.83 17.51 6.55
CA GLN B 239 15.89 18.26 5.32
C GLN B 239 15.68 19.76 5.51
N PHE B 240 15.16 20.19 6.66
CA PHE B 240 14.84 21.59 6.90
C PHE B 240 15.45 22.06 8.20
N SER B 241 15.46 23.37 8.37
CA SER B 241 15.75 24.01 9.66
C SER B 241 14.68 25.05 9.92
N ILE B 242 14.20 25.10 11.15
CA ILE B 242 13.13 26.03 11.52
C ILE B 242 13.75 27.38 11.84
N VAL B 243 13.61 28.32 10.90
CA VAL B 243 14.19 29.65 11.09
C VAL B 243 13.43 30.42 12.16
N GLU B 244 12.11 30.39 12.11
CA GLU B 244 11.29 31.23 12.98
C GLU B 244 9.93 30.57 13.17
N HIS B 245 9.27 30.93 14.27
CA HIS B 245 7.88 30.58 14.52
C HIS B 245 7.13 31.81 14.99
N ARG B 246 5.85 31.88 14.62
CA ARG B 246 5.03 33.06 14.85
C ARG B 246 3.66 32.64 15.38
N LEU B 247 3.09 33.50 16.21
CA LEU B 247 1.77 33.29 16.80
C LEU B 247 0.86 34.46 16.44
N VAL B 248 -0.34 34.17 15.96
CA VAL B 248 -1.28 35.18 15.52
C VAL B 248 -2.65 34.89 16.12
N SER B 249 -3.39 35.95 16.43
CA SER B 249 -4.78 35.86 16.87
C SER B 249 -5.62 36.81 16.03
N ARG B 250 -6.74 36.32 15.50
CA ARG B 250 -7.57 37.11 14.61
C ARG B 250 -8.99 36.56 14.62
N ASN B 251 -9.83 37.12 13.75
CA ASN B 251 -11.20 36.66 13.55
C ASN B 251 -11.40 36.31 12.08
N VAL B 252 -12.21 35.30 11.83
CA VAL B 252 -12.58 34.88 10.48
C VAL B 252 -14.09 34.95 10.37
N VAL B 253 -14.58 35.52 9.28
CA VAL B 253 -16.01 35.62 9.03
C VAL B 253 -16.41 34.58 8.01
N PHE B 254 -17.39 33.76 8.35
CA PHE B 254 -18.09 32.89 7.42
C PHE B 254 -19.56 33.32 7.37
N ALA B 255 -20.31 32.69 6.47
CA ALA B 255 -21.72 33.02 6.31
C ALA B 255 -22.53 32.80 7.58
N THR B 256 -22.03 31.99 8.51
CA THR B 256 -22.72 31.70 9.75
C THR B 256 -22.22 32.53 10.93
N GLY B 257 -21.32 33.49 10.70
CA GLY B 257 -20.92 34.40 11.75
C GLY B 257 -19.42 34.60 11.79
N ALA B 258 -18.95 35.25 12.86
CA ALA B 258 -17.55 35.53 13.06
C ALA B 258 -16.98 34.63 14.16
N TYR B 259 -15.80 34.08 13.91
CA TYR B 259 -15.22 33.07 14.78
C TYR B 259 -13.78 33.45 15.13
N PRO B 260 -13.32 33.07 16.32
CA PRO B 260 -11.93 33.33 16.69
C PRO B 260 -10.97 32.33 16.05
N ARG B 261 -9.79 32.83 15.70
CA ARG B 261 -8.78 32.06 15.00
C ARG B 261 -7.44 32.29 15.66
N LEU B 262 -6.73 31.21 15.96
CA LEU B 262 -5.34 31.25 16.35
C LEU B 262 -4.50 30.62 15.24
N SER B 263 -3.33 31.18 14.99
CA SER B 263 -2.45 30.70 13.94
C SER B 263 -1.07 30.48 14.50
N LEU B 264 -0.52 29.29 14.29
CA LEU B 264 0.87 29.00 14.63
C LEU B 264 1.61 28.68 13.35
N SER B 265 2.60 29.50 13.00
CA SER B 265 3.30 29.33 11.74
C SER B 265 4.79 29.10 11.96
N PHE B 266 5.38 28.26 11.12
CA PHE B 266 6.81 28.00 11.11
C PHE B 266 7.37 28.37 9.74
N ARG B 267 8.58 28.91 9.73
CA ARG B 267 9.31 29.17 8.49
C ARG B 267 10.45 28.17 8.37
N LEU B 268 10.39 27.34 7.34
CA LEU B 268 11.33 26.25 7.13
C LEU B 268 12.29 26.60 6.00
N LYS B 269 13.57 26.40 6.24
CA LYS B 269 14.61 26.61 5.24
C LYS B 269 15.23 25.28 4.87
N ARG B 270 15.23 24.94 3.58
CA ARG B 270 15.73 23.65 3.15
C ARG B 270 17.25 23.61 3.21
N ASN B 271 17.78 22.46 3.60
CA ASN B 271 19.22 22.21 3.58
C ASN B 271 19.63 21.70 2.20
N ILE B 272 20.76 22.20 1.70
CA ILE B 272 21.17 21.94 0.32
C ILE B 272 22.20 20.82 0.19
N GLY B 273 22.79 20.34 1.30
CA GLY B 273 23.86 19.36 1.19
C GLY B 273 23.45 18.08 0.48
N TYR B 274 22.24 17.60 0.78
CA TYR B 274 21.73 16.42 0.10
C TYR B 274 21.66 16.62 -1.41
N PHE B 275 21.20 17.81 -1.83
CA PHE B 275 21.04 18.07 -3.25
C PHE B 275 22.37 18.34 -3.94
N ILE B 276 23.35 18.88 -3.20
CA ILE B 276 24.70 18.96 -3.74
C ILE B 276 25.26 17.57 -3.99
N LEU B 277 25.07 16.66 -3.03
CA LEU B 277 25.54 15.29 -3.21
C LEU B 277 24.79 14.56 -4.32
N GLN B 278 23.50 14.83 -4.48
CA GLN B 278 22.62 13.99 -5.29
C GLN B 278 22.41 14.50 -6.72
N THR B 279 22.25 15.80 -6.92
CA THR B 279 21.85 16.30 -8.23
C THR B 279 22.88 17.20 -8.88
N TYR B 280 23.40 18.20 -8.17
CA TYR B 280 24.29 19.16 -8.79
C TYR B 280 25.63 18.54 -9.17
N MET B 281 26.21 17.76 -8.26
CA MET B 281 27.52 17.18 -8.52
C MET B 281 27.53 16.21 -9.69
N PRO B 282 26.61 15.25 -9.82
CA PRO B 282 26.61 14.40 -11.02
C PRO B 282 26.47 15.18 -12.32
N SER B 283 25.63 16.20 -12.35
CA SER B 283 25.45 17.00 -13.55
C SER B 283 26.74 17.73 -13.91
N ILE B 284 27.41 18.31 -12.91
CA ILE B 284 28.68 18.98 -13.16
C ILE B 284 29.70 17.98 -13.69
N LEU B 285 29.75 16.79 -13.10
CA LEU B 285 30.74 15.80 -13.51
C LEU B 285 30.50 15.36 -14.94
N ILE B 286 29.24 15.17 -15.33
CA ILE B 286 28.94 14.79 -16.71
C ILE B 286 29.27 15.93 -17.68
N THR B 287 29.01 17.17 -17.27
CA THR B 287 29.36 18.31 -18.11
C THR B 287 30.86 18.38 -18.34
N ILE B 288 31.66 18.17 -17.29
CA ILE B 288 33.11 18.14 -17.43
C ILE B 288 33.54 16.97 -18.30
N LEU B 289 32.88 15.82 -18.13
CA LEU B 289 33.15 14.64 -18.95
C LEU B 289 32.96 14.94 -20.43
N SER B 290 31.94 15.73 -20.76
CA SER B 290 31.70 16.07 -22.16
C SER B 290 32.84 16.84 -22.80
N TRP B 291 33.66 17.54 -22.01
CA TRP B 291 34.76 18.34 -22.56
C TRP B 291 35.99 17.50 -22.89
N VAL B 292 36.03 16.23 -22.47
CA VAL B 292 37.18 15.38 -22.80
C VAL B 292 37.29 15.19 -24.32
N SER B 293 36.17 15.32 -25.02
CA SER B 293 36.17 15.11 -26.47
C SER B 293 37.06 16.12 -27.18
N PHE B 294 37.13 17.35 -26.68
CA PHE B 294 37.91 18.38 -27.34
C PHE B 294 39.39 18.04 -27.36
N TRP B 295 39.85 17.14 -26.49
CA TRP B 295 41.23 16.74 -26.41
C TRP B 295 41.53 15.47 -27.21
N ILE B 296 40.52 14.88 -27.82
CA ILE B 296 40.66 13.74 -28.72
C ILE B 296 40.68 14.26 -30.14
N ASN B 297 41.54 13.71 -30.98
CA ASN B 297 41.68 14.19 -32.34
CA ASN B 297 41.68 14.19 -32.35
C ASN B 297 40.40 13.95 -33.13
N TYR B 298 40.13 14.86 -34.07
CA TYR B 298 38.85 14.88 -34.78
C TYR B 298 38.65 13.67 -35.70
N ASP B 299 39.70 12.94 -36.05
CA ASP B 299 39.51 11.79 -36.93
C ASP B 299 38.93 10.58 -36.23
N ALA B 300 38.96 10.54 -34.89
CA ALA B 300 38.38 9.45 -34.12
C ALA B 300 36.89 9.73 -33.93
N SER B 301 36.10 9.35 -34.93
CA SER B 301 34.68 9.68 -34.94
C SER B 301 33.90 8.87 -33.91
N ALA B 302 34.16 7.56 -33.84
CA ALA B 302 33.36 6.70 -32.97
C ALA B 302 33.53 7.09 -31.51
N ALA B 303 34.77 7.36 -31.09
CA ALA B 303 35.02 7.71 -29.69
C ALA B 303 34.31 9.00 -29.30
N ARG B 304 34.45 10.03 -30.13
CA ARG B 304 33.88 11.33 -29.78
C ARG B 304 32.36 11.30 -29.85
N VAL B 305 31.81 10.60 -30.83
CA VAL B 305 30.35 10.48 -30.91
C VAL B 305 29.82 9.69 -29.72
N ALA B 306 30.52 8.62 -29.31
CA ALA B 306 30.10 7.88 -28.12
C ALA B 306 30.10 8.77 -26.89
N LEU B 307 31.16 9.56 -26.72
CA LEU B 307 31.26 10.46 -25.58
C LEU B 307 30.11 11.48 -25.56
N GLY B 308 29.87 12.14 -26.70
CA GLY B 308 28.84 13.15 -26.75
C GLY B 308 27.44 12.58 -26.55
N ILE B 309 27.13 11.49 -27.24
CA ILE B 309 25.81 10.87 -27.12
C ILE B 309 25.57 10.41 -25.70
N THR B 310 26.58 9.80 -25.07
CA THR B 310 26.44 9.35 -23.70
C THR B 310 26.16 10.51 -22.76
N THR B 311 26.90 11.60 -22.90
CA THR B 311 26.66 12.74 -22.01
C THR B 311 25.26 13.30 -22.19
N VAL B 312 24.80 13.44 -23.44
CA VAL B 312 23.49 14.03 -23.69
C VAL B 312 22.38 13.15 -23.09
N LEU B 313 22.42 11.84 -23.41
CA LEU B 313 21.37 10.96 -22.92
C LEU B 313 21.41 10.84 -21.39
N THR B 314 22.60 10.85 -20.80
CA THR B 314 22.69 10.77 -19.35
C THR B 314 22.14 12.02 -18.68
N MET B 315 22.39 13.20 -19.25
CA MET B 315 21.82 14.42 -18.68
C MET B 315 20.30 14.38 -18.74
N THR B 316 19.75 13.95 -19.87
CA THR B 316 18.30 13.84 -19.98
C THR B 316 17.74 12.85 -18.96
N THR B 317 18.43 11.72 -18.79
CA THR B 317 17.99 10.72 -17.82
C THR B 317 18.00 11.28 -16.40
N ILE B 318 19.05 12.04 -16.06
CA ILE B 318 19.11 12.63 -14.71
C ILE B 318 17.93 13.56 -14.50
N ASN B 319 17.65 14.42 -15.48
CA ASN B 319 16.55 15.36 -15.31
C ASN B 319 15.21 14.65 -15.15
N THR B 320 14.92 13.69 -16.02
CA THR B 320 13.62 13.02 -15.95
C THR B 320 13.49 12.19 -14.67
N HIS B 321 14.58 11.55 -14.23
CA HIS B 321 14.53 10.79 -12.99
CA HIS B 321 14.54 10.79 -12.99
C HIS B 321 14.29 11.70 -11.79
N LEU B 322 14.93 12.87 -11.78
CA LEU B 322 14.74 13.79 -10.67
C LEU B 322 13.31 14.32 -10.63
N ARG B 323 12.74 14.68 -11.79
CA ARG B 323 11.45 15.35 -11.77
C ARG B 323 10.30 14.46 -11.30
N GLU B 324 10.51 13.16 -11.16
CA GLU B 324 9.43 12.26 -10.77
C GLU B 324 9.42 11.94 -9.28
N THR B 325 10.22 12.64 -8.49
CA THR B 325 10.13 12.56 -7.03
C THR B 325 9.39 13.74 -6.42
N LEU B 326 8.73 14.54 -7.24
CA LEU B 326 8.05 15.75 -6.84
C LEU B 326 6.66 15.77 -7.47
N PRO B 327 5.75 16.58 -6.93
CA PRO B 327 4.42 16.68 -7.54
C PRO B 327 4.49 17.28 -8.93
N LYS B 328 3.51 16.92 -9.76
CA LYS B 328 3.48 17.38 -11.14
C LYS B 328 3.11 18.84 -11.24
N ILE B 329 3.97 19.72 -10.73
CA ILE B 329 3.75 21.16 -10.81
C ILE B 329 4.05 21.60 -12.24
N PRO B 330 3.38 22.62 -12.77
CA PRO B 330 3.57 23.02 -14.17
C PRO B 330 4.74 23.96 -14.43
N TYR B 331 5.36 24.52 -13.40
CA TYR B 331 6.37 25.56 -13.59
C TYR B 331 7.77 24.96 -13.47
N VAL B 332 8.76 25.81 -13.70
CA VAL B 332 10.17 25.42 -13.72
C VAL B 332 10.78 25.74 -12.36
N LYS B 333 11.48 24.78 -11.79
CA LYS B 333 12.19 24.96 -10.53
C LYS B 333 13.65 25.33 -10.81
N ALA B 334 14.36 25.75 -9.77
CA ALA B 334 15.75 26.16 -9.93
C ALA B 334 16.64 25.02 -10.41
N ILE B 335 16.46 23.83 -9.82
CA ILE B 335 17.25 22.68 -10.24
C ILE B 335 16.93 22.32 -11.69
N ASP B 336 15.68 22.51 -12.12
CA ASP B 336 15.34 22.31 -13.52
C ASP B 336 16.11 23.25 -14.43
N MET B 337 16.24 24.52 -14.04
CA MET B 337 17.02 25.45 -14.85
C MET B 337 18.48 25.04 -14.92
N TYR B 338 19.05 24.60 -13.79
CA TYR B 338 20.44 24.17 -13.81
C TYR B 338 20.63 22.97 -14.72
N LEU B 339 19.74 21.98 -14.63
CA LEU B 339 19.87 20.80 -15.47
C LEU B 339 19.66 21.12 -16.94
N MET B 340 18.73 22.02 -17.26
CA MET B 340 18.54 22.42 -18.65
C MET B 340 19.76 23.14 -19.21
N GLY B 341 20.40 23.98 -18.40
CA GLY B 341 21.64 24.61 -18.84
C GLY B 341 22.74 23.59 -19.09
N CYS B 342 22.87 22.62 -18.20
CA CYS B 342 23.87 21.57 -18.40
C CYS B 342 23.59 20.78 -19.67
N PHE B 343 22.32 20.50 -19.95
CA PHE B 343 21.96 19.83 -21.20
C PHE B 343 22.37 20.68 -22.40
N VAL B 344 22.12 21.99 -22.34
CA VAL B 344 22.53 22.87 -23.43
C VAL B 344 24.02 22.77 -23.67
N PHE B 345 24.81 22.74 -22.58
CA PHE B 345 26.26 22.65 -22.73
C PHE B 345 26.70 21.35 -23.40
N VAL B 346 26.16 20.21 -22.94
CA VAL B 346 26.61 18.93 -23.52
C VAL B 346 26.15 18.81 -24.96
N PHE B 347 24.93 19.30 -25.27
CA PHE B 347 24.45 19.28 -26.63
C PHE B 347 25.30 20.14 -27.55
N LEU B 348 25.73 21.31 -27.07
CA LEU B 348 26.58 22.16 -27.88
C LEU B 348 27.96 21.55 -28.09
N ALA B 349 28.48 20.81 -27.11
CA ALA B 349 29.73 20.10 -27.33
C ALA B 349 29.58 19.05 -28.44
N LEU B 350 28.46 18.32 -28.42
CA LEU B 350 28.22 17.36 -29.49
C LEU B 350 28.07 18.05 -30.85
N LEU B 351 27.39 19.19 -30.89
CA LEU B 351 27.27 19.94 -32.13
CA LEU B 351 27.27 19.94 -32.13
C LEU B 351 28.61 20.44 -32.62
N GLU B 352 29.49 20.83 -31.69
CA GLU B 352 30.84 21.23 -32.07
C GLU B 352 31.57 20.10 -32.75
N TYR B 353 31.46 18.88 -32.21
CA TYR B 353 32.11 17.77 -32.89
C TYR B 353 31.49 17.51 -34.26
N ALA B 354 30.17 17.60 -34.36
CA ALA B 354 29.53 17.37 -35.65
C ALA B 354 30.03 18.37 -36.70
N PHE B 355 30.15 19.64 -36.31
CA PHE B 355 30.65 20.65 -37.23
C PHE B 355 32.11 20.39 -37.61
N VAL B 356 32.94 20.01 -36.64
CA VAL B 356 34.34 19.71 -36.93
C VAL B 356 34.44 18.51 -37.88
N ASN B 357 33.61 17.48 -37.65
CA ASN B 357 33.59 16.31 -38.52
C ASN B 357 33.09 16.67 -39.91
N TYR B 358 32.26 17.71 -40.03
CA TYR B 358 31.73 18.06 -41.35
C TYR B 358 32.77 18.75 -42.22
N ILE B 359 33.75 19.45 -41.64
CA ILE B 359 34.66 20.27 -42.43
C ILE B 359 36.13 19.97 -42.14
N PHE B 360 36.45 18.74 -41.74
CA PHE B 360 37.85 18.43 -41.45
C PHE B 360 38.57 17.79 -42.63
N PHE B 361 37.89 17.56 -43.75
CA PHE B 361 38.57 17.03 -44.93
C PHE B 361 39.23 18.13 -45.74
N SER B 362 38.44 19.11 -46.20
CA SER B 362 39.00 20.22 -46.96
C SER B 362 39.73 21.21 -46.08
N GLN B 363 39.31 21.37 -44.83
CA GLN B 363 39.84 22.39 -43.93
C GLN B 363 40.24 21.76 -42.61
N PRO B 364 41.36 21.02 -42.57
CA PRO B 364 41.78 20.41 -41.29
C PRO B 364 42.29 21.41 -40.29
N ALA B 365 42.99 22.45 -40.73
CA ALA B 365 43.53 23.45 -39.82
C ALA B 365 42.42 24.21 -39.10
N ARG B 366 41.36 24.56 -39.83
CA ARG B 366 40.23 25.22 -39.21
C ARG B 366 39.58 24.32 -38.15
N ALA B 367 39.50 23.02 -38.43
CA ALA B 367 38.95 22.09 -37.45
C ALA B 367 39.82 22.01 -36.20
N ALA B 368 41.14 21.95 -36.38
CA ALA B 368 42.03 21.93 -35.24
C ALA B 368 41.90 23.20 -34.41
N ALA B 369 41.76 24.35 -35.08
CA ALA B 369 41.58 25.60 -34.36
C ALA B 369 40.25 25.62 -33.60
N ILE B 370 39.18 25.09 -34.20
CA ILE B 370 37.89 25.07 -33.53
C ILE B 370 37.94 24.21 -32.28
N ASP B 371 38.60 23.03 -32.37
CA ASP B 371 38.77 22.22 -31.17
C ASP B 371 39.59 22.96 -30.10
N ARG B 372 40.67 23.62 -30.53
CA ARG B 372 41.55 24.31 -29.58
C ARG B 372 40.80 25.43 -28.87
N TRP B 373 39.94 26.15 -29.60
CA TRP B 373 39.15 27.19 -28.96
C TRP B 373 38.05 26.63 -28.07
N SER B 374 37.45 25.50 -28.46
CA SER B 374 36.44 24.88 -27.59
C SER B 374 37.01 24.50 -26.25
N ARG B 375 38.27 24.01 -26.24
CA ARG B 375 38.91 23.59 -24.99
C ARG B 375 38.92 24.70 -23.94
N ILE B 376 38.93 25.95 -24.37
CA ILE B 376 38.96 27.08 -23.46
C ILE B 376 37.57 27.69 -23.27
N VAL B 377 36.78 27.75 -24.35
CA VAL B 377 35.51 28.45 -24.29
C VAL B 377 34.50 27.69 -23.44
N PHE B 378 34.43 26.37 -23.59
CA PHE B 378 33.42 25.63 -22.83
C PHE B 378 33.62 25.71 -21.32
N PRO B 379 34.82 25.48 -20.77
CA PRO B 379 35.00 25.65 -19.32
C PRO B 379 34.71 27.08 -18.84
N PHE B 380 35.14 28.08 -19.60
CA PHE B 380 34.94 29.46 -19.19
C PHE B 380 33.47 29.83 -19.15
N THR B 381 32.73 29.46 -20.19
CA THR B 381 31.30 29.77 -20.21
C THR B 381 30.54 28.96 -19.17
N PHE B 382 30.95 27.73 -18.90
CA PHE B 382 30.31 26.98 -17.81
C PHE B 382 30.57 27.63 -16.46
N SER B 383 31.79 28.13 -16.25
CA SER B 383 32.08 28.85 -15.01
C SER B 383 31.21 30.10 -14.88
N LEU B 384 31.05 30.85 -15.97
CA LEU B 384 30.20 32.04 -15.92
C LEU B 384 28.75 31.67 -15.64
N PHE B 385 28.26 30.60 -16.26
CA PHE B 385 26.89 30.15 -16.02
C PHE B 385 26.69 29.78 -14.56
N ASN B 386 27.66 29.06 -13.98
CA ASN B 386 27.56 28.71 -12.56
C ASN B 386 27.58 29.95 -11.68
N LEU B 387 28.43 30.92 -12.01
CA LEU B 387 28.49 32.14 -11.22
C LEU B 387 27.15 32.87 -11.24
N VAL B 388 26.56 33.03 -12.43
CA VAL B 388 25.29 33.73 -12.53
C VAL B 388 24.19 32.97 -11.79
N TYR B 389 24.14 31.64 -11.97
CA TYR B 389 23.12 30.85 -11.31
C TYR B 389 23.21 30.95 -9.79
N TRP B 390 24.39 30.70 -9.24
CA TRP B 390 24.52 30.67 -7.79
C TRP B 390 24.51 32.05 -7.16
N LEU B 391 24.79 33.10 -7.91
CA LEU B 391 24.55 34.44 -7.39
C LEU B 391 23.07 34.81 -7.43
N TYR B 392 22.34 34.33 -8.43
CA TYR B 392 20.92 34.63 -8.50
C TYR B 392 20.12 33.90 -7.44
N TYR B 393 20.44 32.63 -7.19
CA TYR B 393 19.63 31.80 -6.31
C TYR B 393 20.13 31.75 -4.88
N VAL B 394 21.22 32.44 -4.54
CA VAL B 394 21.71 32.45 -3.17
C VAL B 394 21.84 33.88 -2.66
N ASN C 62 -44.05 -21.44 20.45
CA ASN C 62 -44.37 -20.11 20.96
C ASN C 62 -43.10 -19.28 21.14
N MET C 63 -43.10 -18.07 20.58
CA MET C 63 -41.94 -17.21 20.69
C MET C 63 -41.80 -16.60 22.08
N SER C 64 -42.92 -16.34 22.76
CA SER C 64 -42.86 -15.77 24.10
C SER C 64 -42.29 -16.75 25.11
N PHE C 65 -42.57 -18.04 24.96
CA PHE C 65 -42.01 -19.03 25.88
C PHE C 65 -40.50 -19.11 25.77
N VAL C 66 -39.97 -19.14 24.54
CA VAL C 66 -38.53 -19.10 24.34
C VAL C 66 -37.96 -17.78 24.85
N LYS C 67 -38.71 -16.69 24.65
CA LYS C 67 -38.26 -15.39 25.11
C LYS C 67 -38.07 -15.38 26.62
N GLU C 68 -39.03 -15.92 27.36
CA GLU C 68 -38.91 -15.96 28.81
C GLU C 68 -37.87 -16.97 29.26
N THR C 69 -37.67 -18.06 28.50
CA THR C 69 -36.60 -18.99 28.83
C THR C 69 -35.24 -18.31 28.74
N VAL C 70 -35.01 -17.55 27.66
CA VAL C 70 -33.73 -16.86 27.51
C VAL C 70 -33.59 -15.74 28.54
N ASP C 71 -34.69 -15.05 28.84
CA ASP C 71 -34.66 -14.02 29.89
C ASP C 71 -34.31 -14.63 31.24
N LYS C 72 -34.80 -15.84 31.53
CA LYS C 72 -34.44 -16.52 32.76
C LYS C 72 -32.98 -16.95 32.73
N LEU C 73 -32.49 -17.38 31.57
CA LEU C 73 -31.08 -17.76 31.46
C LEU C 73 -30.17 -16.59 31.78
N LEU C 74 -30.48 -15.40 31.26
CA LEU C 74 -29.61 -14.25 31.49
C LEU C 74 -29.90 -13.51 32.78
N LYS C 75 -30.98 -13.86 33.49
CA LYS C 75 -31.25 -13.24 34.78
C LYS C 75 -30.29 -13.77 35.83
N GLY C 76 -29.60 -12.86 36.52
CA GLY C 76 -28.62 -13.25 37.51
C GLY C 76 -27.32 -13.78 36.97
N TYR C 77 -27.02 -13.52 35.70
CA TYR C 77 -25.81 -14.03 35.05
C TYR C 77 -24.69 -13.02 35.25
N ASP C 78 -23.57 -13.47 35.81
CA ASP C 78 -22.40 -12.61 36.04
C ASP C 78 -21.41 -12.85 34.91
N ILE C 79 -21.29 -11.89 34.01
CA ILE C 79 -20.38 -12.02 32.88
C ILE C 79 -18.93 -11.90 33.31
N ARG C 80 -18.68 -11.38 34.51
CA ARG C 80 -17.34 -11.20 35.04
C ARG C 80 -16.71 -12.51 35.53
N LEU C 81 -17.44 -13.60 35.52
CA LEU C 81 -16.96 -14.87 36.06
C LEU C 81 -16.98 -15.94 34.97
N ARG C 82 -15.90 -16.70 34.90
CA ARG C 82 -15.83 -17.83 33.98
C ARG C 82 -16.76 -18.94 34.46
N PRO C 83 -17.17 -19.83 33.56
CA PRO C 83 -17.89 -21.04 34.01
C PRO C 83 -17.06 -21.83 35.00
N ASP C 84 -17.70 -22.29 36.06
CA ASP C 84 -17.05 -23.01 37.15
C ASP C 84 -15.92 -22.19 37.77
N PHE C 85 -16.16 -20.88 37.90
CA PHE C 85 -15.22 -20.00 38.60
C PHE C 85 -15.02 -20.49 40.02
N GLY C 86 -13.76 -20.60 40.43
CA GLY C 86 -13.43 -21.15 41.73
C GLY C 86 -13.37 -22.67 41.77
N GLY C 87 -13.53 -23.34 40.65
CA GLY C 87 -13.49 -24.78 40.60
C GLY C 87 -12.53 -25.30 39.55
N PRO C 88 -12.86 -26.44 38.96
CA PRO C 88 -11.99 -27.03 37.93
C PRO C 88 -11.93 -26.17 36.68
N PRO C 89 -10.85 -26.27 35.92
CA PRO C 89 -10.73 -25.45 34.71
C PRO C 89 -11.77 -25.82 33.65
N VAL C 90 -12.18 -24.81 32.89
CA VAL C 90 -13.13 -24.99 31.81
C VAL C 90 -12.36 -25.37 30.55
N CYS C 91 -12.88 -26.37 29.83
CA CYS C 91 -12.23 -26.89 28.64
C CYS C 91 -12.83 -26.26 27.39
N VAL C 92 -11.97 -25.76 26.51
CA VAL C 92 -12.38 -25.10 25.28
C VAL C 92 -11.83 -25.89 24.11
N GLY C 93 -12.71 -26.38 23.24
CA GLY C 93 -12.32 -27.08 22.03
C GLY C 93 -12.34 -26.13 20.84
N MET C 94 -11.30 -26.21 20.03
CA MET C 94 -11.11 -25.30 18.91
C MET C 94 -11.23 -26.03 17.59
N ASN C 95 -11.87 -25.38 16.62
CA ASN C 95 -11.86 -25.78 15.22
C ASN C 95 -11.51 -24.58 14.37
N ILE C 96 -10.79 -24.83 13.29
CA ILE C 96 -10.45 -23.78 12.33
C ILE C 96 -10.79 -24.27 10.93
N ASP C 97 -11.53 -23.45 10.19
CA ASP C 97 -11.85 -23.71 8.79
C ASP C 97 -11.19 -22.62 7.95
N ILE C 98 -10.14 -22.97 7.23
CA ILE C 98 -9.34 -21.99 6.51
C ILE C 98 -10.04 -21.62 5.21
N ALA C 99 -10.27 -20.33 5.00
CA ALA C 99 -10.85 -19.85 3.76
C ALA C 99 -9.80 -19.53 2.71
N SER C 100 -8.72 -18.85 3.10
CA SER C 100 -7.67 -18.50 2.16
C SER C 100 -6.45 -18.02 2.91
N ILE C 101 -5.32 -17.98 2.20
CA ILE C 101 -4.13 -17.25 2.62
C ILE C 101 -3.89 -16.21 1.52
N ASP C 102 -4.26 -14.95 1.80
CA ASP C 102 -4.25 -13.92 0.77
C ASP C 102 -2.86 -13.71 0.20
N MET C 103 -1.86 -13.56 1.07
CA MET C 103 -0.53 -13.22 0.60
C MET C 103 0.50 -13.68 1.61
N VAL C 104 1.71 -13.90 1.09
CA VAL C 104 2.89 -14.23 1.88
C VAL C 104 3.96 -13.23 1.47
N SER C 105 4.45 -12.44 2.43
CA SER C 105 5.34 -11.32 2.16
C SER C 105 6.69 -11.57 2.81
N GLU C 106 7.74 -11.60 2.00
CA GLU C 106 9.11 -11.65 2.49
C GLU C 106 9.58 -10.30 2.98
N VAL C 107 9.18 -9.21 2.31
CA VAL C 107 9.61 -7.87 2.73
CA VAL C 107 9.63 -7.89 2.75
C VAL C 107 9.09 -7.55 4.13
N ASN C 108 7.82 -7.86 4.38
CA ASN C 108 7.24 -7.62 5.69
C ASN C 108 7.35 -8.83 6.61
N MET C 109 7.81 -9.97 6.08
CA MET C 109 7.99 -11.19 6.86
C MET C 109 6.70 -11.60 7.58
N ASP C 110 5.64 -11.77 6.80
CA ASP C 110 4.37 -12.16 7.39
C ASP C 110 3.49 -12.82 6.34
N TYR C 111 2.28 -13.16 6.75
CA TYR C 111 1.31 -13.74 5.82
C TYR C 111 -0.09 -13.44 6.35
N THR C 112 -1.04 -13.35 5.42
CA THR C 112 -2.41 -13.01 5.77
C THR C 112 -3.30 -14.23 5.60
N LEU C 113 -4.05 -14.55 6.66
CA LEU C 113 -4.89 -15.74 6.70
C LEU C 113 -6.31 -15.34 7.06
N THR C 114 -7.27 -15.94 6.37
CA THR C 114 -8.69 -15.74 6.66
C THR C 114 -9.31 -17.08 7.04
N MET C 115 -10.14 -17.07 8.08
CA MET C 115 -10.59 -18.34 8.63
C MET C 115 -11.87 -18.17 9.44
N TYR C 116 -12.61 -19.27 9.53
CA TYR C 116 -13.67 -19.44 10.51
C TYR C 116 -13.07 -20.07 11.75
N PHE C 117 -13.14 -19.37 12.88
CA PHE C 117 -12.58 -19.80 14.15
C PHE C 117 -13.72 -20.16 15.07
N GLN C 118 -13.78 -21.44 15.48
CA GLN C 118 -14.89 -21.97 16.25
C GLN C 118 -14.40 -22.41 17.63
N GLN C 119 -15.11 -21.98 18.66
CA GLN C 119 -14.79 -22.35 20.04
C GLN C 119 -16.01 -23.03 20.67
N TYR C 120 -15.73 -24.06 21.45
CA TYR C 120 -16.74 -24.92 22.04
CA TYR C 120 -16.74 -24.94 22.03
C TYR C 120 -16.47 -25.05 23.53
N TRP C 121 -17.50 -24.79 24.34
CA TRP C 121 -17.31 -24.99 25.78
C TRP C 121 -18.66 -25.27 26.43
N ARG C 122 -18.64 -25.51 27.74
CA ARG C 122 -19.86 -25.78 28.49
C ARG C 122 -19.97 -24.79 29.63
N ASP C 123 -21.10 -24.08 29.69
CA ASP C 123 -21.42 -23.16 30.76
C ASP C 123 -22.72 -23.63 31.40
N LYS C 124 -22.63 -24.16 32.61
CA LYS C 124 -23.80 -24.72 33.27
C LYS C 124 -24.86 -23.68 33.60
N ARG C 125 -24.48 -22.41 33.69
CA ARG C 125 -25.46 -21.35 33.92
C ARG C 125 -26.41 -21.16 32.75
N LEU C 126 -26.07 -21.68 31.58
CA LEU C 126 -26.88 -21.50 30.38
C LEU C 126 -27.72 -22.73 30.02
N ALA C 127 -27.77 -23.73 30.89
CA ALA C 127 -28.58 -24.91 30.62
C ALA C 127 -30.06 -24.58 30.72
N TYR C 128 -30.85 -25.17 29.82
CA TYR C 128 -32.29 -24.95 29.80
C TYR C 128 -32.99 -26.28 29.51
N SER C 129 -34.27 -26.33 29.87
CA SER C 129 -35.06 -27.54 29.72
C SER C 129 -36.41 -27.19 29.12
N GLY C 130 -37.09 -28.23 28.64
CA GLY C 130 -38.41 -28.08 28.04
C GLY C 130 -38.41 -27.78 26.56
N ILE C 131 -37.26 -27.46 25.99
CA ILE C 131 -37.12 -27.22 24.56
C ILE C 131 -36.10 -28.20 24.01
N PRO C 132 -36.54 -29.26 23.32
CA PRO C 132 -35.61 -30.24 22.73
C PRO C 132 -34.97 -29.75 21.44
N LEU C 133 -34.46 -28.52 21.46
CA LEU C 133 -33.90 -27.89 20.28
C LEU C 133 -32.66 -27.09 20.66
N ASN C 134 -31.82 -26.84 19.67
CA ASN C 134 -30.64 -26.02 19.85
C ASN C 134 -30.94 -24.60 19.40
N LEU C 135 -30.69 -23.62 20.27
CA LEU C 135 -31.09 -22.24 20.03
C LEU C 135 -29.98 -21.52 19.27
N THR C 136 -30.23 -21.20 18.00
CA THR C 136 -29.35 -20.36 17.22
C THR C 136 -29.77 -18.91 17.46
N LEU C 137 -28.92 -18.15 18.15
CA LEU C 137 -29.34 -16.81 18.56
C LEU C 137 -28.68 -15.75 17.71
N ASP C 138 -29.32 -14.59 17.65
CA ASP C 138 -28.70 -13.42 17.02
C ASP C 138 -27.38 -13.12 17.70
N ASN C 139 -26.36 -12.81 16.90
CA ASN C 139 -25.00 -12.78 17.41
C ASN C 139 -24.79 -11.68 18.46
N ARG C 140 -25.67 -10.69 18.51
CA ARG C 140 -25.52 -9.63 19.51
C ARG C 140 -25.61 -10.16 20.93
N VAL C 141 -26.29 -11.29 21.12
CA VAL C 141 -26.36 -11.91 22.45
C VAL C 141 -24.99 -12.31 22.96
N ALA C 142 -24.00 -12.43 22.06
CA ALA C 142 -22.64 -12.74 22.49
C ALA C 142 -22.06 -11.62 23.36
N ASP C 143 -22.62 -10.42 23.30
CA ASP C 143 -22.17 -9.36 24.19
C ASP C 143 -22.63 -9.56 25.63
N GLN C 144 -23.55 -10.49 25.88
CA GLN C 144 -24.05 -10.74 27.22
C GLN C 144 -23.52 -12.03 27.84
N LEU C 145 -22.77 -12.83 27.09
CA LEU C 145 -22.24 -14.09 27.57
C LEU C 145 -20.76 -13.98 27.88
N TRP C 146 -20.28 -14.87 28.75
CA TRP C 146 -18.85 -15.06 28.90
C TRP C 146 -18.30 -15.80 27.69
N VAL C 147 -17.17 -15.33 27.19
CA VAL C 147 -16.44 -16.04 26.13
C VAL C 147 -14.98 -16.11 26.53
N PRO C 148 -14.24 -17.09 26.01
CA PRO C 148 -12.81 -17.18 26.30
C PRO C 148 -12.04 -15.98 25.75
N ASP C 149 -10.98 -15.61 26.45
CA ASP C 149 -10.13 -14.49 26.05
C ASP C 149 -9.00 -14.95 25.13
N THR C 150 -9.36 -15.62 24.05
CA THR C 150 -8.38 -16.19 23.13
C THR C 150 -7.72 -15.10 22.29
N TYR C 151 -6.41 -15.20 22.13
CA TYR C 151 -5.67 -14.28 21.28
C TYR C 151 -4.60 -15.04 20.50
N PHE C 152 -4.06 -14.38 19.50
CA PHE C 152 -3.00 -14.93 18.66
C PHE C 152 -1.71 -14.18 18.96
N LEU C 153 -0.69 -14.91 19.40
CA LEU C 153 0.52 -14.27 19.92
C LEU C 153 1.35 -13.64 18.80
N ASN C 154 1.44 -14.29 17.64
CA ASN C 154 2.27 -13.77 16.56
C ASN C 154 1.50 -12.91 15.58
N ASP C 155 0.25 -12.55 15.87
CA ASP C 155 -0.50 -11.70 14.97
C ASP C 155 -0.09 -10.24 15.14
N LYS C 156 -0.23 -9.48 14.06
CA LYS C 156 0.15 -8.08 14.02
C LYS C 156 -1.03 -7.15 13.78
N LYS C 157 -2.02 -7.60 13.02
CA LYS C 157 -3.25 -6.85 12.78
C LYS C 157 -4.33 -7.84 12.41
N SER C 158 -5.44 -7.80 13.14
CA SER C 158 -6.55 -8.71 12.94
C SER C 158 -7.86 -7.96 13.05
N PHE C 159 -8.88 -8.42 12.33
CA PHE C 159 -10.22 -7.88 12.48
C PHE C 159 -11.25 -8.99 12.28
N VAL C 160 -12.39 -8.82 12.90
CA VAL C 160 -13.58 -9.61 12.60
C VAL C 160 -14.35 -8.88 11.52
N HIS C 161 -14.74 -9.60 10.47
CA HIS C 161 -15.52 -8.99 9.40
C HIS C 161 -16.87 -8.51 9.93
N GLY C 162 -17.31 -7.37 9.43
CA GLY C 162 -18.50 -6.75 10.00
C GLY C 162 -19.56 -6.28 9.02
N VAL C 163 -19.60 -6.88 7.83
CA VAL C 163 -20.61 -6.57 6.81
C VAL C 163 -21.29 -7.87 6.44
N THR C 164 -22.63 -7.88 6.43
CA THR C 164 -23.48 -6.74 6.76
C THR C 164 -23.58 -6.49 8.26
N VAL C 165 -23.45 -7.55 9.05
CA VAL C 165 -23.30 -7.45 10.49
C VAL C 165 -21.98 -8.09 10.87
N LYS C 166 -21.64 -7.97 12.15
CA LYS C 166 -20.44 -8.63 12.64
C LYS C 166 -20.53 -10.13 12.40
N ASN C 167 -19.52 -10.68 11.72
CA ASN C 167 -19.53 -12.09 11.30
C ASN C 167 -19.28 -12.95 12.54
N ARG C 168 -20.34 -13.17 13.30
CA ARG C 168 -20.27 -13.85 14.58
C ARG C 168 -21.48 -14.76 14.72
N MET C 169 -21.29 -15.89 15.40
CA MET C 169 -22.34 -16.89 15.53
C MET C 169 -22.37 -17.43 16.95
N ILE C 170 -23.57 -17.55 17.51
CA ILE C 170 -23.80 -18.11 18.84
C ILE C 170 -24.88 -19.17 18.75
N ARG C 171 -24.55 -20.38 19.19
CA ARG C 171 -25.50 -21.50 19.23
C ARG C 171 -25.45 -22.14 20.60
N LEU C 172 -26.60 -22.18 21.27
CA LEU C 172 -26.74 -22.79 22.58
C LEU C 172 -27.39 -24.16 22.46
N HIS C 173 -27.04 -25.05 23.38
CA HIS C 173 -27.56 -26.40 23.46
C HIS C 173 -28.19 -26.63 24.82
N PRO C 174 -29.14 -27.56 24.94
CA PRO C 174 -29.93 -27.66 26.18
C PRO C 174 -29.11 -27.88 27.43
N ASP C 175 -28.00 -28.61 27.35
CA ASP C 175 -27.21 -28.93 28.53
C ASP C 175 -26.24 -27.81 28.91
N GLY C 176 -26.19 -26.72 28.17
CA GLY C 176 -25.30 -25.61 28.46
C GLY C 176 -24.12 -25.47 27.54
N THR C 177 -24.01 -26.28 26.51
CA THR C 177 -22.90 -26.17 25.58
C THR C 177 -23.06 -24.93 24.70
N VAL C 178 -22.00 -24.14 24.59
CA VAL C 178 -21.95 -22.97 23.74
C VAL C 178 -21.02 -23.25 22.58
N LEU C 179 -21.49 -22.97 21.37
CA LEU C 179 -20.67 -22.93 20.16
C LEU C 179 -20.60 -21.48 19.68
N TYR C 180 -19.38 -20.98 19.52
CA TYR C 180 -19.11 -19.57 19.25
C TYR C 180 -18.20 -19.46 18.05
N GLY C 181 -18.67 -18.84 16.97
CA GLY C 181 -17.92 -18.76 15.73
C GLY C 181 -17.61 -17.34 15.33
N LEU C 182 -16.42 -17.15 14.75
CA LEU C 182 -15.98 -15.85 14.26
C LEU C 182 -15.35 -16.01 12.87
N ARG C 183 -15.51 -15.00 12.03
CA ARG C 183 -14.80 -14.94 10.75
C ARG C 183 -13.70 -13.89 10.88
N ILE C 184 -12.46 -14.32 10.79
CA ILE C 184 -11.31 -13.50 11.16
C ILE C 184 -10.32 -13.47 10.01
N THR C 185 -9.78 -12.28 9.76
CA THR C 185 -8.61 -12.11 8.90
C THR C 185 -7.47 -11.58 9.76
N THR C 186 -6.34 -12.29 9.76
CA THR C 186 -5.21 -11.92 10.58
C THR C 186 -3.94 -11.90 9.75
N THR C 187 -3.12 -10.87 9.95
CA THR C 187 -1.78 -10.82 9.39
C THR C 187 -0.81 -11.28 10.47
N ALA C 188 -0.23 -12.46 10.29
CA ALA C 188 0.61 -13.08 11.30
C ALA C 188 2.07 -13.08 10.88
N ALA C 189 2.95 -12.86 11.85
CA ALA C 189 4.38 -12.80 11.59
C ALA C 189 4.93 -14.18 11.21
N CYS C 190 5.90 -14.19 10.31
CA CYS C 190 6.56 -15.42 9.89
C CYS C 190 8.00 -15.05 9.51
N MET C 191 8.95 -15.43 10.36
CA MET C 191 10.35 -15.20 10.05
CA MET C 191 10.35 -15.20 10.04
C MET C 191 10.82 -16.23 9.03
N MET C 192 11.35 -15.76 7.91
CA MET C 192 11.76 -16.63 6.81
C MET C 192 13.28 -16.69 6.72
N ASP C 193 13.80 -17.89 6.52
CA ASP C 193 15.20 -18.10 6.21
C ASP C 193 15.34 -18.15 4.70
N LEU C 194 16.03 -17.15 4.13
CA LEU C 194 16.13 -17.00 2.69
C LEU C 194 17.47 -17.43 2.14
N ARG C 195 18.22 -18.27 2.87
CA ARG C 195 19.54 -18.68 2.42
C ARG C 195 19.45 -19.57 1.18
N ARG C 196 18.37 -20.32 1.01
CA ARG C 196 18.18 -21.16 -0.16
C ARG C 196 17.23 -20.54 -1.17
N TYR C 197 16.84 -19.30 -0.98
CA TYR C 197 15.93 -18.62 -1.89
C TYR C 197 16.54 -18.55 -3.29
N PRO C 198 15.76 -18.80 -4.34
CA PRO C 198 14.33 -19.07 -4.39
C PRO C 198 13.97 -20.55 -4.28
N LEU C 199 14.92 -21.41 -3.92
CA LEU C 199 14.66 -22.84 -3.76
C LEU C 199 14.38 -23.19 -2.30
N ASP C 200 13.81 -22.27 -1.55
CA ASP C 200 13.65 -22.39 -0.11
C ASP C 200 12.30 -22.98 0.26
N GLU C 201 12.21 -23.42 1.51
CA GLU C 201 11.00 -23.99 2.09
C GLU C 201 10.77 -23.33 3.43
N GLN C 202 9.56 -22.82 3.64
CA GLN C 202 9.24 -22.03 4.82
C GLN C 202 8.26 -22.75 5.71
N ASN C 203 8.22 -22.34 6.98
CA ASN C 203 7.31 -22.88 7.97
C ASN C 203 6.65 -21.70 8.67
N CYS C 204 5.35 -21.54 8.46
CA CYS C 204 4.61 -20.42 9.02
C CYS C 204 3.56 -20.93 9.99
N THR C 205 3.47 -20.31 11.17
CA THR C 205 2.65 -20.82 12.26
C THR C 205 1.63 -19.79 12.72
N LEU C 206 0.62 -20.28 13.41
CA LEU C 206 -0.34 -19.47 14.14
C LEU C 206 -0.39 -19.99 15.58
N GLU C 207 -0.16 -19.09 16.53
CA GLU C 207 -0.10 -19.41 17.95
C GLU C 207 -1.36 -18.91 18.63
N ILE C 208 -2.13 -19.84 19.19
CA ILE C 208 -3.41 -19.53 19.83
C ILE C 208 -3.23 -19.73 21.33
N GLU C 209 -3.56 -18.69 22.11
CA GLU C 209 -3.29 -18.73 23.54
C GLU C 209 -4.41 -18.05 24.28
N SER C 210 -4.47 -18.30 25.58
CA SER C 210 -5.36 -17.59 26.49
C SER C 210 -4.58 -16.47 27.16
N TYR C 211 -5.16 -15.26 27.16
CA TYR C 211 -4.41 -14.15 27.73
C TYR C 211 -4.44 -14.16 29.26
N GLY C 212 -5.63 -14.13 29.84
CA GLY C 212 -5.73 -13.94 31.27
C GLY C 212 -5.78 -15.18 32.13
N TYR C 213 -6.33 -16.27 31.59
CA TYR C 213 -6.57 -17.47 32.38
C TYR C 213 -5.41 -18.46 32.23
N THR C 214 -4.87 -18.90 33.36
CA THR C 214 -3.80 -19.89 33.38
C THR C 214 -4.40 -21.28 33.21
N THR C 215 -3.54 -22.30 33.23
CA THR C 215 -3.99 -23.67 33.07
C THR C 215 -4.88 -24.15 34.22
N ASP C 216 -4.84 -23.46 35.37
CA ASP C 216 -5.76 -23.78 36.45
C ASP C 216 -7.19 -23.33 36.15
N ASP C 217 -7.35 -22.33 35.27
CA ASP C 217 -8.66 -21.81 34.92
C ASP C 217 -9.21 -22.35 33.62
N ILE C 218 -8.36 -22.69 32.66
CA ILE C 218 -8.80 -22.95 31.31
C ILE C 218 -7.88 -24.00 30.68
N GLU C 219 -8.45 -24.79 29.79
CA GLU C 219 -7.71 -25.77 28.99
C GLU C 219 -8.12 -25.64 27.55
N PHE C 220 -7.16 -25.81 26.64
CA PHE C 220 -7.42 -25.79 25.21
C PHE C 220 -7.16 -27.18 24.64
N TYR C 221 -7.95 -27.58 23.65
CA TYR C 221 -7.70 -28.81 22.92
C TYR C 221 -8.28 -28.66 21.52
N TRP C 222 -7.62 -29.30 20.55
CA TRP C 222 -8.16 -29.37 19.20
C TRP C 222 -9.34 -30.34 19.18
N ARG C 223 -10.51 -29.84 18.81
CA ARG C 223 -11.72 -30.64 18.85
C ARG C 223 -11.78 -31.52 17.61
N GLY C 224 -11.62 -32.83 17.80
CA GLY C 224 -11.53 -33.77 16.71
C GLY C 224 -10.14 -34.26 16.40
N GLY C 225 -9.13 -33.81 17.15
CA GLY C 225 -7.78 -34.28 16.94
C GLY C 225 -7.14 -33.81 15.64
N ASP C 226 -6.85 -34.74 14.75
CA ASP C 226 -6.19 -34.39 13.48
C ASP C 226 -7.14 -33.72 12.50
N LYS C 227 -8.44 -33.80 12.72
CA LYS C 227 -9.44 -33.25 11.81
C LYS C 227 -9.97 -31.90 12.27
N ALA C 228 -9.30 -31.26 13.22
CA ALA C 228 -9.78 -30.00 13.78
C ALA C 228 -9.59 -28.81 12.85
N VAL C 229 -8.71 -28.92 11.86
CA VAL C 229 -8.46 -27.85 10.90
C VAL C 229 -8.78 -28.35 9.51
N THR C 230 -9.68 -27.67 8.82
CA THR C 230 -10.10 -28.01 7.47
C THR C 230 -9.80 -26.86 6.53
N GLY C 231 -10.03 -27.10 5.24
CA GLY C 231 -9.87 -26.06 4.24
C GLY C 231 -8.45 -25.84 3.77
N VAL C 232 -7.52 -26.74 4.09
CA VAL C 232 -6.13 -26.54 3.67
C VAL C 232 -6.02 -26.62 2.15
N GLU C 233 -6.87 -27.40 1.49
CA GLU C 233 -6.84 -27.50 0.04
C GLU C 233 -7.40 -26.24 -0.64
N ARG C 234 -8.03 -25.34 0.10
CA ARG C 234 -8.48 -24.07 -0.46
C ARG C 234 -7.37 -23.05 -0.61
N ILE C 235 -6.19 -23.31 -0.07
CA ILE C 235 -5.10 -22.34 -0.09
C ILE C 235 -4.49 -22.35 -1.48
N GLU C 236 -4.66 -21.23 -2.20
CA GLU C 236 -4.13 -21.07 -3.55
C GLU C 236 -3.17 -19.89 -3.55
N LEU C 237 -1.89 -20.17 -3.43
CA LEU C 237 -0.85 -19.16 -3.53
C LEU C 237 -0.13 -19.31 -4.86
N PRO C 238 0.04 -18.24 -5.63
CA PRO C 238 0.79 -18.38 -6.89
C PRO C 238 2.23 -18.78 -6.69
N GLN C 239 2.89 -18.27 -5.65
CA GLN C 239 4.32 -18.46 -5.46
C GLN C 239 4.66 -19.63 -4.54
N PHE C 240 3.66 -20.30 -3.96
CA PHE C 240 3.90 -21.34 -2.98
C PHE C 240 2.93 -22.48 -3.20
N SER C 241 3.27 -23.65 -2.65
CA SER C 241 2.34 -24.75 -2.49
C SER C 241 2.43 -25.26 -1.06
N ILE C 242 1.31 -25.73 -0.53
CA ILE C 242 1.26 -26.25 0.83
C ILE C 242 1.67 -27.72 0.80
N VAL C 243 2.69 -28.06 1.56
CA VAL C 243 3.18 -29.44 1.63
C VAL C 243 2.54 -30.20 2.78
N GLU C 244 2.41 -29.57 3.94
CA GLU C 244 1.95 -30.24 5.15
C GLU C 244 1.42 -29.21 6.13
N HIS C 245 0.50 -29.64 6.99
CA HIS C 245 0.09 -28.85 8.13
C HIS C 245 0.10 -29.73 9.37
N ARG C 246 0.32 -29.08 10.51
CA ARG C 246 0.55 -29.78 11.78
C ARG C 246 -0.16 -29.05 12.91
N LEU C 247 -0.70 -29.82 13.85
CA LEU C 247 -1.38 -29.31 15.04
C LEU C 247 -0.60 -29.70 16.28
N VAL C 248 -0.43 -28.73 17.19
CA VAL C 248 0.37 -28.92 18.40
C VAL C 248 -0.41 -28.34 19.59
N SER C 249 -0.32 -29.01 20.73
CA SER C 249 -0.86 -28.52 21.98
C SER C 249 0.21 -28.59 23.06
N ARG C 250 0.35 -27.51 23.84
CA ARG C 250 1.39 -27.46 24.87
C ARG C 250 1.04 -26.39 25.89
N ASN C 251 1.96 -26.17 26.82
CA ASN C 251 1.87 -25.11 27.81
C ASN C 251 3.08 -24.20 27.68
N VAL C 252 2.87 -22.91 27.95
CA VAL C 252 3.93 -21.91 27.90
C VAL C 252 3.97 -21.20 29.25
N VAL C 253 5.16 -21.03 29.80
CA VAL C 253 5.33 -20.43 31.12
C VAL C 253 5.82 -18.99 30.95
N PHE C 254 5.03 -18.04 31.44
CA PHE C 254 5.44 -16.65 31.60
C PHE C 254 5.54 -16.34 33.08
N ALA C 255 6.05 -15.14 33.37
CA ALA C 255 6.24 -14.73 34.76
C ALA C 255 4.93 -14.64 35.52
N THR C 256 3.79 -14.60 34.83
CA THR C 256 2.48 -14.56 35.46
C THR C 256 1.81 -15.93 35.57
N GLY C 257 2.46 -16.99 35.12
CA GLY C 257 1.92 -18.33 35.27
C GLY C 257 2.07 -19.14 34.02
N ALA C 258 1.38 -20.27 33.98
CA ALA C 258 1.43 -21.20 32.85
C ALA C 258 0.13 -21.11 32.07
N TYR C 259 0.23 -21.09 30.74
CA TYR C 259 -0.92 -20.87 29.88
C TYR C 259 -0.99 -21.92 28.79
N PRO C 260 -2.19 -22.36 28.43
CA PRO C 260 -2.33 -23.30 27.32
C PRO C 260 -2.02 -22.64 25.99
N ARG C 261 -1.53 -23.44 25.06
CA ARG C 261 -1.09 -22.94 23.76
C ARG C 261 -1.40 -23.98 22.70
N LEU C 262 -2.19 -23.59 21.71
CA LEU C 262 -2.36 -24.38 20.49
C LEU C 262 -1.51 -23.77 19.39
N SER C 263 -1.05 -24.62 18.48
CA SER C 263 -0.17 -24.18 17.41
C SER C 263 -0.59 -24.86 16.12
N LEU C 264 -0.77 -24.06 15.07
CA LEU C 264 -1.10 -24.59 13.75
C LEU C 264 -0.01 -24.15 12.78
N SER C 265 0.71 -25.09 12.20
CA SER C 265 1.81 -24.76 11.31
C SER C 265 1.60 -25.31 9.91
N PHE C 266 2.05 -24.55 8.92
CA PHE C 266 2.05 -24.95 7.51
C PHE C 266 3.46 -24.95 6.99
N ARG C 267 3.77 -25.88 6.10
CA ARG C 267 5.04 -25.92 5.39
C ARG C 267 4.80 -25.51 3.95
N LEU C 268 5.43 -24.41 3.55
CA LEU C 268 5.29 -23.83 2.23
C LEU C 268 6.51 -24.17 1.37
N LYS C 269 6.26 -24.67 0.17
CA LYS C 269 7.31 -24.92 -0.81
C LYS C 269 7.17 -23.90 -1.92
N ARG C 270 8.26 -23.21 -2.24
CA ARG C 270 8.21 -22.16 -3.24
C ARG C 270 8.34 -22.73 -4.65
N ASN C 271 7.52 -22.22 -5.56
CA ASN C 271 7.54 -22.66 -6.95
C ASN C 271 8.65 -21.94 -7.71
N ILE C 272 9.46 -22.72 -8.45
CA ILE C 272 10.65 -22.18 -9.10
C ILE C 272 10.38 -21.59 -10.48
N GLY C 273 9.17 -21.75 -11.02
CA GLY C 273 8.94 -21.41 -12.42
C GLY C 273 9.16 -19.94 -12.72
N TYR C 274 8.68 -19.06 -11.86
CA TYR C 274 8.82 -17.64 -12.10
C TYR C 274 10.28 -17.21 -12.14
N PHE C 275 11.10 -17.77 -11.25
CA PHE C 275 12.50 -17.38 -11.19
C PHE C 275 13.29 -17.98 -12.34
N ILE C 276 12.94 -19.19 -12.77
CA ILE C 276 13.51 -19.74 -13.99
C ILE C 276 13.20 -18.83 -15.16
N LEU C 277 11.96 -18.34 -15.24
CA LEU C 277 11.54 -17.56 -16.40
C LEU C 277 12.15 -16.17 -16.40
N GLN C 278 12.29 -15.54 -15.22
CA GLN C 278 12.65 -14.14 -15.17
C GLN C 278 14.05 -13.85 -14.64
N THR C 279 14.69 -14.78 -13.94
CA THR C 279 16.03 -14.51 -13.43
C THR C 279 17.10 -15.40 -14.04
N TYR C 280 16.92 -16.73 -13.99
CA TYR C 280 17.99 -17.63 -14.40
C TYR C 280 18.24 -17.56 -15.90
N MET C 281 17.17 -17.59 -16.70
CA MET C 281 17.35 -17.54 -18.15
CA MET C 281 17.34 -17.54 -18.15
C MET C 281 17.97 -16.25 -18.65
N PRO C 282 17.59 -15.05 -18.18
CA PRO C 282 18.32 -13.85 -18.64
C PRO C 282 19.81 -13.92 -18.35
N SER C 283 20.20 -14.44 -17.19
CA SER C 283 21.61 -14.56 -16.87
C SER C 283 22.31 -15.57 -17.78
N ILE C 284 21.66 -16.70 -18.04
CA ILE C 284 22.25 -17.70 -18.93
C ILE C 284 22.42 -17.14 -20.33
N LEU C 285 21.42 -16.41 -20.81
CA LEU C 285 21.49 -15.84 -22.16
C LEU C 285 22.56 -14.77 -22.25
N ILE C 286 22.73 -13.96 -21.21
CA ILE C 286 23.79 -12.94 -21.22
C ILE C 286 25.17 -13.60 -21.16
N THR C 287 25.30 -14.66 -20.37
CA THR C 287 26.57 -15.38 -20.33
C THR C 287 26.90 -15.98 -21.69
N ILE C 288 25.89 -16.55 -22.37
CA ILE C 288 26.12 -17.12 -23.70
C ILE C 288 26.48 -16.02 -24.69
N LEU C 289 25.78 -14.89 -24.63
CA LEU C 289 26.09 -13.75 -25.48
C LEU C 289 27.52 -13.27 -25.27
N SER C 290 28.03 -13.35 -24.06
CA SER C 290 29.42 -12.95 -23.82
C SER C 290 30.43 -13.84 -24.54
N TRP C 291 30.04 -15.06 -24.92
CA TRP C 291 30.96 -15.96 -25.62
C TRP C 291 31.07 -15.67 -27.11
N VAL C 292 30.16 -14.85 -27.66
CA VAL C 292 30.21 -14.50 -29.07
C VAL C 292 31.49 -13.74 -29.40
N SER C 293 32.09 -13.08 -28.41
CA SER C 293 33.33 -12.36 -28.64
C SER C 293 34.47 -13.27 -29.06
N PHE C 294 34.46 -14.53 -28.61
CA PHE C 294 35.55 -15.45 -28.95
C PHE C 294 35.60 -15.76 -30.44
N TRP C 295 34.48 -15.62 -31.15
CA TRP C 295 34.38 -15.96 -32.56
C TRP C 295 34.58 -14.76 -33.47
N ILE C 296 34.79 -13.57 -32.92
CA ILE C 296 34.99 -12.35 -33.69
C ILE C 296 36.48 -12.08 -33.76
N ASN C 297 36.96 -11.62 -34.91
CA ASN C 297 38.41 -11.45 -35.08
CA ASN C 297 38.40 -11.42 -35.10
C ASN C 297 38.93 -10.40 -34.11
N TYR C 298 40.17 -10.61 -33.66
CA TYR C 298 40.74 -9.77 -32.62
C TYR C 298 41.13 -8.38 -33.10
N ASP C 299 40.91 -8.04 -34.36
CA ASP C 299 41.10 -6.66 -34.79
C ASP C 299 39.93 -5.77 -34.41
N ALA C 300 38.75 -6.36 -34.15
CA ALA C 300 37.55 -5.60 -33.82
C ALA C 300 37.54 -5.29 -32.32
N SER C 301 38.42 -4.38 -31.93
CA SER C 301 38.55 -4.03 -30.51
C SER C 301 37.28 -3.36 -29.99
N ALA C 302 36.69 -2.45 -30.78
CA ALA C 302 35.49 -1.75 -30.34
C ALA C 302 34.34 -2.72 -30.16
N ALA C 303 34.13 -3.63 -31.12
CA ALA C 303 33.02 -4.57 -31.06
C ALA C 303 33.14 -5.52 -29.87
N ARG C 304 34.32 -6.09 -29.68
CA ARG C 304 34.52 -7.05 -28.60
C ARG C 304 34.47 -6.37 -27.24
N VAL C 305 35.06 -5.18 -27.13
CA VAL C 305 34.98 -4.44 -25.88
C VAL C 305 33.54 -4.07 -25.55
N ALA C 306 32.77 -3.68 -26.58
CA ALA C 306 31.36 -3.37 -26.35
C ALA C 306 30.59 -4.59 -25.87
N LEU C 307 30.86 -5.75 -26.48
CA LEU C 307 30.20 -6.99 -26.04
C LEU C 307 30.52 -7.29 -24.58
N GLY C 308 31.80 -7.25 -24.22
CA GLY C 308 32.20 -7.57 -22.85
C GLY C 308 31.65 -6.60 -21.84
N ILE C 309 31.75 -5.30 -22.12
CA ILE C 309 31.25 -4.28 -21.21
C ILE C 309 29.75 -4.42 -21.01
N THR C 310 29.01 -4.62 -22.11
CA THR C 310 27.56 -4.76 -22.00
C THR C 310 27.19 -5.95 -21.14
N THR C 311 27.84 -7.10 -21.35
CA THR C 311 27.52 -8.27 -20.55
C THR C 311 27.81 -8.05 -19.07
N VAL C 312 28.97 -7.45 -18.75
CA VAL C 312 29.33 -7.23 -17.36
C VAL C 312 28.32 -6.31 -16.67
N LEU C 313 28.05 -5.16 -17.29
CA LEU C 313 27.15 -4.20 -16.66
C LEU C 313 25.73 -4.76 -16.55
N THR C 314 25.28 -5.52 -17.55
CA THR C 314 23.94 -6.10 -17.48
C THR C 314 23.84 -7.12 -16.35
N MET C 315 24.91 -7.90 -16.13
CA MET C 315 24.88 -8.84 -15.02
C MET C 315 24.78 -8.11 -13.67
N THR C 316 25.57 -7.04 -13.51
CA THR C 316 25.47 -6.27 -12.27
C THR C 316 24.09 -5.68 -12.09
N THR C 317 23.49 -5.18 -13.18
CA THR C 317 22.15 -4.62 -13.12
C THR C 317 21.13 -5.66 -12.70
N ILE C 318 21.23 -6.87 -13.26
CA ILE C 318 20.31 -7.94 -12.88
C ILE C 318 20.40 -8.19 -11.38
N ASN C 319 21.62 -8.30 -10.86
CA ASN C 319 21.78 -8.61 -9.45
C ASN C 319 21.20 -7.51 -8.56
N THR C 320 21.52 -6.25 -8.87
CA THR C 320 21.04 -5.15 -8.04
C THR C 320 19.51 -5.05 -8.08
N HIS C 321 18.93 -5.14 -9.28
CA HIS C 321 17.48 -5.03 -9.40
C HIS C 321 16.79 -6.15 -8.65
N LEU C 322 17.31 -7.38 -8.74
CA LEU C 322 16.69 -8.49 -8.03
C LEU C 322 16.80 -8.33 -6.52
N ARG C 323 17.97 -7.95 -6.01
CA ARG C 323 18.13 -7.84 -4.56
C ARG C 323 17.35 -6.68 -3.97
N GLU C 324 17.05 -5.64 -4.76
CA GLU C 324 16.34 -4.49 -4.20
C GLU C 324 14.91 -4.80 -3.78
N THR C 325 14.34 -5.92 -4.19
CA THR C 325 12.92 -6.21 -3.96
C THR C 325 12.68 -7.09 -2.73
N LEU C 326 13.69 -7.32 -1.91
CA LEU C 326 13.64 -8.23 -0.78
C LEU C 326 14.09 -7.50 0.48
N PRO C 327 13.84 -8.07 1.66
CA PRO C 327 14.35 -7.46 2.88
C PRO C 327 15.87 -7.45 2.90
N LYS C 328 16.42 -6.47 3.61
CA LYS C 328 17.87 -6.23 3.61
C LYS C 328 18.59 -7.18 4.58
N ILE C 329 18.51 -8.46 4.27
CA ILE C 329 19.20 -9.50 5.05
C ILE C 329 20.69 -9.43 4.75
N PRO C 330 21.55 -9.84 5.70
CA PRO C 330 23.00 -9.73 5.46
C PRO C 330 23.61 -10.89 4.70
N TYR C 331 22.98 -12.06 4.69
CA TYR C 331 23.61 -13.25 4.15
C TYR C 331 23.38 -13.36 2.64
N VAL C 332 24.04 -14.34 2.03
CA VAL C 332 24.01 -14.57 0.60
C VAL C 332 22.99 -15.68 0.30
N LYS C 333 22.13 -15.44 -0.67
CA LYS C 333 21.13 -16.41 -1.08
C LYS C 333 21.65 -17.24 -2.24
N ALA C 334 20.89 -18.29 -2.58
CA ALA C 334 21.28 -19.16 -3.69
C ALA C 334 21.29 -18.41 -5.01
N ILE C 335 20.28 -17.57 -5.24
CA ILE C 335 20.21 -16.79 -6.48
C ILE C 335 21.37 -15.80 -6.55
N ASP C 336 21.79 -15.27 -5.41
CA ASP C 336 22.96 -14.39 -5.38
C ASP C 336 24.23 -15.13 -5.80
N MET C 337 24.40 -16.35 -5.31
CA MET C 337 25.58 -17.12 -5.68
C MET C 337 25.58 -17.46 -7.17
N TYR C 338 24.40 -17.77 -7.71
CA TYR C 338 24.32 -18.02 -9.15
C TYR C 338 24.69 -16.77 -9.95
N LEU C 339 24.13 -15.62 -9.58
CA LEU C 339 24.40 -14.39 -10.31
C LEU C 339 25.87 -14.01 -10.20
N MET C 340 26.49 -14.24 -9.04
CA MET C 340 27.91 -13.92 -8.89
C MET C 340 28.78 -14.85 -9.73
N GLY C 341 28.42 -16.13 -9.83
CA GLY C 341 29.13 -17.01 -10.74
C GLY C 341 29.04 -16.55 -12.19
N CYS C 342 27.84 -16.16 -12.62
CA CYS C 342 27.69 -15.65 -13.98
C CYS C 342 28.49 -14.37 -14.20
N PHE C 343 28.54 -13.50 -13.18
CA PHE C 343 29.36 -12.30 -13.26
C PHE C 343 30.82 -12.66 -13.43
N VAL C 344 31.30 -13.66 -12.68
CA VAL C 344 32.69 -14.08 -12.81
C VAL C 344 32.97 -14.55 -14.22
N PHE C 345 32.04 -15.31 -14.80
CA PHE C 345 32.25 -15.80 -16.17
C PHE C 345 32.34 -14.66 -17.18
N VAL C 346 31.42 -13.69 -17.11
CA VAL C 346 31.45 -12.61 -18.10
C VAL C 346 32.67 -11.71 -17.90
N PHE C 347 33.06 -11.48 -16.65
CA PHE C 347 34.25 -10.68 -16.37
C PHE C 347 35.50 -11.38 -16.88
N LEU C 348 35.55 -12.71 -16.76
CA LEU C 348 36.70 -13.46 -17.27
C LEU C 348 36.75 -13.44 -18.78
N ALA C 349 35.60 -13.46 -19.46
CA ALA C 349 35.60 -13.33 -20.91
C ALA C 349 36.17 -11.97 -21.34
N LEU C 350 35.75 -10.90 -20.64
CA LEU C 350 36.30 -9.59 -20.95
C LEU C 350 37.80 -9.53 -20.69
N LEU C 351 38.26 -10.13 -19.58
CA LEU C 351 39.69 -10.17 -19.29
C LEU C 351 40.45 -10.95 -20.35
N GLU C 352 39.86 -12.03 -20.86
CA GLU C 352 40.48 -12.80 -21.92
C GLU C 352 40.69 -11.96 -23.16
N TYR C 353 39.67 -11.18 -23.55
CA TYR C 353 39.89 -10.30 -24.70
C TYR C 353 40.95 -9.24 -24.39
N ALA C 354 40.97 -8.72 -23.17
CA ALA C 354 41.98 -7.73 -22.83
C ALA C 354 43.39 -8.29 -23.01
N PHE C 355 43.61 -9.52 -22.55
CA PHE C 355 44.92 -10.15 -22.72
C PHE C 355 45.25 -10.37 -24.19
N VAL C 356 44.28 -10.88 -24.96
CA VAL C 356 44.54 -11.12 -26.38
C VAL C 356 44.88 -9.83 -27.10
N ASN C 357 44.13 -8.76 -26.83
CA ASN C 357 44.45 -7.45 -27.39
C ASN C 357 45.83 -6.98 -26.95
N TYR C 358 46.24 -7.34 -25.73
CA TYR C 358 47.55 -6.93 -25.24
C TYR C 358 48.68 -7.61 -25.99
N ILE C 359 48.51 -8.88 -26.37
CA ILE C 359 49.63 -9.66 -26.90
C ILE C 359 49.62 -9.86 -28.41
N PHE C 360 48.53 -9.51 -29.12
CA PHE C 360 48.39 -10.01 -30.48
C PHE C 360 49.27 -9.29 -31.51
N PHE C 361 49.80 -8.11 -31.19
CA PHE C 361 50.63 -7.42 -32.17
C PHE C 361 52.05 -7.98 -32.25
N SER C 362 52.51 -8.70 -31.23
CA SER C 362 53.81 -9.34 -31.27
C SER C 362 53.74 -10.86 -31.29
N GLN C 363 52.64 -11.45 -30.84
CA GLN C 363 52.45 -12.91 -30.83
C GLN C 363 51.06 -13.25 -31.32
N PRO C 364 50.77 -13.06 -32.62
CA PRO C 364 49.43 -13.34 -33.14
C PRO C 364 49.01 -14.80 -33.01
N ALA C 365 49.93 -15.74 -33.16
CA ALA C 365 49.58 -17.15 -33.07
C ALA C 365 49.11 -17.52 -31.68
N ARG C 366 49.78 -17.00 -30.65
CA ARG C 366 49.35 -17.26 -29.28
C ARG C 366 47.96 -16.69 -29.02
N ALA C 367 47.69 -15.48 -29.53
CA ALA C 367 46.37 -14.88 -29.35
C ALA C 367 45.29 -15.69 -30.04
N ALA C 368 45.57 -16.16 -31.26
CA ALA C 368 44.61 -17.00 -31.97
C ALA C 368 44.35 -18.30 -31.23
N ALA C 369 45.41 -18.91 -30.68
CA ALA C 369 45.23 -20.13 -29.90
C ALA C 369 44.40 -19.88 -28.64
N ILE C 370 44.60 -18.73 -28.00
CA ILE C 370 43.84 -18.42 -26.78
C ILE C 370 42.36 -18.27 -27.11
N ASP C 371 42.04 -17.55 -28.18
CA ASP C 371 40.63 -17.44 -28.58
C ASP C 371 40.06 -18.81 -28.92
N ARG C 372 40.83 -19.61 -29.66
CA ARG C 372 40.37 -20.93 -30.07
C ARG C 372 40.08 -21.82 -28.87
N TRP C 373 40.92 -21.76 -27.85
CA TRP C 373 40.69 -22.56 -26.66
C TRP C 373 39.56 -22.01 -25.78
N SER C 374 39.40 -20.68 -25.74
CA SER C 374 38.31 -20.11 -24.95
C SER C 374 36.97 -20.56 -25.50
N ARG C 375 36.86 -20.64 -26.84
CA ARG C 375 35.62 -21.09 -27.46
C ARG C 375 35.13 -22.41 -26.88
N ILE C 376 36.06 -23.33 -26.60
CA ILE C 376 35.68 -24.63 -26.05
C ILE C 376 35.58 -24.60 -24.54
N VAL C 377 36.50 -23.89 -23.88
CA VAL C 377 36.62 -23.97 -22.44
C VAL C 377 35.45 -23.29 -21.73
N PHE C 378 35.05 -22.11 -22.18
CA PHE C 378 34.03 -21.38 -21.44
C PHE C 378 32.70 -22.12 -21.37
N PRO C 379 32.13 -22.65 -22.46
CA PRO C 379 30.88 -23.42 -22.32
C PRO C 379 31.02 -24.65 -21.42
N PHE C 380 32.17 -25.31 -21.45
CA PHE C 380 32.37 -26.51 -20.64
C PHE C 380 32.36 -26.17 -19.15
N THR C 381 33.12 -25.15 -18.75
CA THR C 381 33.13 -24.75 -17.35
C THR C 381 31.79 -24.18 -16.91
N PHE C 382 31.07 -23.48 -17.80
CA PHE C 382 29.74 -23.01 -17.42
C PHE C 382 28.79 -24.19 -17.20
N SER C 383 28.89 -25.22 -18.03
CA SER C 383 28.06 -26.41 -17.83
C SER C 383 28.40 -27.11 -16.52
N LEU C 384 29.69 -27.21 -16.20
CA LEU C 384 30.08 -27.80 -14.91
C LEU C 384 29.54 -26.98 -13.74
N PHE C 385 29.64 -25.65 -13.83
CA PHE C 385 29.12 -24.79 -12.76
C PHE C 385 27.62 -25.01 -12.59
N ASN C 386 26.87 -25.05 -13.69
CA ASN C 386 25.44 -25.25 -13.60
C ASN C 386 25.10 -26.63 -13.04
N LEU C 387 25.84 -27.66 -13.45
CA LEU C 387 25.59 -29.00 -12.93
C LEU C 387 25.79 -29.05 -11.43
N VAL C 388 26.90 -28.48 -10.95
CA VAL C 388 27.19 -28.49 -9.51
C VAL C 388 26.17 -27.68 -8.74
N TYR C 389 25.83 -26.49 -9.25
CA TYR C 389 24.87 -25.63 -8.56
C TYR C 389 23.51 -26.31 -8.44
N TRP C 390 23.00 -26.86 -9.54
CA TRP C 390 21.67 -27.45 -9.52
C TRP C 390 21.65 -28.80 -8.81
N LEU C 391 22.78 -29.48 -8.70
CA LEU C 391 22.82 -30.67 -7.84
C LEU C 391 22.83 -30.30 -6.37
N TYR C 392 23.60 -29.28 -5.99
CA TYR C 392 23.66 -28.89 -4.59
C TYR C 392 22.34 -28.33 -4.10
N TYR C 393 21.67 -27.51 -4.91
CA TYR C 393 20.44 -26.86 -4.43
C TYR C 393 19.17 -27.63 -4.75
N VAL C 394 19.25 -28.71 -5.51
CA VAL C 394 18.08 -29.56 -5.73
C VAL C 394 18.41 -31.00 -5.32
N THR D 65 -20.44 -19.76 43.46
CA THR D 65 -20.34 -18.68 42.49
C THR D 65 -21.00 -17.40 43.01
N THR D 66 -22.15 -17.55 43.65
CA THR D 66 -22.86 -16.38 44.16
C THR D 66 -22.06 -15.65 45.24
N VAL D 67 -21.22 -16.38 45.98
CA VAL D 67 -20.34 -15.73 46.95
C VAL D 67 -19.42 -14.74 46.25
N PHE D 68 -18.83 -15.15 45.12
CA PHE D 68 -17.92 -14.26 44.41
C PHE D 68 -18.67 -13.10 43.77
N THR D 69 -19.89 -13.35 43.27
CA THR D 69 -20.70 -12.26 42.75
C THR D 69 -20.99 -11.22 43.83
N ARG D 70 -21.32 -11.68 45.04
CA ARG D 70 -21.58 -10.75 46.14
C ARG D 70 -20.31 -10.01 46.54
N ILE D 71 -19.17 -10.69 46.54
CA ILE D 71 -17.91 -10.01 46.84
C ILE D 71 -17.63 -8.90 45.83
N LEU D 72 -17.79 -9.22 44.54
CA LEU D 72 -17.54 -8.23 43.50
C LEU D 72 -18.51 -7.07 43.60
N ASP D 73 -19.79 -7.35 43.90
CA ASP D 73 -20.77 -6.27 44.03
C ASP D 73 -20.47 -5.40 45.25
N ARG D 74 -19.91 -5.98 46.30
CA ARG D 74 -19.53 -5.18 47.47
C ARG D 74 -18.29 -4.35 47.22
N LEU D 75 -17.34 -4.87 46.44
CA LEU D 75 -16.15 -4.08 46.11
C LEU D 75 -16.54 -2.84 45.29
N LEU D 76 -17.48 -2.99 44.37
CA LEU D 76 -17.87 -1.91 43.48
C LEU D 76 -18.97 -1.03 44.03
N ASP D 77 -19.42 -1.27 45.27
CA ASP D 77 -20.46 -0.44 45.88
C ASP D 77 -19.84 0.80 46.48
N GLY D 78 -20.20 1.97 45.96
CA GLY D 78 -19.62 3.21 46.42
C GLY D 78 -18.18 3.44 46.01
N TYR D 79 -17.74 2.81 44.92
CA TYR D 79 -16.37 2.93 44.44
C TYR D 79 -16.34 3.97 43.32
N ASP D 80 -15.53 5.02 43.50
CA ASP D 80 -15.38 6.07 42.51
C ASP D 80 -14.09 5.83 41.74
N ASN D 81 -14.21 5.50 40.46
CA ASN D 81 -13.03 5.22 39.64
C ASN D 81 -12.40 6.49 39.08
N ARG D 82 -12.95 7.66 39.39
CA ARG D 82 -12.31 8.92 39.04
C ARG D 82 -11.17 9.26 39.99
N LEU D 83 -11.10 8.60 41.13
CA LEU D 83 -10.14 8.95 42.17
C LEU D 83 -9.05 7.90 42.23
N ARG D 84 -7.80 8.35 42.21
CA ARG D 84 -6.68 7.45 42.38
C ARG D 84 -6.64 6.92 43.81
N PRO D 85 -6.07 5.74 44.01
CA PRO D 85 -5.91 5.22 45.38
C PRO D 85 -5.02 6.12 46.21
N GLY D 86 -5.46 6.40 47.43
CA GLY D 86 -4.70 7.29 48.30
C GLY D 86 -4.77 8.75 47.96
N LEU D 87 -5.81 9.19 47.25
CA LEU D 87 -5.93 10.58 46.87
C LEU D 87 -6.04 11.47 48.09
N GLY D 88 -5.17 12.47 48.18
CA GLY D 88 -5.15 13.39 49.30
C GLY D 88 -4.43 12.87 50.53
N GLU D 89 -3.92 11.65 50.51
CA GLU D 89 -3.28 11.05 51.67
C GLU D 89 -1.83 10.66 51.42
N ARG D 90 -1.54 9.98 50.31
CA ARG D 90 -0.18 9.58 50.00
C ARG D 90 -0.04 9.41 48.49
N VAL D 91 1.15 8.95 48.07
CA VAL D 91 1.49 8.81 46.66
C VAL D 91 1.19 7.39 46.20
N THR D 92 0.53 7.27 45.05
CA THR D 92 0.29 5.96 44.45
C THR D 92 1.58 5.46 43.81
N GLU D 93 2.04 4.28 44.21
CA GLU D 93 3.26 3.69 43.69
C GLU D 93 2.90 2.56 42.74
N VAL D 94 3.35 2.68 41.49
CA VAL D 94 3.08 1.68 40.46
C VAL D 94 4.39 0.97 40.15
N LYS D 95 4.37 -0.34 40.28
CA LYS D 95 5.52 -1.17 39.92
C LYS D 95 5.30 -1.73 38.52
N THR D 96 6.31 -1.60 37.66
CA THR D 96 6.15 -1.86 36.24
C THR D 96 7.21 -2.84 35.76
N ASP D 97 6.83 -3.73 34.86
CA ASP D 97 7.81 -4.53 34.14
C ASP D 97 7.30 -4.81 32.72
N ILE D 98 8.25 -5.14 31.85
CA ILE D 98 7.99 -5.30 30.43
C ILE D 98 8.57 -6.64 29.98
N PHE D 99 7.77 -7.42 29.25
CA PHE D 99 8.25 -8.61 28.57
C PHE D 99 8.12 -8.38 27.07
N VAL D 100 9.26 -8.26 26.38
CA VAL D 100 9.29 -8.03 24.95
C VAL D 100 9.16 -9.38 24.24
N THR D 101 8.03 -9.58 23.57
CA THR D 101 7.83 -10.82 22.83
C THR D 101 8.45 -10.76 21.43
N SER D 102 8.59 -9.57 20.86
CA SER D 102 9.25 -9.42 19.58
C SER D 102 9.77 -8.00 19.46
N PHE D 103 11.05 -7.86 19.12
CA PHE D 103 11.64 -6.56 18.85
C PHE D 103 11.61 -6.38 17.35
N GLY D 104 10.60 -5.65 16.87
CA GLY D 104 10.25 -5.64 15.48
C GLY D 104 11.24 -4.89 14.63
N PRO D 105 10.88 -4.68 13.36
CA PRO D 105 11.82 -4.06 12.41
C PRO D 105 12.15 -2.63 12.79
N VAL D 106 13.35 -2.22 12.41
CA VAL D 106 13.80 -0.83 12.52
C VAL D 106 13.72 -0.19 11.14
N SER D 107 13.19 1.02 11.08
CA SER D 107 13.05 1.76 9.84
C SER D 107 13.97 2.98 9.89
N ASP D 108 14.94 3.04 8.98
CA ASP D 108 15.84 4.19 8.91
C ASP D 108 15.18 5.38 8.22
N HIS D 109 14.33 5.14 7.22
CA HIS D 109 13.69 6.23 6.51
C HIS D 109 12.77 7.02 7.44
N ASP D 110 11.99 6.33 8.27
CA ASP D 110 11.08 6.98 9.19
C ASP D 110 11.71 7.28 10.54
N MET D 111 12.90 6.76 10.82
CA MET D 111 13.58 6.92 12.10
C MET D 111 12.70 6.45 13.26
N GLU D 112 12.31 5.18 13.18
CA GLU D 112 11.40 4.60 14.16
C GLU D 112 11.66 3.11 14.25
N TYR D 113 11.10 2.49 15.28
CA TYR D 113 11.16 1.05 15.44
C TYR D 113 9.85 0.56 16.03
N THR D 114 9.61 -0.74 15.91
CA THR D 114 8.39 -1.39 16.38
C THR D 114 8.76 -2.39 17.47
N ILE D 115 7.91 -2.52 18.48
CA ILE D 115 8.17 -3.46 19.57
C ILE D 115 6.83 -4.00 20.08
N ASP D 116 6.81 -5.29 20.38
CA ASP D 116 5.63 -5.97 20.92
C ASP D 116 5.90 -6.37 22.35
N VAL D 117 5.06 -5.93 23.28
CA VAL D 117 5.32 -6.14 24.69
C VAL D 117 4.08 -6.64 25.42
N PHE D 118 4.33 -7.39 26.48
CA PHE D 118 3.43 -7.50 27.62
C PHE D 118 3.84 -6.42 28.60
N PHE D 119 2.98 -5.43 28.81
CA PHE D 119 3.21 -4.33 29.72
C PHE D 119 2.46 -4.62 31.02
N ARG D 120 3.19 -4.70 32.13
CA ARG D 120 2.64 -5.13 33.40
C ARG D 120 2.78 -4.01 34.42
N GLN D 121 1.67 -3.66 35.07
CA GLN D 121 1.62 -2.67 36.12
C GLN D 121 0.99 -3.28 37.35
N SER D 122 1.42 -2.83 38.52
CA SER D 122 0.93 -3.38 39.77
C SER D 122 0.87 -2.27 40.81
N TRP D 123 -0.24 -2.21 41.53
CA TRP D 123 -0.35 -1.19 42.58
C TRP D 123 -1.25 -1.71 43.69
N LYS D 124 -1.51 -0.85 44.66
CA LYS D 124 -2.29 -1.20 45.84
C LYS D 124 -3.49 -0.27 45.94
N ASP D 125 -4.67 -0.84 46.12
CA ASP D 125 -5.90 -0.06 46.32
C ASP D 125 -6.61 -0.62 47.54
N GLU D 126 -6.61 0.15 48.64
CA GLU D 126 -7.24 -0.32 49.87
C GLU D 126 -8.73 -0.56 49.69
N ARG D 127 -9.37 0.16 48.77
CA ARG D 127 -10.81 0.02 48.56
C ARG D 127 -11.20 -1.34 48.01
N LEU D 128 -10.24 -2.15 47.55
CA LEU D 128 -10.52 -3.42 46.91
C LEU D 128 -10.10 -4.62 47.77
N LYS D 129 -9.96 -4.42 49.08
CA LYS D 129 -9.72 -5.54 49.98
C LYS D 129 -10.97 -6.42 50.07
N PHE D 130 -10.75 -7.72 50.22
CA PHE D 130 -11.84 -8.66 50.36
C PHE D 130 -11.38 -9.83 51.21
N LYS D 131 -12.34 -10.64 51.63
CA LYS D 131 -12.08 -11.88 52.38
C LYS D 131 -13.00 -12.95 51.82
N GLY D 132 -12.43 -14.02 51.29
CA GLY D 132 -13.21 -15.08 50.70
C GLY D 132 -12.47 -16.39 50.66
N PRO D 133 -13.10 -17.42 50.09
CA PRO D 133 -12.41 -18.72 49.97
C PRO D 133 -11.16 -18.68 49.12
N MET D 134 -11.12 -17.83 48.09
CA MET D 134 -9.94 -17.72 47.25
C MET D 134 -9.11 -16.51 47.67
N THR D 135 -7.81 -16.60 47.42
CA THR D 135 -6.89 -15.50 47.73
C THR D 135 -6.75 -14.51 46.58
N VAL D 136 -6.78 -14.97 45.33
CA VAL D 136 -6.62 -14.10 44.17
C VAL D 136 -7.80 -14.30 43.24
N LEU D 137 -8.45 -13.19 42.87
CA LEU D 137 -9.49 -13.19 41.86
C LEU D 137 -8.87 -12.84 40.51
N ARG D 138 -8.93 -13.77 39.57
CA ARG D 138 -8.42 -13.57 38.21
C ARG D 138 -9.62 -13.24 37.33
N LEU D 139 -9.87 -11.95 37.13
CA LEU D 139 -11.17 -11.52 36.64
C LEU D 139 -11.14 -11.23 35.14
N ASN D 140 -12.35 -11.21 34.56
CA ASN D 140 -12.52 -10.76 33.19
C ASN D 140 -12.12 -9.30 33.06
N ASN D 141 -11.42 -8.96 31.98
CA ASN D 141 -10.80 -7.65 31.88
C ASN D 141 -11.83 -6.53 31.81
N LEU D 142 -13.11 -6.85 31.61
CA LEU D 142 -14.17 -5.85 31.75
C LEU D 142 -14.11 -5.16 33.10
N MET D 143 -13.79 -5.91 34.15
CA MET D 143 -13.65 -5.33 35.49
C MET D 143 -12.63 -4.20 35.50
N ALA D 144 -11.60 -4.27 34.66
CA ALA D 144 -10.59 -3.22 34.64
C ALA D 144 -11.17 -1.88 34.23
N SER D 145 -12.27 -1.87 33.48
CA SER D 145 -12.91 -0.61 33.11
C SER D 145 -13.78 -0.04 34.21
N LYS D 146 -13.96 -0.76 35.33
CA LYS D 146 -14.80 -0.29 36.42
C LYS D 146 -14.01 0.14 37.64
N ILE D 147 -12.68 0.06 37.60
CA ILE D 147 -11.83 0.49 38.68
C ILE D 147 -10.86 1.53 38.14
N TRP D 148 -10.15 2.18 39.05
CA TRP D 148 -9.09 3.09 38.66
C TRP D 148 -7.89 2.31 38.13
N THR D 149 -7.26 2.84 37.09
CA THR D 149 -6.01 2.33 36.57
C THR D 149 -5.12 3.53 36.25
N PRO D 150 -3.81 3.33 36.19
CA PRO D 150 -2.91 4.43 35.80
C PRO D 150 -3.09 4.82 34.34
N ASP D 151 -2.78 6.08 34.05
CA ASP D 151 -2.87 6.62 32.69
C ASP D 151 -1.49 6.65 32.00
N THR D 152 -0.87 5.49 31.91
CA THR D 152 0.48 5.41 31.38
C THR D 152 0.49 5.59 29.86
N PHE D 153 1.44 6.38 29.38
CA PHE D 153 1.63 6.58 27.95
C PHE D 153 3.11 6.57 27.62
N PHE D 154 3.42 6.33 26.36
CA PHE D 154 4.79 6.27 25.88
C PHE D 154 5.15 7.62 25.26
N HIS D 155 6.14 8.29 25.86
CA HIS D 155 6.43 9.67 25.50
C HIS D 155 6.87 9.80 24.04
N ASN D 156 7.65 8.84 23.56
CA ASN D 156 8.14 8.87 22.18
C ASN D 156 7.39 7.90 21.28
N GLY D 157 6.16 7.55 21.63
CA GLY D 157 5.36 6.70 20.78
C GLY D 157 4.73 7.48 19.63
N LYS D 158 4.61 6.82 18.49
CA LYS D 158 4.07 7.45 17.28
C LYS D 158 2.62 7.07 17.05
N LYS D 159 2.34 5.76 16.95
CA LYS D 159 0.97 5.29 16.86
C LYS D 159 0.98 3.83 17.31
N SER D 160 0.43 3.56 18.49
CA SER D 160 0.47 2.25 19.09
C SER D 160 -0.89 1.58 19.00
N VAL D 161 -0.90 0.27 19.23
CA VAL D 161 -2.10 -0.55 19.15
C VAL D 161 -2.23 -1.37 20.42
N ALA D 162 -3.37 -1.25 21.09
CA ALA D 162 -3.77 -2.19 22.13
C ALA D 162 -4.56 -3.30 21.46
N HIS D 163 -3.99 -4.50 21.45
CA HIS D 163 -4.57 -5.60 20.67
C HIS D 163 -5.94 -6.01 21.23
N ASN D 164 -6.85 -6.33 20.31
CA ASN D 164 -8.25 -6.50 20.63
C ASN D 164 -8.86 -7.80 20.13
N MET D 165 -8.08 -8.70 19.56
CA MET D 165 -8.57 -9.95 18.98
C MET D 165 -8.13 -11.12 19.86
N THR D 166 -9.07 -12.01 20.20
CA THR D 166 -10.48 -11.94 19.83
C THR D 166 -11.26 -11.09 20.82
N MET D 167 -10.61 -10.79 21.93
CA MET D 167 -11.12 -9.95 23.01
C MET D 167 -9.99 -9.00 23.40
N PRO D 168 -10.23 -7.96 24.20
CA PRO D 168 -9.13 -7.11 24.64
C PRO D 168 -8.06 -7.92 25.34
N ASN D 169 -6.82 -7.79 24.86
CA ASN D 169 -5.69 -8.55 25.40
C ASN D 169 -5.23 -7.93 26.72
N LYS D 170 -6.10 -8.02 27.72
CA LYS D 170 -5.86 -7.47 29.04
C LYS D 170 -6.19 -8.49 30.11
N LEU D 171 -5.53 -8.36 31.25
CA LEU D 171 -5.81 -9.22 32.39
C LEU D 171 -5.74 -8.42 33.67
N LEU D 172 -6.69 -8.69 34.57
CA LEU D 172 -6.75 -8.06 35.89
C LEU D 172 -6.81 -9.16 36.95
N ARG D 173 -5.96 -9.03 37.97
CA ARG D 173 -5.98 -9.92 39.12
C ARG D 173 -5.96 -9.10 40.39
N ILE D 174 -6.83 -9.46 41.33
CA ILE D 174 -6.98 -8.75 42.60
C ILE D 174 -6.64 -9.73 43.72
N THR D 175 -5.66 -9.37 44.53
CA THR D 175 -5.32 -10.13 45.72
C THR D 175 -6.11 -9.60 46.92
N GLU D 176 -6.30 -10.46 47.92
CA GLU D 176 -7.19 -10.12 49.03
C GLU D 176 -6.67 -8.94 49.85
N ASP D 177 -5.38 -8.65 49.79
CA ASP D 177 -4.82 -7.50 50.50
C ASP D 177 -5.00 -6.19 49.75
N GLY D 178 -5.70 -6.20 48.62
CA GLY D 178 -5.90 -4.99 47.84
C GLY D 178 -4.85 -4.72 46.78
N THR D 179 -4.10 -5.73 46.37
CA THR D 179 -3.07 -5.56 45.36
C THR D 179 -3.62 -5.92 43.99
N LEU D 180 -3.37 -5.06 43.02
CA LEU D 180 -3.86 -5.24 41.66
C LEU D 180 -2.68 -5.48 40.71
N LEU D 181 -2.83 -6.50 39.88
CA LEU D 181 -1.93 -6.78 38.77
C LEU D 181 -2.71 -6.57 37.48
N TYR D 182 -2.19 -5.73 36.60
CA TYR D 182 -2.87 -5.29 35.40
C TYR D 182 -1.91 -5.41 34.22
N THR D 183 -2.25 -6.26 33.27
CA THR D 183 -1.34 -6.52 32.16
C THR D 183 -2.05 -6.33 30.83
N MET D 184 -1.33 -5.80 29.84
CA MET D 184 -1.89 -5.62 28.52
C MET D 184 -0.84 -5.92 27.46
N ARG D 185 -1.32 -6.25 26.27
CA ARG D 185 -0.46 -6.61 25.15
C ARG D 185 -0.48 -5.48 24.13
N LEU D 186 0.70 -4.95 23.81
CA LEU D 186 0.80 -3.73 23.02
C LEU D 186 1.78 -3.91 21.88
N THR D 187 1.50 -3.23 20.78
CA THR D 187 2.48 -2.97 19.73
C THR D 187 2.76 -1.48 19.71
N VAL D 188 4.00 -1.10 19.97
CA VAL D 188 4.40 0.29 20.11
C VAL D 188 5.35 0.63 18.97
N ARG D 189 5.01 1.67 18.21
CA ARG D 189 5.91 2.29 17.26
C ARG D 189 6.53 3.51 17.92
N ALA D 190 7.85 3.53 18.04
CA ALA D 190 8.53 4.56 18.80
C ALA D 190 9.58 5.25 17.94
N GLU D 191 9.87 6.50 18.30
CA GLU D 191 10.86 7.30 17.59
C GLU D 191 12.27 6.94 18.04
N CYS D 192 13.15 6.71 17.08
CA CYS D 192 14.58 6.49 17.35
C CYS D 192 15.38 7.42 16.47
N PRO D 193 15.81 8.57 16.99
CA PRO D 193 16.68 9.46 16.21
C PRO D 193 18.02 8.80 15.95
N MET D 194 18.47 8.86 14.70
CA MET D 194 19.70 8.18 14.28
C MET D 194 20.71 9.19 13.77
N HIS D 195 21.96 9.00 14.17
CA HIS D 195 23.09 9.75 13.62
C HIS D 195 23.78 8.86 12.60
N LEU D 196 23.62 9.17 11.31
CA LEU D 196 24.04 8.30 10.23
C LEU D 196 25.38 8.70 9.63
N GLU D 197 26.25 9.34 10.40
CA GLU D 197 27.55 9.74 9.85
C GLU D 197 28.44 8.54 9.58
N ASP D 198 28.27 7.45 10.33
CA ASP D 198 29.07 6.25 10.15
C ASP D 198 28.35 5.19 9.34
N PHE D 199 27.24 5.52 8.72
CA PHE D 199 26.47 4.55 7.95
C PHE D 199 27.34 3.98 6.82
N PRO D 200 27.29 2.68 6.57
CA PRO D 200 26.46 1.64 7.21
C PRO D 200 27.17 0.89 8.33
N MET D 201 28.14 1.51 9.01
CA MET D 201 28.87 0.88 10.09
C MET D 201 28.56 1.56 11.43
N ASP D 202 27.30 1.89 11.63
CA ASP D 202 26.86 2.71 12.74
C ASP D 202 26.11 1.88 13.77
N ALA D 203 25.95 2.45 14.96
CA ALA D 203 25.24 1.83 16.06
C ALA D 203 24.33 2.87 16.71
N HIS D 204 23.23 2.41 17.28
CA HIS D 204 22.22 3.30 17.82
C HIS D 204 21.74 2.83 19.19
N ALA D 205 21.18 3.77 19.95
CA ALA D 205 20.54 3.50 21.23
C ALA D 205 19.09 3.96 21.11
N CYS D 206 18.21 3.05 20.75
CA CYS D 206 16.80 3.39 20.58
C CYS D 206 16.08 3.44 21.93
N PRO D 207 15.50 4.56 22.30
CA PRO D 207 14.85 4.67 23.62
C PRO D 207 13.37 4.30 23.58
N LEU D 208 12.88 3.88 24.74
CA LEU D 208 11.46 3.68 25.00
C LEU D 208 11.17 4.30 26.36
N LYS D 209 10.40 5.37 26.37
CA LYS D 209 10.12 6.13 27.59
C LYS D 209 8.63 6.11 27.86
N PHE D 210 8.25 5.92 29.11
CA PHE D 210 6.84 5.94 29.47
C PHE D 210 6.65 6.59 30.83
N GLY D 211 5.41 6.97 31.09
CA GLY D 211 5.08 7.59 32.36
C GLY D 211 3.63 8.01 32.37
N SER D 212 3.25 8.64 33.48
CA SER D 212 1.88 9.11 33.64
C SER D 212 1.62 10.33 32.78
N TYR D 213 0.42 10.40 32.19
CA TYR D 213 0.07 11.57 31.41
C TYR D 213 -0.40 12.72 32.27
N ALA D 214 -1.24 12.45 33.27
CA ALA D 214 -1.91 13.51 34.01
C ALA D 214 -1.51 13.64 35.47
N TYR D 215 -0.83 12.65 36.04
CA TYR D 215 -0.48 12.66 37.45
C TYR D 215 0.98 13.02 37.63
N THR D 216 1.24 14.05 38.43
CA THR D 216 2.60 14.49 38.69
C THR D 216 3.27 13.58 39.70
N ARG D 217 4.55 13.83 39.97
CA ARG D 217 5.32 12.97 40.87
C ARG D 217 4.81 13.02 42.29
N ALA D 218 4.03 14.04 42.65
CA ALA D 218 3.43 14.12 43.98
C ALA D 218 2.20 13.23 44.13
N GLU D 219 1.74 12.61 43.06
CA GLU D 219 0.57 11.74 43.08
C GLU D 219 0.86 10.32 42.63
N VAL D 220 1.68 10.13 41.60
CA VAL D 220 2.00 8.81 41.06
C VAL D 220 3.50 8.73 40.83
N VAL D 221 4.11 7.65 41.31
CA VAL D 221 5.51 7.35 41.05
C VAL D 221 5.60 5.95 40.47
N TYR D 222 6.52 5.76 39.53
CA TYR D 222 6.75 4.47 38.92
C TYR D 222 8.07 3.90 39.42
N GLU D 223 8.06 2.60 39.70
CA GLU D 223 9.24 1.86 40.09
C GLU D 223 9.29 0.59 39.27
N TRP D 224 10.50 0.08 39.05
CA TRP D 224 10.65 -1.21 38.40
C TRP D 224 10.37 -2.32 39.40
N THR D 225 9.68 -3.36 38.93
CA THR D 225 9.19 -4.41 39.83
C THR D 225 10.33 -5.06 40.61
N ARG D 226 11.38 -5.45 39.92
CA ARG D 226 12.60 -6.00 40.50
C ARG D 226 13.75 -5.07 40.12
N GLU D 227 14.97 -5.55 40.30
CA GLU D 227 16.13 -4.75 39.93
C GLU D 227 15.99 -4.28 38.48
N PRO D 228 16.36 -3.02 38.18
CA PRO D 228 16.03 -2.46 36.86
C PRO D 228 16.54 -3.28 35.69
N ALA D 229 17.72 -3.89 35.82
CA ALA D 229 18.23 -4.71 34.73
C ALA D 229 17.34 -5.92 34.45
N ARG D 230 16.73 -6.49 35.49
CA ARG D 230 15.90 -7.68 35.35
C ARG D 230 14.43 -7.36 35.11
N SER D 231 14.05 -6.09 35.06
CA SER D 231 12.64 -5.75 34.89
C SER D 231 12.19 -5.73 33.44
N VAL D 232 13.09 -5.46 32.51
CA VAL D 232 12.79 -5.57 31.08
C VAL D 232 13.40 -6.86 30.57
N VAL D 233 12.57 -7.77 30.08
CA VAL D 233 13.02 -9.10 29.69
C VAL D 233 12.65 -9.34 28.23
N VAL D 234 13.63 -9.69 27.41
CA VAL D 234 13.44 -9.92 25.98
C VAL D 234 13.43 -11.43 25.73
N ALA D 235 12.43 -11.88 24.99
CA ALA D 235 12.30 -13.31 24.69
C ALA D 235 13.45 -13.79 23.82
N GLU D 236 13.75 -15.08 23.93
CA GLU D 236 14.90 -15.66 23.23
C GLU D 236 14.71 -15.60 21.71
N ASP D 237 13.58 -16.08 21.22
CA ASP D 237 13.32 -16.14 19.79
C ASP D 237 12.40 -15.02 19.31
N GLY D 238 12.49 -13.86 19.94
CA GLY D 238 11.62 -12.75 19.60
C GLY D 238 12.31 -11.64 18.84
N SER D 239 13.13 -12.00 17.86
CA SER D 239 13.80 -11.01 17.02
C SER D 239 13.16 -11.00 15.65
N ARG D 240 12.55 -9.88 15.30
CA ARG D 240 12.09 -9.62 13.94
C ARG D 240 13.02 -8.66 13.21
N LEU D 241 14.25 -8.52 13.69
CA LEU D 241 15.23 -7.65 13.05
C LEU D 241 15.86 -8.31 11.85
N ASN D 242 16.02 -7.54 10.77
CA ASN D 242 16.64 -8.02 9.55
C ASN D 242 18.10 -7.57 9.41
N GLN D 243 18.35 -6.26 9.52
CA GLN D 243 19.69 -5.72 9.31
C GLN D 243 20.31 -5.18 10.59
N TYR D 244 19.86 -5.62 11.75
CA TYR D 244 20.39 -5.13 13.01
C TYR D 244 20.59 -6.29 13.97
N ASP D 245 21.46 -6.07 14.95
CA ASP D 245 21.66 -6.98 16.07
C ASP D 245 21.34 -6.23 17.36
N LEU D 246 20.58 -6.87 18.22
CA LEU D 246 20.23 -6.30 19.52
C LEU D 246 21.31 -6.72 20.52
N LEU D 247 22.22 -5.79 20.82
CA LEU D 247 23.35 -6.09 21.69
C LEU D 247 22.96 -6.16 23.16
N GLY D 248 21.99 -5.38 23.59
CA GLY D 248 21.58 -5.36 24.97
C GLY D 248 20.67 -4.17 25.23
N GLN D 249 20.38 -3.95 26.51
CA GLN D 249 19.57 -2.81 26.87
C GLN D 249 19.94 -2.32 28.27
N THR D 250 19.76 -1.01 28.48
CA THR D 250 19.93 -0.39 29.79
C THR D 250 18.59 0.18 30.24
N VAL D 251 18.41 0.25 31.55
CA VAL D 251 17.13 0.59 32.17
C VAL D 251 17.36 1.67 33.21
N ASP D 252 16.54 2.72 33.19
CA ASP D 252 16.75 3.85 34.08
C ASP D 252 15.42 4.54 34.36
N SER D 253 15.46 5.50 35.30
CA SER D 253 14.29 6.29 35.65
C SER D 253 14.73 7.71 35.98
N GLY D 254 13.79 8.64 35.91
CA GLY D 254 14.12 10.04 36.14
C GLY D 254 12.89 10.90 36.22
N ILE D 255 13.12 12.21 36.19
CA ILE D 255 12.07 13.22 36.30
C ILE D 255 12.13 14.11 35.08
N VAL D 256 10.97 14.44 34.52
CA VAL D 256 10.86 15.37 33.40
C VAL D 256 9.87 16.47 33.78
N GLN D 257 10.25 17.71 33.51
CA GLN D 257 9.43 18.87 33.85
CA GLN D 257 9.43 18.87 33.85
C GLN D 257 8.87 19.49 32.58
N SER D 258 7.55 19.72 32.58
CA SER D 258 6.87 20.35 31.47
C SER D 258 5.93 21.41 32.01
N SER D 259 5.17 22.03 31.10
CA SER D 259 4.37 23.19 31.48
C SER D 259 3.37 22.88 32.59
N THR D 260 2.93 21.63 32.69
CA THR D 260 1.96 21.24 33.69
C THR D 260 2.56 20.68 34.98
N GLY D 261 3.86 20.46 35.04
CA GLY D 261 4.47 20.03 36.28
C GLY D 261 5.58 19.02 36.04
N GLU D 262 5.95 18.33 37.12
CA GLU D 262 7.02 17.34 37.11
C GLU D 262 6.44 15.94 37.11
N TYR D 263 7.00 15.08 36.26
CA TYR D 263 6.48 13.73 36.04
C TYR D 263 7.62 12.72 36.11
N VAL D 264 7.31 11.55 36.62
CA VAL D 264 8.24 10.43 36.63
C VAL D 264 8.27 9.80 35.24
N VAL D 265 9.47 9.50 34.75
CA VAL D 265 9.64 8.87 33.45
C VAL D 265 10.53 7.63 33.62
N MET D 266 10.13 6.53 33.01
CA MET D 266 10.93 5.31 32.98
C MET D 266 11.46 5.11 31.55
N THR D 267 12.76 4.83 31.43
CA THR D 267 13.44 4.77 30.16
C THR D 267 14.13 3.43 29.99
N THR D 268 14.05 2.87 28.78
CA THR D 268 14.81 1.69 28.39
C THR D 268 15.49 1.97 27.07
N HIS D 269 16.81 1.88 27.03
CA HIS D 269 17.56 2.04 25.79
C HIS D 269 17.97 0.67 25.27
N PHE D 270 17.60 0.38 24.03
CA PHE D 270 18.03 -0.83 23.33
C PHE D 270 19.18 -0.49 22.40
N HIS D 271 20.28 -1.22 22.51
CA HIS D 271 21.48 -0.94 21.74
C HIS D 271 21.48 -1.82 20.49
N LEU D 272 21.51 -1.18 19.33
CA LEU D 272 21.47 -1.86 18.03
C LEU D 272 22.77 -1.60 17.28
N LYS D 273 23.22 -2.62 16.56
CA LYS D 273 24.38 -2.49 15.68
C LYS D 273 24.01 -3.03 14.31
N ARG D 274 24.18 -2.22 13.28
CA ARG D 274 23.79 -2.60 11.94
C ARG D 274 24.73 -3.65 11.37
N LYS D 275 24.17 -4.64 10.69
CA LYS D 275 24.94 -5.59 9.90
C LYS D 275 25.24 -5.00 8.53
N ILE D 276 26.42 -5.33 8.00
CA ILE D 276 26.92 -4.65 6.81
C ILE D 276 26.85 -5.50 5.54
N GLY D 277 26.55 -6.79 5.65
CA GLY D 277 26.66 -7.67 4.49
C GLY D 277 25.81 -7.23 3.31
N TYR D 278 24.60 -6.75 3.59
CA TYR D 278 23.72 -6.30 2.52
C TYR D 278 24.36 -5.17 1.73
N PHE D 279 24.91 -4.18 2.43
CA PHE D 279 25.53 -3.06 1.74
C PHE D 279 26.87 -3.44 1.14
N VAL D 280 27.55 -4.45 1.69
CA VAL D 280 28.79 -4.92 1.10
C VAL D 280 28.52 -5.50 -0.29
N ILE D 281 27.48 -6.32 -0.42
CA ILE D 281 27.20 -6.90 -1.73
C ILE D 281 26.26 -6.06 -2.57
N GLN D 282 25.75 -4.96 -2.06
CA GLN D 282 24.84 -4.09 -2.80
C GLN D 282 25.52 -2.84 -3.34
N THR D 283 26.45 -2.26 -2.60
CA THR D 283 27.11 -1.03 -3.01
C THR D 283 28.62 -1.16 -3.15
N TYR D 284 29.29 -1.72 -2.14
CA TYR D 284 30.75 -1.70 -2.13
C TYR D 284 31.34 -2.58 -3.23
N LEU D 285 30.80 -3.79 -3.40
CA LEU D 285 31.30 -4.67 -4.46
C LEU D 285 31.09 -4.10 -5.86
N PRO D 286 29.93 -3.60 -6.24
CA PRO D 286 29.81 -3.00 -7.58
C PRO D 286 30.77 -1.84 -7.80
N CYS D 287 31.00 -1.01 -6.79
CA CYS D 287 31.95 0.10 -6.94
C CYS D 287 33.37 -0.41 -7.14
N ILE D 288 33.78 -1.41 -6.35
CA ILE D 288 35.12 -1.96 -6.49
C ILE D 288 35.30 -2.60 -7.86
N MET D 289 34.30 -3.35 -8.32
CA MET D 289 34.40 -3.99 -9.63
C MET D 289 34.41 -2.96 -10.74
N THR D 290 33.69 -1.85 -10.58
CA THR D 290 33.73 -0.78 -11.58
C THR D 290 35.11 -0.15 -11.65
N VAL D 291 35.75 0.07 -10.50
CA VAL D 291 37.10 0.63 -10.48
C VAL D 291 38.08 -0.32 -11.15
N ILE D 292 37.99 -1.62 -10.84
CA ILE D 292 38.87 -2.60 -11.47
C ILE D 292 38.64 -2.64 -12.98
N LEU D 293 37.36 -2.57 -13.39
CA LEU D 293 37.04 -2.55 -14.81
C LEU D 293 37.63 -1.34 -15.50
N SER D 294 37.57 -0.17 -14.86
CA SER D 294 38.17 1.02 -15.45
C SER D 294 39.68 0.88 -15.59
N GLN D 295 40.32 0.27 -14.59
CA GLN D 295 41.77 0.10 -14.67
C GLN D 295 42.18 -0.97 -15.67
N VAL D 296 41.25 -1.85 -16.06
CA VAL D 296 41.53 -2.79 -17.15
C VAL D 296 41.89 -2.05 -18.43
N SER D 297 41.38 -0.83 -18.61
CA SER D 297 41.59 -0.09 -19.85
C SER D 297 43.06 0.17 -20.13
N PHE D 298 43.90 0.26 -19.11
CA PHE D 298 45.31 0.61 -19.29
C PHE D 298 46.10 -0.42 -20.08
N TRP D 299 45.57 -1.63 -20.26
CA TRP D 299 46.28 -2.70 -20.94
C TRP D 299 45.94 -2.82 -22.42
N LEU D 300 44.90 -2.15 -22.88
CA LEU D 300 44.59 -2.13 -24.31
C LEU D 300 45.60 -1.27 -25.06
N ASN D 301 45.87 -1.64 -26.31
CA ASN D 301 46.84 -0.91 -27.09
C ASN D 301 46.30 0.47 -27.48
N ARG D 302 47.22 1.37 -27.83
CA ARG D 302 46.86 2.76 -28.06
C ARG D 302 46.13 2.99 -29.38
N GLU D 303 46.21 2.04 -30.32
CA GLU D 303 45.43 2.17 -31.54
C GLU D 303 43.93 2.08 -31.27
N SER D 304 43.53 1.31 -30.26
CA SER D 304 42.12 1.07 -29.98
C SER D 304 41.56 2.21 -29.11
N VAL D 305 41.45 3.37 -29.74
CA VAL D 305 40.89 4.57 -29.12
C VAL D 305 39.41 4.38 -28.80
N PRO D 306 38.57 3.89 -29.74
CA PRO D 306 37.16 3.67 -29.37
C PRO D 306 36.96 2.73 -28.20
N ALA D 307 37.78 1.67 -28.10
CA ALA D 307 37.62 0.71 -27.02
C ALA D 307 37.90 1.35 -25.66
N ARG D 308 38.99 2.12 -25.56
CA ARG D 308 39.33 2.73 -24.28
C ARG D 308 38.35 3.86 -23.95
N THR D 309 37.86 4.57 -24.96
CA THR D 309 36.81 5.55 -24.71
C THR D 309 35.54 4.88 -24.17
N VAL D 310 35.17 3.73 -24.73
CA VAL D 310 34.00 3.01 -24.24
C VAL D 310 34.21 2.58 -22.80
N PHE D 311 35.40 2.06 -22.49
CA PHE D 311 35.72 1.70 -21.11
C PHE D 311 35.48 2.87 -20.16
N GLY D 312 36.10 4.01 -20.47
CA GLY D 312 35.97 5.16 -19.59
C GLY D 312 34.55 5.65 -19.46
N VAL D 313 33.84 5.74 -20.58
CA VAL D 313 32.48 6.27 -20.58
C VAL D 313 31.55 5.37 -19.76
N THR D 314 31.61 4.06 -20.00
CA THR D 314 30.69 3.17 -19.30
C THR D 314 31.00 3.10 -17.82
N THR D 315 32.28 3.12 -17.45
CA THR D 315 32.59 3.09 -16.02
C THR D 315 32.15 4.36 -15.32
N VAL D 316 32.33 5.53 -15.96
CA VAL D 316 31.87 6.77 -15.35
C VAL D 316 30.36 6.78 -15.21
N LEU D 317 29.65 6.30 -16.22
CA LEU D 317 28.19 6.23 -16.14
C LEU D 317 27.73 5.29 -15.02
N THR D 318 28.39 4.14 -14.90
CA THR D 318 28.04 3.21 -13.82
C THR D 318 28.27 3.84 -12.46
N MET D 319 29.37 4.57 -12.30
CA MET D 319 29.63 5.24 -11.02
C MET D 319 28.57 6.28 -10.71
N THR D 320 28.15 7.05 -11.71
CA THR D 320 27.10 8.04 -11.50
C THR D 320 25.80 7.35 -11.07
N THR D 321 25.44 6.26 -11.74
CA THR D 321 24.22 5.55 -11.38
C THR D 321 24.29 4.98 -9.97
N LEU D 322 25.44 4.39 -9.60
CA LEU D 322 25.60 3.86 -8.25
C LEU D 322 25.49 4.96 -7.21
N SER D 323 26.13 6.11 -7.46
CA SER D 323 26.07 7.21 -6.51
C SER D 323 24.66 7.71 -6.33
N ILE D 324 23.91 7.83 -7.43
CA ILE D 324 22.53 8.30 -7.34
C ILE D 324 21.67 7.28 -6.59
N SER D 325 21.89 6.00 -6.82
CA SER D 325 21.01 4.97 -6.27
C SER D 325 21.37 4.54 -4.85
N ALA D 326 22.55 4.90 -4.34
CA ALA D 326 22.97 4.34 -3.06
C ALA D 326 22.27 4.96 -1.84
N ARG D 327 21.53 6.05 -2.01
CA ARG D 327 20.91 6.72 -0.89
C ARG D 327 19.40 6.47 -0.80
N ASN D 328 18.90 5.43 -1.46
CA ASN D 328 17.46 5.19 -1.49
C ASN D 328 16.90 4.87 -0.11
N SER D 329 17.61 4.04 0.65
CA SER D 329 17.09 3.59 1.93
C SER D 329 17.01 4.73 2.94
N LEU D 330 18.01 5.61 2.96
CA LEU D 330 18.19 6.56 4.03
C LEU D 330 17.25 7.75 3.91
N PRO D 331 16.99 8.44 5.01
CA PRO D 331 16.39 9.76 4.93
C PRO D 331 17.39 10.77 4.39
N LYS D 332 16.86 11.89 3.90
CA LYS D 332 17.67 12.88 3.19
C LYS D 332 18.43 13.79 4.17
N VAL D 333 19.32 13.18 4.94
CA VAL D 333 20.14 13.94 5.88
C VAL D 333 21.10 14.84 5.11
N ALA D 334 21.46 15.96 5.73
CA ALA D 334 22.33 16.96 5.10
C ALA D 334 23.79 16.77 5.51
N TYR D 335 24.33 15.57 5.38
CA TYR D 335 25.74 15.33 5.60
C TYR D 335 26.13 14.05 4.87
N ALA D 336 27.42 13.76 4.86
CA ALA D 336 27.97 12.65 4.11
C ALA D 336 28.21 11.46 5.03
N THR D 337 27.68 10.30 4.65
CA THR D 337 27.94 9.07 5.35
C THR D 337 29.30 8.50 4.92
N ALA D 338 29.69 7.40 5.56
CA ALA D 338 30.92 6.71 5.16
C ALA D 338 30.80 6.14 3.74
N MET D 339 29.62 5.59 3.41
CA MET D 339 29.41 5.06 2.09
C MET D 339 29.55 6.15 1.03
N ASP D 340 29.10 7.36 1.33
CA ASP D 340 29.24 8.47 0.39
C ASP D 340 30.70 8.78 0.12
N TRP D 341 31.54 8.76 1.16
CA TRP D 341 32.98 8.97 0.96
C TRP D 341 33.58 7.88 0.09
N PHE D 342 33.22 6.62 0.35
CA PHE D 342 33.74 5.52 -0.46
C PHE D 342 33.38 5.70 -1.93
N ILE D 343 32.11 6.05 -2.19
CA ILE D 343 31.65 6.20 -3.57
C ILE D 343 32.32 7.40 -4.23
N ALA D 344 32.54 8.48 -3.46
CA ALA D 344 33.22 9.64 -4.02
C ALA D 344 34.64 9.30 -4.45
N VAL D 345 35.37 8.53 -3.62
CA VAL D 345 36.74 8.17 -3.98
C VAL D 345 36.75 7.23 -5.19
N CYS D 346 35.81 6.28 -5.24
CA CYS D 346 35.73 5.41 -6.41
C CYS D 346 35.44 6.21 -7.68
N TYR D 347 34.55 7.20 -7.59
CA TYR D 347 34.27 8.07 -8.71
C TYR D 347 35.53 8.82 -9.14
N ALA D 348 36.30 9.31 -8.18
CA ALA D 348 37.54 10.00 -8.50
C ALA D 348 38.49 9.08 -9.25
N PHE D 349 38.58 7.83 -8.84
CA PHE D 349 39.45 6.88 -9.52
C PHE D 349 39.02 6.62 -10.96
N VAL D 350 37.72 6.42 -11.17
CA VAL D 350 37.24 6.15 -12.52
C VAL D 350 37.45 7.37 -13.43
N PHE D 351 37.14 8.55 -12.92
CA PHE D 351 37.36 9.78 -13.68
C PHE D 351 38.85 9.98 -13.97
N SER D 352 39.71 9.69 -13.00
CA SER D 352 41.14 9.84 -13.21
C SER D 352 41.68 8.87 -14.24
N ALA D 353 41.13 7.65 -14.30
CA ALA D 353 41.51 6.73 -15.37
C ALA D 353 41.13 7.27 -16.73
N LEU D 354 39.93 7.83 -16.86
CA LEU D 354 39.54 8.41 -18.14
C LEU D 354 40.44 9.58 -18.52
N ILE D 355 40.78 10.44 -17.55
CA ILE D 355 41.69 11.56 -17.81
C ILE D 355 43.05 11.06 -18.23
N GLU D 356 43.52 9.97 -17.61
CA GLU D 356 44.81 9.40 -18.00
C GLU D 356 44.77 8.90 -19.44
N PHE D 357 43.67 8.26 -19.84
CA PHE D 357 43.56 7.85 -21.24
C PHE D 357 43.58 9.06 -22.17
N ALA D 358 42.90 10.13 -21.80
CA ALA D 358 42.91 11.33 -22.64
C ALA D 358 44.31 11.88 -22.79
N THR D 359 45.07 11.93 -21.69
CA THR D 359 46.45 12.39 -21.76
C THR D 359 47.30 11.50 -22.66
N VAL D 360 47.14 10.19 -22.54
CA VAL D 360 47.91 9.26 -23.37
C VAL D 360 47.55 9.43 -24.85
N ASN D 361 46.27 9.59 -25.15
CA ASN D 361 45.84 9.79 -26.53
C ASN D 361 46.39 11.09 -27.10
N TYR D 362 46.48 12.13 -26.26
CA TYR D 362 46.96 13.43 -26.73
C TYR D 362 48.42 13.37 -27.18
N PHE D 363 49.26 12.64 -26.46
CA PHE D 363 50.69 12.54 -26.76
C PHE D 363 51.04 11.36 -27.64
N THR D 364 50.07 10.60 -28.12
CA THR D 364 50.36 9.35 -28.81
C THR D 364 51.15 9.58 -30.10
N LYS D 365 50.67 10.49 -30.95
CA LYS D 365 51.29 10.65 -32.26
C LYS D 365 52.52 11.56 -32.23
N SER D 366 52.60 12.46 -31.25
CA SER D 366 53.72 13.40 -31.20
C SER D 366 54.87 12.91 -30.34
N GLN D 367 54.57 12.29 -29.19
CA GLN D 367 55.58 11.75 -28.28
C GLN D 367 55.18 10.35 -27.85
N PRO D 368 55.38 9.36 -28.73
CA PRO D 368 54.93 8.00 -28.39
C PRO D 368 55.60 7.42 -27.15
N ALA D 369 56.86 7.75 -26.92
CA ALA D 369 57.57 7.21 -25.75
C ALA D 369 56.93 7.70 -24.46
N ARG D 370 56.54 8.97 -24.41
CA ARG D 370 55.88 9.50 -23.21
C ARG D 370 54.54 8.81 -22.98
N ALA D 371 53.77 8.58 -24.04
CA ALA D 371 52.50 7.88 -23.89
C ALA D 371 52.70 6.47 -23.34
N ALA D 372 53.70 5.76 -23.88
CA ALA D 372 53.99 4.42 -23.40
C ALA D 372 54.42 4.43 -21.94
N LYS D 373 55.26 5.40 -21.57
CA LYS D 373 55.70 5.50 -20.18
C LYS D 373 54.53 5.79 -19.24
N ILE D 374 53.62 6.68 -19.64
CA ILE D 374 52.48 7.00 -18.81
C ILE D 374 51.60 5.77 -18.60
N ASP D 375 51.34 5.03 -19.68
CA ASP D 375 50.55 3.82 -19.54
C ASP D 375 51.23 2.82 -18.61
N ARG D 376 52.54 2.65 -18.77
CA ARG D 376 53.28 1.69 -17.96
C ARG D 376 53.26 2.05 -16.49
N LEU D 377 53.43 3.33 -16.16
CA LEU D 377 53.40 3.75 -14.76
CA LEU D 377 53.40 3.74 -14.76
C LEU D 377 51.98 3.70 -14.18
N SER D 378 50.97 4.02 -14.98
CA SER D 378 49.60 4.00 -14.49
C SER D 378 49.17 2.58 -14.14
N ARG D 379 49.58 1.60 -14.95
CA ARG D 379 49.24 0.21 -14.68
C ARG D 379 49.68 -0.23 -13.28
N ILE D 380 50.73 0.37 -12.75
CA ILE D 380 51.19 0.05 -11.40
C ILE D 380 50.56 0.98 -10.37
N ALA D 381 50.44 2.26 -10.68
CA ALA D 381 50.03 3.24 -9.68
C ALA D 381 48.57 3.05 -9.28
N PHE D 382 47.68 2.87 -10.26
CA PHE D 382 46.26 2.85 -9.93
C PHE D 382 45.86 1.71 -8.99
N PRO D 383 46.22 0.44 -9.27
CA PRO D 383 45.86 -0.62 -8.31
C PRO D 383 46.47 -0.42 -6.93
N LEU D 384 47.71 0.06 -6.88
CA LEU D 384 48.36 0.27 -5.58
C LEU D 384 47.64 1.33 -4.77
N LEU D 385 47.29 2.45 -5.41
CA LEU D 385 46.59 3.51 -4.70
C LEU D 385 45.20 3.06 -4.26
N PHE D 386 44.49 2.29 -5.10
CA PHE D 386 43.19 1.81 -4.68
C PHE D 386 43.31 0.84 -3.50
N GLY D 387 44.33 -0.02 -3.51
CA GLY D 387 44.53 -0.91 -2.39
C GLY D 387 44.84 -0.17 -1.09
N ILE D 388 45.69 0.84 -1.17
CA ILE D 388 46.02 1.63 0.01
C ILE D 388 44.80 2.36 0.53
N PHE D 389 43.99 2.94 -0.37
CA PHE D 389 42.77 3.61 0.06
C PHE D 389 41.83 2.63 0.74
N ASN D 390 41.66 1.43 0.18
CA ASN D 390 40.77 0.45 0.78
C ASN D 390 41.24 0.06 2.17
N LEU D 391 42.55 -0.16 2.32
CA LEU D 391 43.10 -0.50 3.63
CA LEU D 391 43.09 -0.50 3.62
C LEU D 391 42.80 0.59 4.64
N VAL D 392 43.10 1.84 4.29
CA VAL D 392 42.88 2.95 5.22
C VAL D 392 41.40 3.06 5.58
N TYR D 393 40.52 3.00 4.57
CA TYR D 393 39.09 3.18 4.80
C TYR D 393 38.55 2.10 5.74
N TRP D 394 38.87 0.84 5.46
CA TRP D 394 38.29 -0.23 6.26
C TRP D 394 38.91 -0.28 7.65
N ALA D 395 40.21 0.01 7.77
CA ALA D 395 40.79 0.09 9.11
C ALA D 395 40.15 1.21 9.92
N THR D 396 39.92 2.36 9.30
CA THR D 396 39.31 3.47 10.01
C THR D 396 37.90 3.12 10.49
N TYR D 397 37.09 2.51 9.62
CA TYR D 397 35.69 2.35 9.93
C TYR D 397 35.34 1.00 10.56
N LEU D 398 36.30 0.08 10.71
CA LEU D 398 36.00 -1.19 11.36
C LEU D 398 36.43 -1.24 12.82
N ASN D 399 37.59 -0.67 13.16
CA ASN D 399 38.02 -0.58 14.55
C ASN D 399 37.63 0.75 15.20
N ARG D 400 36.54 1.36 14.74
CA ARG D 400 36.07 2.65 15.25
C ARG D 400 35.90 2.63 16.77
N ASN E 62 -51.43 13.34 12.09
CA ASN E 62 -51.36 13.09 13.53
C ASN E 62 -50.14 12.25 13.87
N MET E 63 -49.04 12.94 14.22
CA MET E 63 -47.79 12.25 14.51
C MET E 63 -47.79 11.54 15.86
N SER E 64 -48.63 11.98 16.79
CA SER E 64 -48.68 11.32 18.10
C SER E 64 -49.18 9.88 17.98
N PHE E 65 -50.16 9.65 17.12
CA PHE E 65 -50.63 8.28 16.91
C PHE E 65 -49.56 7.41 16.26
N VAL E 66 -48.82 7.97 15.29
CA VAL E 66 -47.71 7.23 14.70
C VAL E 66 -46.67 6.87 15.75
N LYS E 67 -46.36 7.83 16.62
CA LYS E 67 -45.39 7.56 17.69
C LYS E 67 -45.88 6.46 18.62
N GLU E 68 -47.16 6.51 19.01
CA GLU E 68 -47.69 5.48 19.89
C GLU E 68 -47.68 4.11 19.22
N THR E 69 -48.03 4.06 17.93
CA THR E 69 -48.02 2.80 17.20
C THR E 69 -46.61 2.21 17.11
N VAL E 70 -45.62 3.06 16.83
CA VAL E 70 -44.25 2.56 16.72
C VAL E 70 -43.71 2.13 18.08
N ASP E 71 -44.07 2.86 19.14
CA ASP E 71 -43.71 2.42 20.49
C ASP E 71 -44.34 1.07 20.80
N LYS E 72 -45.59 0.87 20.37
CA LYS E 72 -46.28 -0.38 20.63
C LYS E 72 -45.65 -1.55 19.87
N LEU E 73 -45.22 -1.32 18.63
CA LEU E 73 -44.59 -2.38 17.85
C LEU E 73 -43.32 -2.87 18.53
N LEU E 74 -42.55 -1.98 19.14
CA LEU E 74 -41.31 -2.34 19.79
C LEU E 74 -41.47 -2.60 21.28
N LYS E 75 -42.68 -2.92 21.74
CA LYS E 75 -42.93 -3.26 23.13
C LYS E 75 -42.83 -4.77 23.30
N GLY E 76 -41.93 -5.21 24.18
CA GLY E 76 -41.67 -6.63 24.35
C GLY E 76 -41.00 -7.29 23.18
N TYR E 77 -40.42 -6.53 22.25
CA TYR E 77 -39.80 -7.09 21.06
C TYR E 77 -38.45 -7.68 21.40
N ASP E 78 -38.23 -8.94 21.04
CA ASP E 78 -36.99 -9.64 21.32
C ASP E 78 -36.18 -9.72 20.01
N ILE E 79 -35.10 -8.96 19.93
CA ILE E 79 -34.24 -8.98 18.75
C ILE E 79 -33.37 -10.22 18.69
N ARG E 80 -33.27 -10.98 19.79
CA ARG E 80 -32.51 -12.22 19.78
C ARG E 80 -33.18 -13.31 18.97
N LEU E 81 -34.47 -13.15 18.63
CA LEU E 81 -35.22 -14.18 17.95
C LEU E 81 -35.58 -13.74 16.53
N ARG E 82 -35.45 -14.65 15.58
CA ARG E 82 -35.83 -14.39 14.21
C ARG E 82 -37.36 -14.37 14.09
N PRO E 83 -37.88 -13.75 13.03
CA PRO E 83 -39.31 -13.87 12.75
C PRO E 83 -39.70 -15.33 12.54
N ASP E 84 -40.86 -15.70 13.07
CA ASP E 84 -41.35 -17.08 13.02
C ASP E 84 -40.34 -18.04 13.64
N PHE E 85 -39.71 -17.62 14.73
CA PHE E 85 -38.76 -18.48 15.42
C PHE E 85 -39.45 -19.76 15.87
N GLY E 86 -38.82 -20.89 15.62
CA GLY E 86 -39.40 -22.18 15.92
C GLY E 86 -40.34 -22.71 14.86
N GLY E 87 -40.58 -21.95 13.80
CA GLY E 87 -41.47 -22.38 12.74
C GLY E 87 -40.75 -22.49 11.42
N PRO E 88 -41.47 -22.27 10.32
CA PRO E 88 -40.88 -22.39 8.99
C PRO E 88 -39.84 -21.31 8.75
N PRO E 89 -38.89 -21.56 7.85
CA PRO E 89 -37.83 -20.57 7.60
C PRO E 89 -38.38 -19.25 7.09
N VAL E 90 -37.73 -18.17 7.51
CA VAL E 90 -38.07 -16.84 7.00
C VAL E 90 -37.39 -16.65 5.65
N CYS E 91 -38.16 -16.18 4.67
CA CYS E 91 -37.67 -15.97 3.32
C CYS E 91 -37.18 -14.54 3.16
N VAL E 92 -35.95 -14.38 2.70
CA VAL E 92 -35.34 -13.07 2.49
C VAL E 92 -35.09 -12.91 0.99
N GLY E 93 -35.70 -11.91 0.38
CA GLY E 93 -35.42 -11.56 -1.00
C GLY E 93 -34.34 -10.50 -1.09
N MET E 94 -33.53 -10.56 -2.14
CA MET E 94 -32.43 -9.63 -2.32
CA MET E 94 -32.42 -9.64 -2.32
C MET E 94 -32.51 -8.95 -3.67
N ASN E 95 -32.05 -7.71 -3.71
N ASN E 95 -32.03 -7.70 -3.68
CA ASN E 95 -31.67 -7.13 -4.99
CA ASN E 95 -31.79 -6.91 -4.88
C ASN E 95 -30.51 -6.17 -4.78
C ASN E 95 -30.46 -6.18 -4.74
N ILE E 96 -29.79 -5.92 -5.87
CA ILE E 96 -28.57 -5.14 -5.87
C ILE E 96 -28.61 -4.14 -7.01
N ASP E 97 -28.27 -2.90 -6.72
CA ASP E 97 -27.98 -1.89 -7.74
C ASP E 97 -26.48 -1.64 -7.72
N ILE E 98 -25.79 -2.03 -8.79
CA ILE E 98 -24.34 -1.85 -8.87
C ILE E 98 -24.06 -0.39 -9.24
N ALA E 99 -23.53 0.38 -8.29
CA ALA E 99 -23.14 1.74 -8.58
C ALA E 99 -21.87 1.79 -9.43
N SER E 100 -20.85 1.00 -9.07
CA SER E 100 -19.60 1.04 -9.80
C SER E 100 -18.79 -0.22 -9.53
N ILE E 101 -17.84 -0.49 -10.43
CA ILE E 101 -16.80 -1.49 -10.24
C ILE E 101 -15.48 -0.77 -10.49
N ASP E 102 -14.76 -0.44 -9.42
CA ASP E 102 -13.71 0.57 -9.52
C ASP E 102 -12.42 0.00 -10.12
N MET E 103 -11.83 -1.00 -9.49
CA MET E 103 -10.50 -1.44 -9.88
C MET E 103 -10.43 -2.96 -9.86
N VAL E 104 -9.86 -3.53 -10.91
CA VAL E 104 -9.62 -4.96 -11.03
C VAL E 104 -8.12 -5.17 -11.05
N SER E 105 -7.64 -5.98 -10.11
CA SER E 105 -6.20 -6.10 -9.87
C SER E 105 -5.77 -7.54 -10.10
N GLU E 106 -4.87 -7.75 -11.07
CA GLU E 106 -4.24 -9.06 -11.22
C GLU E 106 -3.20 -9.29 -10.14
N VAL E 107 -2.55 -8.24 -9.67
CA VAL E 107 -1.52 -8.38 -8.63
C VAL E 107 -2.15 -8.88 -7.34
N ASN E 108 -3.29 -8.31 -6.94
CA ASN E 108 -3.95 -8.69 -5.70
C ASN E 108 -5.04 -9.73 -5.88
N MET E 109 -5.40 -10.05 -7.12
CA MET E 109 -6.45 -11.03 -7.42
C MET E 109 -7.77 -10.66 -6.75
N ASP E 110 -8.20 -9.42 -6.95
CA ASP E 110 -9.44 -8.95 -6.36
C ASP E 110 -10.01 -7.81 -7.19
N TYR E 111 -11.27 -7.47 -6.90
CA TYR E 111 -11.93 -6.34 -7.52
C TYR E 111 -12.75 -5.60 -6.48
N THR E 112 -12.97 -4.31 -6.70
CA THR E 112 -13.74 -3.48 -5.80
C THR E 112 -15.09 -3.14 -6.43
N LEU E 113 -16.12 -3.08 -5.59
CA LEU E 113 -17.48 -2.90 -6.07
C LEU E 113 -18.28 -2.10 -5.06
N THR E 114 -19.04 -1.12 -5.54
CA THR E 114 -19.96 -0.35 -4.71
C THR E 114 -21.39 -0.65 -5.14
N MET E 115 -22.27 -0.87 -4.16
CA MET E 115 -23.62 -1.29 -4.50
C MET E 115 -24.62 -0.84 -3.45
N TYR E 116 -25.87 -0.72 -3.90
CA TYR E 116 -27.03 -0.63 -3.02
C TYR E 116 -27.60 -2.04 -2.86
N PHE E 117 -27.54 -2.56 -1.65
CA PHE E 117 -27.93 -3.92 -1.33
C PHE E 117 -29.22 -3.88 -0.52
N GLN E 118 -30.29 -4.46 -1.06
CA GLN E 118 -31.61 -4.40 -0.46
C GLN E 118 -32.06 -5.81 -0.08
N GLN E 119 -32.49 -5.96 1.17
CA GLN E 119 -33.05 -7.18 1.71
C GLN E 119 -34.51 -6.94 2.09
N TYR E 120 -35.33 -7.96 1.86
CA TYR E 120 -36.77 -7.88 2.01
CA TYR E 120 -36.77 -7.87 2.00
C TYR E 120 -37.25 -9.10 2.77
N TRP E 121 -38.04 -8.88 3.83
CA TRP E 121 -38.62 -10.04 4.52
C TRP E 121 -39.90 -9.60 5.23
N ARG E 122 -40.53 -10.54 5.92
CA ARG E 122 -41.77 -10.28 6.63
C ARG E 122 -41.63 -10.64 8.10
N ASP E 123 -42.00 -9.70 8.97
CA ASP E 123 -41.96 -9.90 10.41
C ASP E 123 -43.32 -9.51 10.98
N LYS E 124 -44.12 -10.50 11.35
CA LYS E 124 -45.49 -10.24 11.78
C LYS E 124 -45.56 -9.50 13.12
N ARG E 125 -44.48 -9.48 13.89
CA ARG E 125 -44.43 -8.64 15.08
C ARG E 125 -44.44 -7.15 14.73
N LEU E 126 -44.13 -6.81 13.48
CA LEU E 126 -44.07 -5.41 13.05
C LEU E 126 -45.27 -5.00 12.21
N ALA E 127 -46.28 -5.85 12.10
CA ALA E 127 -47.50 -5.46 11.42
C ALA E 127 -48.24 -4.39 12.21
N TYR E 128 -48.78 -3.40 11.50
CA TYR E 128 -49.53 -2.32 12.13
C TYR E 128 -50.76 -2.02 11.31
N SER E 129 -51.77 -1.45 11.97
CA SER E 129 -53.01 -1.06 11.33
C SER E 129 -53.32 0.39 11.70
N GLY E 130 -54.21 0.99 10.91
CA GLY E 130 -54.64 2.35 11.16
C GLY E 130 -53.76 3.43 10.59
N ILE E 131 -52.72 3.08 9.83
CA ILE E 131 -51.84 4.06 9.19
C ILE E 131 -51.63 3.64 7.74
N PRO E 132 -52.31 4.26 6.78
CA PRO E 132 -52.20 3.83 5.38
C PRO E 132 -50.97 4.41 4.69
N LEU E 133 -49.79 4.06 5.19
CA LEU E 133 -48.55 4.58 4.65
C LEU E 133 -47.42 3.58 4.85
N ASN E 134 -46.49 3.57 3.91
CA ASN E 134 -45.17 3.03 4.22
C ASN E 134 -44.54 3.90 5.30
N LEU E 135 -43.91 3.27 6.27
CA LEU E 135 -43.23 4.00 7.34
C LEU E 135 -41.73 3.94 7.11
N THR E 136 -41.17 5.01 6.57
CA THR E 136 -39.72 5.14 6.51
C THR E 136 -39.24 5.65 7.85
N LEU E 137 -38.41 4.88 8.54
CA LEU E 137 -37.98 5.28 9.86
C LEU E 137 -36.50 5.64 9.85
N ASP E 138 -36.09 6.41 10.86
CA ASP E 138 -34.69 6.75 11.03
C ASP E 138 -33.87 5.47 11.13
N ASN E 139 -32.73 5.43 10.45
CA ASN E 139 -32.02 4.17 10.28
C ASN E 139 -31.54 3.58 11.60
N ARG E 140 -31.46 4.37 12.67
CA ARG E 140 -31.06 3.84 13.97
C ARG E 140 -32.08 2.84 14.53
N VAL E 141 -33.32 2.88 14.07
CA VAL E 141 -34.29 1.86 14.44
C VAL E 141 -33.81 0.48 14.02
N ALA E 142 -32.92 0.40 13.03
CA ALA E 142 -32.37 -0.89 12.63
C ALA E 142 -31.64 -1.56 13.78
N ASP E 143 -31.12 -0.80 14.74
CA ASP E 143 -30.47 -1.37 15.90
C ASP E 143 -31.45 -1.96 16.91
N GLN E 144 -32.74 -1.73 16.74
CA GLN E 144 -33.78 -2.23 17.64
C GLN E 144 -34.61 -3.34 17.00
N LEU E 145 -34.21 -3.84 15.84
CA LEU E 145 -34.96 -4.84 15.12
C LEU E 145 -34.08 -6.04 14.84
N TRP E 146 -34.72 -7.15 14.48
CA TRP E 146 -34.00 -8.28 13.92
C TRP E 146 -33.70 -8.01 12.45
N VAL E 147 -32.48 -8.31 12.03
CA VAL E 147 -32.12 -8.29 10.63
C VAL E 147 -31.36 -9.58 10.31
N PRO E 148 -31.36 -10.00 9.04
CA PRO E 148 -30.59 -11.19 8.67
C PRO E 148 -29.08 -10.97 8.83
N ASP E 149 -28.38 -12.07 9.09
CA ASP E 149 -26.92 -12.03 9.28
C ASP E 149 -26.20 -12.35 7.98
N THR E 150 -26.46 -11.55 6.96
CA THR E 150 -25.91 -11.77 5.63
C THR E 150 -24.46 -11.31 5.54
N TYR E 151 -23.63 -12.10 4.86
CA TYR E 151 -22.24 -11.73 4.65
C TYR E 151 -21.80 -12.23 3.27
N PHE E 152 -20.63 -11.75 2.85
CA PHE E 152 -20.04 -12.09 1.56
C PHE E 152 -18.81 -12.95 1.80
N LEU E 153 -18.86 -14.20 1.33
CA LEU E 153 -17.79 -15.15 1.63
CA LEU E 153 -17.80 -15.15 1.63
C LEU E 153 -16.46 -14.74 1.03
N ASN E 154 -16.46 -14.27 -0.22
CA ASN E 154 -15.22 -13.99 -0.91
C ASN E 154 -14.71 -12.58 -0.69
N ASP E 155 -15.34 -11.80 0.19
CA ASP E 155 -14.87 -10.45 0.42
C ASP E 155 -13.62 -10.45 1.29
N LYS E 156 -12.78 -9.44 1.10
CA LYS E 156 -11.57 -9.24 1.86
C LYS E 156 -11.63 -8.03 2.79
N LYS E 157 -12.35 -6.99 2.39
CA LYS E 157 -12.58 -5.82 3.27
C LYS E 157 -13.78 -5.08 2.74
N SER E 158 -14.82 -4.97 3.56
CA SER E 158 -16.04 -4.26 3.21
C SER E 158 -16.32 -3.17 4.24
N PHE E 159 -17.18 -2.23 3.85
CA PHE E 159 -17.68 -1.25 4.81
C PHE E 159 -18.98 -0.66 4.29
N VAL E 160 -19.80 -0.21 5.22
CA VAL E 160 -20.98 0.59 4.93
C VAL E 160 -20.58 2.05 4.98
N HIS E 161 -20.98 2.82 3.98
CA HIS E 161 -20.69 4.25 3.97
C HIS E 161 -21.40 4.93 5.13
N GLY E 162 -20.76 5.95 5.70
CA GLY E 162 -21.28 6.58 6.89
C GLY E 162 -21.27 8.10 6.90
N VAL E 163 -21.24 8.73 5.73
CA VAL E 163 -21.33 10.17 5.60
C VAL E 163 -22.57 10.48 4.76
N THR E 164 -23.42 11.38 5.24
CA THR E 164 -23.23 12.12 6.48
C THR E 164 -23.64 11.31 7.70
N VAL E 165 -24.53 10.36 7.49
CA VAL E 165 -24.91 9.38 8.51
C VAL E 165 -24.68 8.01 7.90
N LYS E 166 -24.94 6.96 8.68
CA LYS E 166 -24.83 5.61 8.16
C LYS E 166 -25.77 5.44 6.97
N ASN E 167 -25.22 5.00 5.84
CA ASN E 167 -26.00 4.87 4.61
C ASN E 167 -26.91 3.65 4.71
N ARG E 168 -27.93 3.74 5.56
CA ARG E 168 -28.81 2.64 5.87
C ARG E 168 -30.26 3.12 5.78
N MET E 169 -31.14 2.23 5.37
CA MET E 169 -32.56 2.53 5.18
C MET E 169 -33.42 1.45 5.78
N ILE E 170 -34.43 1.85 6.56
CA ILE E 170 -35.42 0.95 7.15
C ILE E 170 -36.80 1.45 6.75
N ARG E 171 -37.58 0.58 6.09
CA ARG E 171 -38.92 0.92 5.65
C ARG E 171 -39.88 -0.20 6.02
N LEU E 172 -40.85 0.11 6.87
CA LEU E 172 -41.88 -0.83 7.29
C LEU E 172 -43.13 -0.68 6.42
N HIS E 173 -43.81 -1.78 6.19
CA HIS E 173 -45.07 -1.82 5.46
C HIS E 173 -46.17 -2.35 6.37
N PRO E 174 -47.43 -2.02 6.08
CA PRO E 174 -48.51 -2.35 7.04
C PRO E 174 -48.63 -3.83 7.37
N ASP E 175 -48.35 -4.72 6.42
CA ASP E 175 -48.48 -6.16 6.68
C ASP E 175 -47.30 -6.73 7.45
N GLY E 176 -46.32 -5.92 7.82
CA GLY E 176 -45.15 -6.39 8.52
C GLY E 176 -43.92 -6.59 7.65
N THR E 177 -43.99 -6.22 6.38
CA THR E 177 -42.86 -6.36 5.50
C THR E 177 -41.79 -5.31 5.81
N VAL E 178 -40.55 -5.75 5.89
CA VAL E 178 -39.41 -4.89 6.17
C VAL E 178 -38.52 -4.83 4.94
N LEU E 179 -38.19 -3.61 4.52
CA LEU E 179 -37.18 -3.33 3.51
C LEU E 179 -35.97 -2.71 4.21
N TYR E 180 -34.82 -3.36 4.06
CA TYR E 180 -33.59 -2.97 4.73
C TYR E 180 -32.51 -2.77 3.68
N GLY E 181 -32.02 -1.55 3.55
CA GLY E 181 -31.08 -1.19 2.49
C GLY E 181 -29.77 -0.66 3.03
N LEU E 182 -28.68 -1.04 2.37
CA LEU E 182 -27.34 -0.58 2.74
C LEU E 182 -26.58 -0.17 1.49
N ARG E 183 -25.64 0.76 1.64
CA ARG E 183 -24.72 1.08 0.57
C ARG E 183 -23.33 0.59 0.98
N ILE E 184 -22.78 -0.33 0.21
CA ILE E 184 -21.60 -1.10 0.60
C ILE E 184 -20.54 -0.95 -0.47
N THR E 185 -19.31 -0.67 -0.04
CA THR E 185 -18.13 -0.83 -0.87
C THR E 185 -17.39 -2.07 -0.37
N THR E 186 -17.15 -3.02 -1.26
CA THR E 186 -16.52 -4.27 -0.91
C THR E 186 -15.41 -4.60 -1.89
N THR E 187 -14.28 -5.03 -1.36
CA THR E 187 -13.24 -5.67 -2.15
C THR E 187 -13.45 -7.18 -2.05
N ALA E 188 -13.47 -7.85 -3.19
CA ALA E 188 -13.78 -9.27 -3.23
C ALA E 188 -12.71 -10.02 -4.00
N ALA E 189 -12.38 -11.22 -3.53
CA ALA E 189 -11.37 -12.04 -4.17
C ALA E 189 -11.86 -12.56 -5.52
N CYS E 190 -10.95 -12.59 -6.49
CA CYS E 190 -11.24 -13.16 -7.80
C CYS E 190 -9.95 -13.79 -8.31
N MET E 191 -9.87 -15.11 -8.22
CA MET E 191 -8.71 -15.82 -8.73
C MET E 191 -8.73 -15.81 -10.25
N MET E 192 -7.62 -15.39 -10.85
CA MET E 192 -7.56 -15.16 -12.28
C MET E 192 -6.62 -16.15 -12.96
N ASP E 193 -7.03 -16.61 -14.13
CA ASP E 193 -6.23 -17.50 -14.97
C ASP E 193 -5.52 -16.65 -16.01
N LEU E 194 -4.21 -16.50 -15.86
CA LEU E 194 -3.43 -15.59 -16.70
C LEU E 194 -2.63 -16.31 -17.78
N ARG E 195 -3.04 -17.54 -18.14
CA ARG E 195 -2.30 -18.29 -19.15
C ARG E 195 -2.42 -17.65 -20.53
N ARG E 196 -3.51 -16.96 -20.81
CA ARG E 196 -3.70 -16.28 -22.08
C ARG E 196 -3.62 -14.77 -21.96
N TYR E 197 -3.08 -14.27 -20.85
CA TYR E 197 -2.92 -12.84 -20.66
C TYR E 197 -2.03 -12.28 -21.77
N PRO E 198 -2.36 -11.10 -22.34
CA PRO E 198 -3.49 -10.23 -22.05
C PRO E 198 -4.70 -10.49 -22.93
N LEU E 199 -4.79 -11.66 -23.55
CA LEU E 199 -5.94 -12.06 -24.36
C LEU E 199 -6.89 -12.96 -23.57
N ASP E 200 -7.01 -12.71 -22.28
CA ASP E 200 -7.70 -13.59 -21.35
C ASP E 200 -9.11 -13.11 -21.07
N GLU E 201 -9.90 -13.99 -20.45
CA GLU E 201 -11.26 -13.70 -20.04
C GLU E 201 -11.46 -14.28 -18.66
N GLN E 202 -12.00 -13.48 -17.74
CA GLN E 202 -12.11 -13.86 -16.35
C GLN E 202 -13.56 -13.94 -15.92
N ASN E 203 -13.79 -14.64 -14.81
CA ASN E 203 -15.11 -14.81 -14.21
C ASN E 203 -14.99 -14.45 -12.74
N CYS E 204 -15.52 -13.29 -12.36
CA CYS E 204 -15.44 -12.81 -10.98
C CYS E 204 -16.82 -12.90 -10.33
N THR E 205 -16.86 -13.43 -9.11
CA THR E 205 -18.12 -13.71 -8.44
C THR E 205 -18.25 -12.91 -7.15
N LEU E 206 -19.49 -12.81 -6.69
CA LEU E 206 -19.84 -12.33 -5.36
C LEU E 206 -20.74 -13.38 -4.74
N GLU E 207 -20.31 -13.91 -3.60
CA GLU E 207 -21.00 -14.98 -2.88
C GLU E 207 -21.68 -14.41 -1.65
N ILE E 208 -22.97 -14.69 -1.51
CA ILE E 208 -23.82 -14.10 -0.49
C ILE E 208 -24.40 -15.24 0.34
N GLU E 209 -24.16 -15.21 1.65
CA GLU E 209 -24.54 -16.34 2.49
C GLU E 209 -25.03 -15.85 3.84
N SER E 210 -25.83 -16.69 4.49
CA SER E 210 -26.16 -16.51 5.89
C SER E 210 -25.02 -17.01 6.75
N TYR E 211 -24.73 -16.30 7.83
CA TYR E 211 -23.62 -16.74 8.67
C TYR E 211 -24.06 -17.75 9.72
N GLY E 212 -25.08 -17.44 10.51
CA GLY E 212 -25.45 -18.30 11.61
C GLY E 212 -26.61 -19.23 11.34
N TYR E 213 -27.56 -18.80 10.53
CA TYR E 213 -28.80 -19.54 10.33
C TYR E 213 -28.66 -20.54 9.19
N THR E 214 -29.11 -21.76 9.42
CA THR E 214 -29.12 -22.78 8.40
C THR E 214 -30.38 -22.67 7.55
N THR E 215 -30.52 -23.55 6.56
CA THR E 215 -31.69 -23.53 5.70
C THR E 215 -32.99 -23.89 6.42
N ASP E 216 -32.90 -24.41 7.64
CA ASP E 216 -34.11 -24.62 8.44
C ASP E 216 -34.63 -23.33 9.06
N ASP E 217 -33.79 -22.30 9.16
CA ASP E 217 -34.19 -21.03 9.75
C ASP E 217 -34.40 -19.92 8.73
N ILE E 218 -33.70 -19.94 7.60
CA ILE E 218 -33.71 -18.81 6.68
C ILE E 218 -33.52 -19.32 5.26
N GLU E 219 -34.16 -18.65 4.30
CA GLU E 219 -34.04 -18.95 2.89
C GLU E 219 -33.78 -17.66 2.12
N PHE E 220 -32.91 -17.74 1.11
CA PHE E 220 -32.61 -16.62 0.23
C PHE E 220 -33.26 -16.84 -1.12
N TYR E 221 -33.58 -15.74 -1.80
CA TYR E 221 -34.02 -15.81 -3.18
C TYR E 221 -33.81 -14.45 -3.83
N TRP E 222 -33.49 -14.46 -5.12
CA TRP E 222 -33.38 -13.23 -5.88
C TRP E 222 -34.78 -12.68 -6.14
N ARG E 223 -35.00 -11.43 -5.74
CA ARG E 223 -36.32 -10.81 -5.81
C ARG E 223 -36.51 -10.21 -7.20
N GLY E 224 -37.33 -10.86 -8.02
CA GLY E 224 -37.47 -10.51 -9.41
C GLY E 224 -36.72 -11.39 -10.38
N GLY E 225 -36.12 -12.48 -9.90
CA GLY E 225 -35.42 -13.38 -10.80
C GLY E 225 -34.18 -12.72 -11.37
N ASP E 226 -34.03 -12.80 -12.69
CA ASP E 226 -32.83 -12.27 -13.34
C ASP E 226 -32.82 -10.75 -13.42
N LYS E 227 -33.92 -10.09 -13.06
CA LYS E 227 -33.98 -8.63 -13.01
C LYS E 227 -33.55 -8.09 -11.66
N ALA E 228 -33.12 -8.96 -10.73
CA ALA E 228 -32.81 -8.55 -9.38
C ALA E 228 -31.51 -7.77 -9.26
N VAL E 229 -30.64 -7.81 -10.27
CA VAL E 229 -29.41 -7.06 -10.28
C VAL E 229 -29.47 -6.06 -11.43
N THR E 230 -29.32 -4.78 -11.12
CA THR E 230 -29.43 -3.72 -12.11
C THR E 230 -28.16 -2.90 -12.13
N GLY E 231 -28.01 -2.11 -13.20
CA GLY E 231 -26.91 -1.19 -13.33
C GLY E 231 -25.63 -1.78 -13.88
N VAL E 232 -25.64 -3.05 -14.27
CA VAL E 232 -24.43 -3.66 -14.80
C VAL E 232 -24.09 -3.10 -16.17
N GLU E 233 -25.11 -2.87 -17.01
CA GLU E 233 -24.88 -2.39 -18.37
C GLU E 233 -24.30 -0.98 -18.41
N ARG E 234 -24.46 -0.20 -17.34
CA ARG E 234 -23.88 1.14 -17.31
C ARG E 234 -22.40 1.14 -16.92
N ILE E 235 -21.87 0.03 -16.40
CA ILE E 235 -20.52 0.02 -15.88
C ILE E 235 -19.52 0.17 -17.02
N GLU E 236 -18.58 1.09 -16.84
CA GLU E 236 -17.49 1.29 -17.79
C GLU E 236 -16.18 0.97 -17.08
N LEU E 237 -15.44 0.00 -17.61
CA LEU E 237 -14.13 -0.36 -17.10
C LEU E 237 -13.05 -0.02 -18.12
N PRO E 238 -11.88 0.43 -17.69
CA PRO E 238 -10.83 0.80 -18.63
C PRO E 238 -10.26 -0.39 -19.38
N GLN E 239 -9.89 -1.43 -18.64
CA GLN E 239 -9.20 -2.58 -19.20
C GLN E 239 -10.12 -3.71 -19.63
N PHE E 240 -11.39 -3.70 -19.19
CA PHE E 240 -12.28 -4.82 -19.38
C PHE E 240 -13.60 -4.35 -19.96
N SER E 241 -14.37 -5.30 -20.46
CA SER E 241 -15.78 -5.10 -20.80
C SER E 241 -16.57 -6.27 -20.26
N ILE E 242 -17.75 -5.98 -19.73
CA ILE E 242 -18.59 -6.99 -19.09
C ILE E 242 -19.42 -7.69 -20.17
N VAL E 243 -19.03 -8.91 -20.51
CA VAL E 243 -19.75 -9.68 -21.52
C VAL E 243 -21.10 -10.12 -21.00
N GLU E 244 -21.16 -10.62 -19.77
CA GLU E 244 -22.37 -11.24 -19.25
C GLU E 244 -22.34 -11.19 -17.73
N HIS E 245 -23.53 -11.21 -17.14
CA HIS E 245 -23.68 -11.43 -15.70
C HIS E 245 -24.76 -12.46 -15.47
N ARG E 246 -24.59 -13.24 -14.40
CA ARG E 246 -25.44 -14.38 -14.13
C ARG E 246 -25.79 -14.43 -12.64
N LEU E 247 -26.99 -14.95 -12.36
CA LEU E 247 -27.52 -15.07 -11.00
C LEU E 247 -27.84 -16.53 -10.70
N VAL E 248 -27.34 -17.01 -9.56
CA VAL E 248 -27.50 -18.40 -9.16
C VAL E 248 -27.96 -18.45 -7.72
N SER E 249 -28.77 -19.46 -7.39
CA SER E 249 -29.20 -19.72 -6.03
C SER E 249 -29.00 -21.20 -5.72
N ARG E 250 -28.38 -21.51 -4.58
CA ARG E 250 -28.12 -22.90 -4.21
CA ARG E 250 -28.13 -22.90 -4.22
C ARG E 250 -27.96 -23.01 -2.71
N ASN E 251 -27.63 -24.22 -2.26
CA ASN E 251 -27.36 -24.53 -0.86
C ASN E 251 -25.93 -25.04 -0.75
N VAL E 252 -25.29 -24.73 0.37
CA VAL E 252 -23.91 -25.13 0.62
C VAL E 252 -23.85 -25.80 1.98
N VAL E 253 -23.17 -26.95 2.05
CA VAL E 253 -23.10 -27.74 3.26
C VAL E 253 -21.70 -27.60 3.86
N PHE E 254 -21.63 -27.16 5.10
CA PHE E 254 -20.44 -27.18 5.93
C PHE E 254 -20.65 -28.15 7.09
N ALA E 255 -19.61 -28.30 7.92
CA ALA E 255 -19.69 -29.20 9.05
C ALA E 255 -20.79 -28.80 10.03
N THR E 256 -21.17 -27.53 10.03
CA THR E 256 -22.20 -27.02 10.93
C THR E 256 -23.58 -26.98 10.31
N GLY E 257 -23.75 -27.49 9.09
CA GLY E 257 -25.08 -27.59 8.51
C GLY E 257 -25.13 -27.04 7.12
N ALA E 258 -26.35 -26.87 6.61
CA ALA E 258 -26.58 -26.38 5.26
C ALA E 258 -27.06 -24.93 5.29
N TYR E 259 -26.55 -24.11 4.37
CA TYR E 259 -26.78 -22.69 4.37
C TYR E 259 -27.21 -22.22 2.98
N PRO E 260 -28.10 -21.24 2.90
CA PRO E 260 -28.49 -20.70 1.58
C PRO E 260 -27.38 -19.84 1.00
N ARG E 261 -27.34 -19.80 -0.33
CA ARG E 261 -26.27 -19.12 -1.05
C ARG E 261 -26.83 -18.48 -2.31
N LEU E 262 -26.54 -17.20 -2.48
CA LEU E 262 -26.80 -16.49 -3.73
C LEU E 262 -25.47 -16.13 -4.37
N SER E 263 -25.35 -16.35 -5.67
CA SER E 263 -24.13 -16.03 -6.39
C SER E 263 -24.44 -15.06 -7.52
N LEU E 264 -23.62 -14.02 -7.64
CA LEU E 264 -23.69 -13.10 -8.76
C LEU E 264 -22.34 -13.10 -9.46
N SER E 265 -22.31 -13.51 -10.72
CA SER E 265 -21.05 -13.64 -11.44
C SER E 265 -21.02 -12.71 -12.64
N PHE E 266 -19.85 -12.15 -12.93
CA PHE E 266 -19.59 -11.36 -14.12
C PHE E 266 -18.50 -12.03 -14.94
N ARG E 267 -18.63 -11.95 -16.26
CA ARG E 267 -17.58 -12.38 -17.17
C ARG E 267 -16.95 -11.15 -17.81
N LEU E 268 -15.64 -10.99 -17.62
CA LEU E 268 -14.91 -9.83 -18.08
C LEU E 268 -13.95 -10.23 -19.19
N LYS E 269 -13.99 -9.50 -20.29
CA LYS E 269 -13.05 -9.68 -21.40
C LYS E 269 -12.10 -8.49 -21.44
N ARG E 270 -10.80 -8.77 -21.53
CA ARG E 270 -9.80 -7.72 -21.46
C ARG E 270 -9.64 -7.02 -22.81
N ASN E 271 -9.52 -5.70 -22.77
CA ASN E 271 -9.22 -4.92 -23.96
C ASN E 271 -7.75 -5.02 -24.30
N ILE E 272 -7.44 -5.09 -25.60
CA ILE E 272 -6.08 -5.35 -26.05
C ILE E 272 -5.29 -4.08 -26.38
N GLY E 273 -5.97 -2.93 -26.51
CA GLY E 273 -5.31 -1.75 -27.06
C GLY E 273 -4.13 -1.28 -26.24
N TYR E 274 -4.26 -1.29 -24.92
CA TYR E 274 -3.15 -0.85 -24.06
C TYR E 274 -1.91 -1.70 -24.29
N PHE E 275 -2.10 -2.99 -24.51
CA PHE E 275 -0.95 -3.88 -24.71
C PHE E 275 -0.39 -3.79 -26.12
N ILE E 276 -1.23 -3.50 -27.11
CA ILE E 276 -0.71 -3.19 -28.44
C ILE E 276 0.19 -1.97 -28.38
N LEU E 277 -0.26 -0.92 -27.70
CA LEU E 277 0.54 0.30 -27.61
C LEU E 277 1.74 0.13 -26.68
N GLN E 278 1.68 -0.79 -25.73
CA GLN E 278 2.62 -0.86 -24.62
C GLN E 278 3.68 -1.93 -24.77
N THR E 279 3.34 -3.10 -25.28
CA THR E 279 4.36 -4.14 -25.32
C THR E 279 4.55 -4.78 -26.69
N TYR E 280 3.47 -5.01 -27.45
CA TYR E 280 3.60 -5.72 -28.72
C TYR E 280 4.31 -4.88 -29.77
N MET E 281 3.86 -3.63 -29.95
CA MET E 281 4.47 -2.77 -30.96
C MET E 281 5.94 -2.45 -30.68
N PRO E 282 6.37 -2.14 -29.45
CA PRO E 282 7.81 -1.98 -29.21
C PRO E 282 8.61 -3.23 -29.56
N SER E 283 8.10 -4.42 -29.26
CA SER E 283 8.80 -5.65 -29.58
C SER E 283 8.93 -5.84 -31.08
N ILE E 284 7.84 -5.59 -31.81
CA ILE E 284 7.88 -5.71 -33.27
C ILE E 284 8.88 -4.71 -33.85
N LEU E 285 8.87 -3.48 -33.35
CA LEU E 285 9.75 -2.47 -33.92
C LEU E 285 11.22 -2.77 -33.62
N ILE E 286 11.52 -3.29 -32.44
CA ILE E 286 12.90 -3.68 -32.14
C ILE E 286 13.33 -4.85 -33.00
N THR E 287 12.45 -5.83 -33.20
CA THR E 287 12.78 -6.96 -34.07
C THR E 287 13.06 -6.49 -35.50
N ILE E 288 12.25 -5.56 -36.00
CA ILE E 288 12.51 -5.02 -37.34
C ILE E 288 13.82 -4.25 -37.36
N LEU E 289 14.10 -3.47 -36.30
CA LEU E 289 15.35 -2.73 -36.22
C LEU E 289 16.55 -3.66 -36.31
N SER E 290 16.45 -4.84 -35.71
CA SER E 290 17.56 -5.78 -35.75
C SER E 290 17.90 -6.22 -37.18
N TRP E 291 16.96 -6.12 -38.12
CA TRP E 291 17.20 -6.55 -39.49
C TRP E 291 17.97 -5.54 -40.33
N VAL E 292 18.09 -4.29 -39.86
CA VAL E 292 18.90 -3.30 -40.55
C VAL E 292 20.35 -3.75 -40.64
N SER E 293 20.78 -4.62 -39.72
CA SER E 293 22.15 -5.11 -39.73
C SER E 293 22.48 -5.85 -41.02
N PHE E 294 21.52 -6.57 -41.58
CA PHE E 294 21.75 -7.35 -42.80
C PHE E 294 22.06 -6.48 -44.00
N TRP E 295 21.80 -5.18 -43.93
CA TRP E 295 22.04 -4.27 -45.04
C TRP E 295 23.31 -3.43 -44.87
N ILE E 296 24.03 -3.62 -43.78
CA ILE E 296 25.31 -2.95 -43.54
C ILE E 296 26.41 -3.91 -43.96
N ASN E 297 27.48 -3.38 -44.54
CA ASN E 297 28.57 -4.22 -45.02
CA ASN E 297 28.55 -4.23 -45.02
C ASN E 297 29.18 -5.02 -43.87
N TYR E 298 29.52 -6.28 -44.15
CA TYR E 298 29.93 -7.21 -43.11
C TYR E 298 31.24 -6.84 -42.42
N ASP E 299 32.04 -5.95 -43.00
CA ASP E 299 33.29 -5.56 -42.37
C ASP E 299 33.13 -4.45 -41.35
N ALA E 300 31.93 -3.87 -41.22
CA ALA E 300 31.66 -2.87 -40.20
C ALA E 300 31.23 -3.59 -38.92
N SER E 301 32.22 -4.07 -38.19
CA SER E 301 31.95 -4.91 -37.03
C SER E 301 31.35 -4.10 -35.88
N ALA E 302 31.88 -2.91 -35.62
CA ALA E 302 31.38 -2.10 -34.51
C ALA E 302 29.91 -1.74 -34.70
N ALA E 303 29.53 -1.36 -35.92
CA ALA E 303 28.16 -0.97 -36.19
C ALA E 303 27.18 -2.12 -35.98
N ARG E 304 27.48 -3.29 -36.56
CA ARG E 304 26.55 -4.41 -36.48
C ARG E 304 26.50 -5.00 -35.08
N VAL E 305 27.63 -5.02 -34.38
CA VAL E 305 27.60 -5.44 -32.98
C VAL E 305 26.81 -4.45 -32.14
N ALA E 306 26.90 -3.16 -32.44
CA ALA E 306 26.09 -2.16 -31.74
C ALA E 306 24.61 -2.43 -31.97
N LEU E 307 24.23 -2.73 -33.20
CA LEU E 307 22.82 -3.04 -33.49
C LEU E 307 22.35 -4.26 -32.70
N GLY E 308 23.12 -5.33 -32.73
CA GLY E 308 22.72 -6.53 -32.01
C GLY E 308 22.59 -6.30 -30.51
N ILE E 309 23.58 -5.62 -29.93
CA ILE E 309 23.57 -5.35 -28.49
C ILE E 309 22.39 -4.48 -28.12
N THR E 310 22.15 -3.42 -28.91
CA THR E 310 21.03 -2.53 -28.62
C THR E 310 19.71 -3.27 -28.67
N THR E 311 19.52 -4.13 -29.66
CA THR E 311 18.27 -4.87 -29.76
C THR E 311 18.09 -5.83 -28.58
N VAL E 312 19.16 -6.52 -28.18
CA VAL E 312 19.05 -7.43 -27.03
C VAL E 312 18.72 -6.65 -25.75
N LEU E 313 19.39 -5.53 -25.53
CA LEU E 313 19.12 -4.71 -24.35
C LEU E 313 17.70 -4.20 -24.34
N THR E 314 17.21 -3.73 -25.49
CA THR E 314 15.84 -3.24 -25.55
C THR E 314 14.84 -4.36 -25.32
N MET E 315 15.13 -5.56 -25.80
CA MET E 315 14.23 -6.68 -25.51
C MET E 315 14.13 -6.94 -24.02
N THR E 316 15.28 -6.95 -23.33
CA THR E 316 15.26 -7.15 -21.89
C THR E 316 14.50 -6.03 -21.17
N THR E 317 14.72 -4.79 -21.60
CA THR E 317 14.05 -3.65 -20.97
C THR E 317 12.53 -3.73 -21.15
N ILE E 318 12.08 -4.06 -22.36
CA ILE E 318 10.64 -4.22 -22.60
C ILE E 318 10.07 -5.32 -21.73
N ASN E 319 10.79 -6.44 -21.61
CA ASN E 319 10.29 -7.54 -20.81
C ASN E 319 10.19 -7.16 -19.33
N THR E 320 11.18 -6.44 -18.81
CA THR E 320 11.12 -6.05 -17.40
C THR E 320 9.98 -5.09 -17.15
N HIS E 321 9.77 -4.12 -18.05
CA HIS E 321 8.63 -3.23 -17.87
C HIS E 321 7.32 -3.99 -17.95
N LEU E 322 7.26 -5.06 -18.75
CA LEU E 322 6.07 -5.90 -18.78
C LEU E 322 5.86 -6.59 -17.44
N ARG E 323 6.92 -7.23 -16.91
CA ARG E 323 6.76 -8.05 -15.72
C ARG E 323 6.57 -7.22 -14.45
N GLU E 324 6.97 -5.95 -14.47
CA GLU E 324 6.77 -5.11 -13.29
C GLU E 324 5.30 -4.82 -12.98
N THR E 325 4.30 -5.38 -13.67
CA THR E 325 2.90 -5.02 -13.45
C THR E 325 2.00 -6.21 -13.16
N LEU E 326 2.56 -7.38 -12.88
CA LEU E 326 1.81 -8.63 -12.74
C LEU E 326 2.24 -9.37 -11.49
N PRO E 327 1.42 -10.29 -11.00
CA PRO E 327 1.85 -11.14 -9.88
C PRO E 327 2.86 -12.17 -10.36
N LYS E 328 3.58 -12.75 -9.40
CA LYS E 328 4.63 -13.72 -9.68
C LYS E 328 4.02 -15.12 -9.84
N ILE E 329 3.34 -15.31 -10.96
CA ILE E 329 2.76 -16.62 -11.27
C ILE E 329 3.86 -17.49 -11.86
N PRO E 330 3.78 -18.82 -11.71
CA PRO E 330 4.88 -19.69 -12.12
C PRO E 330 4.82 -20.22 -13.56
N TYR E 331 3.80 -19.89 -14.33
CA TYR E 331 3.64 -20.42 -15.68
C TYR E 331 3.91 -19.34 -16.71
N VAL E 332 3.91 -19.74 -17.98
CA VAL E 332 4.18 -18.85 -19.10
C VAL E 332 2.87 -18.27 -19.61
N LYS E 333 2.85 -16.95 -19.80
CA LYS E 333 1.70 -16.28 -20.37
C LYS E 333 1.89 -16.10 -21.88
N ALA E 334 0.83 -15.65 -22.54
CA ALA E 334 0.90 -15.44 -23.98
C ALA E 334 1.89 -14.32 -24.34
N ILE E 335 1.87 -13.23 -23.57
CA ILE E 335 2.80 -12.14 -23.85
C ILE E 335 4.23 -12.59 -23.59
N ASP E 336 4.45 -13.44 -22.60
CA ASP E 336 5.79 -14.01 -22.37
C ASP E 336 6.24 -14.82 -23.58
N MET E 337 5.34 -15.61 -24.15
CA MET E 337 5.66 -16.40 -25.33
C MET E 337 6.07 -15.49 -26.49
N TYR E 338 5.31 -14.42 -26.72
CA TYR E 338 5.64 -13.51 -27.80
C TYR E 338 6.99 -12.83 -27.57
N LEU E 339 7.25 -12.40 -26.34
CA LEU E 339 8.50 -11.69 -26.06
C LEU E 339 9.71 -12.60 -26.21
N MET E 340 9.60 -13.86 -25.80
CA MET E 340 10.76 -14.73 -26.00
C MET E 340 10.91 -15.18 -27.45
N GLY E 341 9.83 -15.22 -28.23
CA GLY E 341 9.99 -15.37 -29.68
C GLY E 341 10.79 -14.21 -30.27
N CYS E 342 10.45 -12.99 -29.88
CA CYS E 342 11.18 -11.83 -30.38
C CYS E 342 12.64 -11.85 -29.94
N PHE E 343 12.89 -12.27 -28.69
CA PHE E 343 14.26 -12.38 -28.21
C PHE E 343 15.05 -13.40 -29.02
N VAL E 344 14.44 -14.55 -29.31
CA VAL E 344 15.10 -15.54 -30.15
C VAL E 344 15.46 -14.93 -31.50
N PHE E 345 14.56 -14.13 -32.08
CA PHE E 345 14.84 -13.55 -33.39
C PHE E 345 16.03 -12.59 -33.35
N VAL E 346 16.06 -11.69 -32.36
CA VAL E 346 17.17 -10.74 -32.32
C VAL E 346 18.49 -11.43 -32.00
N PHE E 347 18.44 -12.44 -31.11
CA PHE E 347 19.65 -13.20 -30.81
C PHE E 347 20.16 -13.93 -32.05
N LEU E 348 19.25 -14.50 -32.85
CA LEU E 348 19.64 -15.17 -34.07
C LEU E 348 20.26 -14.21 -35.07
N ALA E 349 19.75 -12.98 -35.15
CA ALA E 349 20.36 -11.99 -36.04
C ALA E 349 21.80 -11.68 -35.61
N LEU E 350 22.02 -11.51 -34.30
CA LEU E 350 23.38 -11.28 -33.82
C LEU E 350 24.29 -12.47 -34.12
N LEU E 351 23.78 -13.69 -33.94
CA LEU E 351 24.56 -14.88 -34.26
C LEU E 351 24.85 -14.98 -35.76
N GLU E 352 23.91 -14.55 -36.60
CA GLU E 352 24.16 -14.52 -38.04
C GLU E 352 25.33 -13.61 -38.36
N TYR E 353 25.38 -12.43 -37.74
CA TYR E 353 26.54 -11.59 -37.97
C TYR E 353 27.82 -12.25 -37.48
N ALA E 354 27.75 -12.92 -36.32
CA ALA E 354 28.96 -13.58 -35.81
C ALA E 354 29.48 -14.61 -36.81
N PHE E 355 28.57 -15.40 -37.40
CA PHE E 355 28.97 -16.38 -38.40
C PHE E 355 29.60 -15.71 -39.62
N VAL E 356 28.94 -14.68 -40.14
CA VAL E 356 29.44 -14.00 -41.34
C VAL E 356 30.82 -13.41 -41.08
N ASN E 357 30.99 -12.73 -39.94
CA ASN E 357 32.28 -12.18 -39.57
C ASN E 357 33.33 -13.27 -39.40
N TYR E 358 32.91 -14.46 -38.96
CA TYR E 358 33.88 -15.53 -38.76
C TYR E 358 34.39 -16.08 -40.09
N ILE E 359 33.51 -16.27 -41.07
CA ILE E 359 33.91 -16.97 -42.29
C ILE E 359 34.24 -16.04 -43.46
N PHE E 360 34.13 -14.73 -43.28
CA PHE E 360 34.22 -13.87 -44.46
C PHE E 360 35.64 -13.59 -44.90
N PHE E 361 36.63 -13.82 -44.04
CA PHE E 361 38.01 -13.56 -44.42
C PHE E 361 38.45 -14.45 -45.57
N SER E 362 38.10 -15.74 -45.51
CA SER E 362 38.53 -16.69 -46.52
C SER E 362 37.45 -17.02 -47.55
N GLN E 363 36.18 -16.77 -47.23
CA GLN E 363 35.06 -17.07 -48.13
C GLN E 363 34.15 -15.86 -48.23
N PRO E 364 34.60 -14.79 -48.90
CA PRO E 364 33.76 -13.59 -49.00
C PRO E 364 32.43 -13.84 -49.70
N ALA E 365 32.43 -14.72 -50.70
CA ALA E 365 31.20 -14.98 -51.46
C ALA E 365 30.14 -15.66 -50.60
N ARG E 366 30.55 -16.63 -49.78
CA ARG E 366 29.58 -17.29 -48.92
C ARG E 366 29.03 -16.34 -47.87
N ALA E 367 29.87 -15.44 -47.35
CA ALA E 367 29.38 -14.45 -46.40
C ALA E 367 28.38 -13.49 -47.04
N ALA E 368 28.67 -13.04 -48.27
CA ALA E 368 27.72 -12.18 -48.97
C ALA E 368 26.41 -12.90 -49.23
N ALA E 369 26.48 -14.19 -49.60
CA ALA E 369 25.27 -14.96 -49.81
C ALA E 369 24.46 -15.12 -48.53
N ILE E 370 25.13 -15.36 -47.41
CA ILE E 370 24.43 -15.51 -46.14
C ILE E 370 23.73 -14.21 -45.76
N ASP E 371 24.41 -13.07 -45.90
CA ASP E 371 23.76 -11.79 -45.62
C ASP E 371 22.57 -11.56 -46.56
N ARG E 372 22.75 -11.84 -47.84
CA ARG E 372 21.67 -11.59 -48.80
C ARG E 372 20.46 -12.46 -48.50
N TRP E 373 20.68 -13.73 -48.14
CA TRP E 373 19.55 -14.60 -47.82
C TRP E 373 18.91 -14.22 -46.50
N SER E 374 19.69 -13.73 -45.54
CA SER E 374 19.11 -13.28 -44.28
C SER E 374 18.25 -12.05 -44.48
N ARG E 375 18.55 -11.25 -45.50
CA ARG E 375 17.67 -10.12 -45.83
C ARG E 375 16.23 -10.57 -46.04
N ILE E 376 16.03 -11.78 -46.55
CA ILE E 376 14.71 -12.27 -46.91
C ILE E 376 14.14 -13.20 -45.83
N VAL E 377 14.97 -14.08 -45.28
CA VAL E 377 14.47 -15.15 -44.43
C VAL E 377 13.90 -14.63 -43.12
N PHE E 378 14.61 -13.70 -42.47
CA PHE E 378 14.13 -13.20 -41.18
C PHE E 378 12.76 -12.54 -41.26
N PRO E 379 12.48 -11.63 -42.20
CA PRO E 379 11.11 -11.11 -42.30
C PRO E 379 10.06 -12.18 -42.57
N PHE E 380 10.38 -13.16 -43.42
CA PHE E 380 9.41 -14.20 -43.74
C PHE E 380 9.08 -15.05 -42.53
N THR E 381 10.10 -15.47 -41.78
CA THR E 381 9.87 -16.29 -40.61
C THR E 381 9.21 -15.50 -39.49
N PHE E 382 9.55 -14.21 -39.34
CA PHE E 382 8.88 -13.40 -38.33
C PHE E 382 7.41 -13.22 -38.66
N SER E 383 7.09 -13.02 -39.94
CA SER E 383 5.69 -12.94 -40.35
C SER E 383 4.96 -14.25 -40.08
N LEU E 384 5.62 -15.38 -40.35
CA LEU E 384 5.00 -16.67 -40.07
C LEU E 384 4.76 -16.87 -38.58
N PHE E 385 5.74 -16.50 -37.75
CA PHE E 385 5.58 -16.61 -36.30
C PHE E 385 4.44 -15.74 -35.81
N ASN E 386 4.33 -14.53 -36.33
CA ASN E 386 3.21 -13.67 -35.96
C ASN E 386 1.89 -14.26 -36.38
N LEU E 387 1.83 -14.85 -37.59
CA LEU E 387 0.59 -15.46 -38.04
C LEU E 387 0.17 -16.60 -37.13
N VAL E 388 1.11 -17.50 -36.81
CA VAL E 388 0.79 -18.63 -35.94
C VAL E 388 0.37 -18.15 -34.55
N TYR E 389 1.10 -17.18 -33.99
CA TYR E 389 0.79 -16.68 -32.66
C TYR E 389 -0.60 -16.05 -32.62
N TRP E 390 -0.90 -15.17 -33.59
CA TRP E 390 -2.18 -14.47 -33.56
C TRP E 390 -3.33 -15.33 -34.05
N LEU E 391 -3.08 -16.48 -34.65
CA LEU E 391 -4.15 -17.42 -34.94
C LEU E 391 -4.40 -18.39 -33.80
N TYR E 392 -3.37 -18.72 -33.02
CA TYR E 392 -3.56 -19.61 -31.89
C TYR E 392 -4.24 -18.92 -30.71
N TYR E 393 -4.16 -17.60 -30.61
CA TYR E 393 -4.71 -16.88 -29.46
C TYR E 393 -5.94 -16.06 -29.78
N VAL E 394 -6.35 -15.97 -31.04
CA VAL E 394 -7.59 -15.26 -31.38
C VAL E 394 -8.46 -16.14 -32.25
N GLN F 1 -18.24 -25.00 -18.09
CA GLN F 1 -18.73 -26.37 -18.10
C GLN F 1 -17.56 -27.35 -18.09
N VAL F 2 -17.69 -28.42 -17.30
CA VAL F 2 -16.65 -29.44 -17.17
C VAL F 2 -17.23 -30.78 -17.57
N GLN F 3 -16.52 -31.49 -18.44
CA GLN F 3 -16.88 -32.83 -18.87
C GLN F 3 -15.96 -33.81 -18.18
N LEU F 4 -16.53 -34.77 -17.47
CA LEU F 4 -15.78 -35.80 -16.75
C LEU F 4 -15.95 -37.13 -17.45
N VAL F 5 -14.84 -37.82 -17.69
CA VAL F 5 -14.82 -39.11 -18.36
C VAL F 5 -14.21 -40.14 -17.43
N GLU F 6 -14.92 -41.24 -17.21
CA GLU F 6 -14.52 -42.28 -16.27
C GLU F 6 -13.99 -43.49 -17.04
N SER F 7 -12.87 -44.04 -16.57
CA SER F 7 -12.30 -45.22 -17.19
C SER F 7 -11.72 -46.12 -16.11
N GLY F 8 -11.55 -47.39 -16.44
CA GLY F 8 -10.97 -48.36 -15.53
C GLY F 8 -11.95 -49.44 -15.08
N LEU F 405 -6.63 -52.82 -9.65
CA LEU F 405 -7.69 -51.95 -10.13
C LEU F 405 -7.23 -50.49 -10.11
N ARG F 406 -7.77 -49.69 -11.03
CA ARG F 406 -7.44 -48.28 -11.09
C ARG F 406 -8.53 -47.55 -11.85
N LEU F 407 -9.02 -46.45 -11.27
CA LEU F 407 -10.04 -45.62 -11.89
C LEU F 407 -9.41 -44.31 -12.33
N SER F 408 -9.69 -43.91 -13.57
CA SER F 408 -9.18 -42.67 -14.13
C SER F 408 -10.34 -41.72 -14.40
N CYS F 409 -10.17 -40.46 -14.00
CA CYS F 409 -11.15 -39.41 -14.26
C CYS F 409 -10.43 -38.33 -15.07
N ALA F 410 -10.85 -38.18 -16.32
CA ALA F 410 -10.26 -37.21 -17.23
C ALA F 410 -11.26 -36.09 -17.46
N ALA F 411 -10.87 -34.86 -17.15
CA ALA F 411 -11.77 -33.72 -17.18
C ALA F 411 -11.35 -32.76 -18.29
N SER F 412 -12.34 -32.16 -18.94
CA SER F 412 -12.10 -31.19 -20.01
C SER F 412 -13.02 -30.00 -19.82
N GLY F 413 -12.60 -28.86 -20.33
CA GLY F 413 -13.39 -27.65 -20.24
C GLY F 413 -12.87 -26.64 -19.24
N HIS F 414 -13.71 -26.24 -18.30
CA HIS F 414 -13.37 -25.21 -17.33
C HIS F 414 -12.90 -25.82 -16.01
N THR F 415 -11.73 -26.45 -16.08
CA THR F 415 -11.16 -27.01 -14.85
C THR F 415 -10.59 -25.93 -13.93
N PHE F 416 -10.49 -24.68 -14.38
CA PHE F 416 -10.02 -23.62 -13.50
C PHE F 416 -11.11 -23.17 -12.53
N ASN F 417 -12.37 -23.14 -12.97
CA ASN F 417 -13.47 -22.77 -12.10
C ASN F 417 -13.83 -23.86 -11.10
N TYR F 418 -13.39 -25.09 -11.33
CA TYR F 418 -13.68 -26.23 -10.47
C TYR F 418 -12.34 -26.88 -10.13
N PRO F 419 -11.58 -26.27 -9.21
CA PRO F 419 -10.19 -26.69 -8.99
C PRO F 419 -10.01 -27.95 -8.18
N ILE F 420 -11.09 -28.64 -7.79
CA ILE F 420 -11.01 -29.80 -6.92
C ILE F 420 -11.83 -30.93 -7.53
N MET F 421 -11.23 -32.12 -7.59
CA MET F 421 -11.92 -33.33 -8.00
C MET F 421 -12.03 -34.26 -6.81
N GLY F 422 -13.20 -34.87 -6.65
CA GLY F 422 -13.43 -35.78 -5.54
C GLY F 422 -13.99 -37.11 -6.03
N TRP F 423 -13.76 -38.13 -5.22
CA TRP F 423 -14.24 -39.48 -5.49
C TRP F 423 -15.30 -39.88 -4.48
N PHE F 424 -16.34 -40.55 -4.95
CA PHE F 424 -17.41 -41.04 -4.10
C PHE F 424 -17.78 -42.45 -4.52
N ARG F 425 -18.36 -43.22 -3.60
CA ARG F 425 -18.88 -44.55 -3.93
C ARG F 425 -20.24 -44.74 -3.28
N GLN F 426 -21.15 -45.37 -4.02
CA GLN F 426 -22.51 -45.61 -3.54
C GLN F 426 -22.71 -47.11 -3.36
N ALA F 427 -23.09 -47.49 -2.14
CA ALA F 427 -23.43 -48.87 -1.82
C ALA F 427 -24.88 -49.15 -2.20
N PRO F 428 -25.24 -50.43 -2.38
CA PRO F 428 -26.62 -50.73 -2.80
C PRO F 428 -27.68 -50.26 -1.82
N GLY F 429 -27.39 -50.27 -0.52
CA GLY F 429 -28.37 -49.84 0.46
C GLY F 429 -28.05 -48.54 1.16
N LYS F 430 -26.83 -48.04 0.97
CA LYS F 430 -26.38 -46.84 1.64
C LYS F 430 -26.32 -45.65 0.67
N GLU F 431 -26.13 -44.47 1.25
CA GLU F 431 -25.99 -43.24 0.48
C GLU F 431 -24.58 -43.14 -0.08
N ARG F 432 -24.33 -42.08 -0.85
CA ARG F 432 -22.99 -41.85 -1.40
C ARG F 432 -22.01 -41.55 -0.28
N GLU F 433 -20.79 -42.08 -0.42
CA GLU F 433 -19.77 -42.00 0.61
C GLU F 433 -18.51 -41.40 0.01
N PHE F 434 -17.95 -40.41 0.69
CA PHE F 434 -16.74 -39.74 0.23
C PHE F 434 -15.54 -40.67 0.37
N VAL F 435 -14.66 -40.67 -0.64
CA VAL F 435 -13.46 -41.48 -0.64
C VAL F 435 -12.20 -40.62 -0.58
N GLY F 436 -12.06 -39.67 -1.50
CA GLY F 436 -10.90 -38.82 -1.49
C GLY F 436 -11.06 -37.65 -2.45
N ALA F 437 -10.19 -36.66 -2.27
CA ALA F 437 -10.23 -35.45 -3.08
C ALA F 437 -8.82 -35.00 -3.38
N ILE F 438 -8.67 -34.39 -4.57
CA ILE F 438 -7.38 -33.97 -5.10
C ILE F 438 -7.54 -32.58 -5.71
N SER F 439 -6.56 -31.71 -5.46
CA SER F 439 -6.52 -30.41 -6.08
C SER F 439 -5.77 -30.47 -7.41
N TRP F 440 -6.33 -29.80 -8.42
CA TRP F 440 -5.73 -29.84 -9.75
C TRP F 440 -4.31 -29.29 -9.77
N SER F 441 -4.08 -28.19 -9.08
CA SER F 441 -2.79 -27.52 -9.09
C SER F 441 -1.95 -27.82 -7.85
N GLY F 442 -2.55 -27.68 -6.66
CA GLY F 442 -1.80 -27.85 -5.43
C GLY F 442 -1.38 -29.27 -5.14
N GLY F 443 -2.04 -30.25 -5.75
CA GLY F 443 -1.71 -31.64 -5.50
C GLY F 443 -1.84 -32.05 -4.05
N SER F 444 -2.70 -31.38 -3.29
CA SER F 444 -2.90 -31.64 -1.87
C SER F 444 -4.08 -32.59 -1.73
N THR F 445 -3.80 -33.85 -1.44
CA THR F 445 -4.83 -34.88 -1.36
C THR F 445 -5.44 -34.94 0.03
N SER F 446 -6.68 -35.41 0.08
CA SER F 446 -7.36 -35.68 1.34
C SER F 446 -8.13 -36.98 1.20
N TYR F 447 -8.15 -37.78 2.26
CA TYR F 447 -8.70 -39.13 2.22
C TYR F 447 -9.65 -39.36 3.37
N ALA F 448 -10.62 -40.24 3.15
CA ALA F 448 -11.49 -40.71 4.23
C ALA F 448 -10.77 -41.77 5.05
N ASP F 449 -11.28 -42.00 6.26
CA ASP F 449 -10.62 -42.92 7.19
C ASP F 449 -10.59 -44.34 6.64
N SER F 450 -11.69 -44.78 6.05
CA SER F 450 -11.82 -46.18 5.62
C SER F 450 -10.88 -46.55 4.48
N VAL F 451 -10.26 -45.59 3.81
CA VAL F 451 -9.37 -45.89 2.70
C VAL F 451 -8.03 -45.19 2.86
N LYS F 452 -7.70 -44.78 4.08
CA LYS F 452 -6.36 -44.26 4.34
C LYS F 452 -5.34 -45.39 4.24
N ASP F 453 -4.18 -45.07 3.66
CA ASP F 453 -3.06 -45.98 3.49
C ASP F 453 -3.33 -47.08 2.47
N ARG F 454 -4.55 -47.13 1.93
CA ARG F 454 -4.92 -48.15 0.94
C ARG F 454 -5.19 -47.56 -0.43
N PHE F 455 -6.09 -46.59 -0.53
CA PHE F 455 -6.35 -45.91 -1.78
C PHE F 455 -5.39 -44.73 -1.93
N THR F 456 -5.00 -44.46 -3.18
CA THR F 456 -4.11 -43.34 -3.47
C THR F 456 -4.68 -42.54 -4.63
N ILE F 457 -4.47 -41.23 -4.59
CA ILE F 457 -4.97 -40.32 -5.61
C ILE F 457 -3.82 -39.50 -6.15
N SER F 458 -3.72 -39.43 -7.47
CA SER F 458 -2.67 -38.67 -8.14
C SER F 458 -3.29 -37.81 -9.23
N ARG F 459 -2.62 -36.70 -9.55
CA ARG F 459 -3.11 -35.79 -10.58
C ARG F 459 -2.00 -35.46 -11.56
N ASP F 460 -2.37 -35.38 -12.85
CA ASP F 460 -1.47 -34.90 -13.89
C ASP F 460 -2.23 -33.91 -14.77
N ASN F 461 -1.70 -32.70 -14.89
CA ASN F 461 -2.32 -31.66 -15.68
C ASN F 461 -1.94 -31.74 -17.16
N ALA F 462 -1.05 -32.65 -17.53
CA ALA F 462 -0.67 -32.78 -18.93
C ALA F 462 -1.89 -33.06 -19.80
N LYS F 463 -2.70 -34.05 -19.40
CA LYS F 463 -3.94 -34.36 -20.08
C LYS F 463 -5.15 -34.23 -19.17
N ASN F 464 -4.99 -33.58 -18.00
CA ASN F 464 -6.08 -33.33 -17.06
C ASN F 464 -6.72 -34.65 -16.60
N THR F 465 -5.94 -35.40 -15.84
CA THR F 465 -6.39 -36.68 -15.31
C THR F 465 -6.12 -36.77 -13.82
N VAL F 466 -7.01 -37.48 -13.12
CA VAL F 466 -6.82 -37.84 -11.72
C VAL F 466 -7.05 -39.34 -11.59
N TYR F 467 -6.13 -40.01 -10.91
CA TYR F 467 -6.13 -41.46 -10.78
C TYR F 467 -6.42 -41.84 -9.33
N LEU F 468 -7.36 -42.78 -9.17
CA LEU F 468 -7.60 -43.45 -7.89
C LEU F 468 -7.10 -44.88 -8.03
N GLU F 469 -6.00 -45.18 -7.35
CA GLU F 469 -5.47 -46.54 -7.25
C GLU F 469 -6.04 -47.19 -6.00
N MET F 470 -6.70 -48.33 -6.17
CA MET F 470 -7.28 -49.08 -5.07
C MET F 470 -6.45 -50.33 -4.84
N ASN F 471 -5.95 -50.49 -3.62
CA ASN F 471 -5.14 -51.64 -3.24
C ASN F 471 -5.66 -52.23 -1.94
N ASN F 472 -5.38 -53.52 -1.75
CA ASN F 472 -5.83 -54.27 -0.58
C ASN F 472 -7.34 -54.14 -0.42
N LEU F 473 -8.05 -54.62 -1.43
CA LEU F 473 -9.50 -54.53 -1.47
C LEU F 473 -10.12 -55.37 -0.35
N LYS F 474 -11.40 -55.14 -0.11
CA LYS F 474 -12.18 -55.89 0.86
C LYS F 474 -13.59 -56.04 0.31
N PRO F 475 -14.34 -57.05 0.77
CA PRO F 475 -15.71 -57.22 0.28
C PRO F 475 -16.63 -56.05 0.63
N GLU F 476 -16.25 -55.20 1.58
CA GLU F 476 -16.97 -53.97 1.86
C GLU F 476 -16.53 -52.82 0.95
N ASP F 477 -15.94 -53.13 -0.20
CA ASP F 477 -15.57 -52.15 -1.21
C ASP F 477 -16.23 -52.47 -2.54
N THR F 478 -17.50 -52.86 -2.50
CA THR F 478 -18.27 -53.20 -3.70
C THR F 478 -19.37 -52.15 -3.85
N ALA F 479 -19.03 -51.04 -4.51
CA ALA F 479 -19.93 -49.92 -4.66
C ALA F 479 -19.72 -49.29 -6.03
N VAL F 480 -20.75 -48.60 -6.51
CA VAL F 480 -20.64 -47.91 -7.80
C VAL F 480 -19.92 -46.59 -7.58
N TYR F 481 -18.82 -46.38 -8.30
CA TYR F 481 -17.93 -45.26 -8.05
C TYR F 481 -18.23 -44.09 -8.97
N TYR F 482 -18.12 -42.88 -8.44
CA TYR F 482 -18.35 -41.65 -9.17
C TYR F 482 -17.21 -40.68 -8.91
N CYS F 483 -16.95 -39.82 -9.89
CA CYS F 483 -15.99 -38.74 -9.80
C CYS F 483 -16.73 -37.42 -10.02
N ALA F 484 -16.33 -36.38 -9.30
CA ALA F 484 -17.08 -35.13 -9.35
C ALA F 484 -16.15 -33.94 -9.21
N ALA F 485 -16.65 -32.78 -9.65
CA ALA F 485 -15.91 -31.53 -9.59
C ALA F 485 -16.57 -30.57 -8.62
N LYS F 486 -15.75 -29.84 -7.86
CA LYS F 486 -16.21 -28.96 -6.81
C LYS F 486 -15.80 -27.53 -7.10
N GLY F 487 -16.72 -26.59 -6.91
CA GLY F 487 -16.43 -25.20 -7.16
C GLY F 487 -15.49 -24.60 -6.13
N ARG F 488 -15.02 -23.40 -6.43
CA ARG F 488 -14.03 -22.73 -5.57
C ARG F 488 -14.64 -22.34 -4.23
N TYR F 489 -15.91 -21.94 -4.22
CA TYR F 489 -16.57 -21.54 -2.99
C TYR F 489 -17.78 -22.43 -2.70
N SER F 490 -17.61 -23.73 -2.86
CA SER F 490 -18.72 -24.67 -2.79
C SER F 490 -18.91 -25.31 -1.42
N GLY F 491 -18.06 -24.99 -0.45
CA GLY F 491 -18.29 -25.48 0.90
C GLY F 491 -17.47 -26.67 1.34
N GLY F 492 -18.09 -27.59 2.07
CA GLY F 492 -17.36 -28.70 2.65
C GLY F 492 -16.92 -29.72 1.62
N LEU F 493 -15.80 -30.37 1.91
CA LEU F 493 -15.16 -31.30 0.99
C LEU F 493 -15.74 -32.70 1.04
N TYR F 494 -16.60 -33.02 2.01
CA TYR F 494 -17.05 -34.39 2.23
C TYR F 494 -18.52 -34.61 1.90
N TYR F 495 -19.18 -33.63 1.30
CA TYR F 495 -20.63 -33.69 1.10
C TYR F 495 -20.96 -33.69 -0.38
N PRO F 496 -21.65 -34.71 -0.89
CA PRO F 496 -21.91 -34.79 -2.33
C PRO F 496 -22.72 -33.64 -2.88
N THR F 497 -23.53 -32.99 -2.05
CA THR F 497 -24.36 -31.89 -2.51
C THR F 497 -23.52 -30.74 -3.07
N ASN F 498 -22.29 -30.59 -2.59
CA ASN F 498 -21.44 -29.47 -2.97
C ASN F 498 -20.71 -29.69 -4.29
N TYR F 499 -20.85 -30.86 -4.91
CA TYR F 499 -20.17 -31.16 -6.17
C TYR F 499 -21.16 -31.05 -7.32
N ASP F 500 -20.77 -30.31 -8.37
CA ASP F 500 -21.69 -29.99 -9.46
C ASP F 500 -21.66 -31.02 -10.58
N TYR F 501 -20.50 -31.21 -11.20
CA TYR F 501 -20.39 -32.10 -12.34
C TYR F 501 -19.99 -33.49 -11.86
N TRP F 502 -20.86 -34.46 -12.11
CA TRP F 502 -20.66 -35.85 -11.72
C TRP F 502 -20.37 -36.70 -12.93
N GLY F 503 -19.42 -37.62 -12.79
CA GLY F 503 -19.07 -38.52 -13.87
C GLY F 503 -20.01 -39.72 -13.94
N GLN F 504 -19.67 -40.63 -14.84
CA GLN F 504 -20.43 -41.87 -15.01
C GLN F 504 -20.09 -42.85 -13.90
N GLY F 505 -21.08 -43.66 -13.53
CA GLY F 505 -20.88 -44.64 -12.46
C GLY F 505 -20.02 -45.80 -12.93
N THR F 506 -19.12 -46.23 -12.04
CA THR F 506 -18.22 -47.35 -12.31
C THR F 506 -18.38 -48.40 -11.22
N GLN F 507 -18.54 -49.66 -11.63
CA GLN F 507 -18.81 -50.74 -10.70
C GLN F 507 -17.51 -51.46 -10.32
N VAL F 508 -17.42 -51.87 -9.06
CA VAL F 508 -16.30 -52.63 -8.54
C VAL F 508 -16.83 -53.73 -7.64
N THR F 509 -16.28 -54.93 -7.78
CA THR F 509 -16.69 -56.07 -6.96
C THR F 509 -15.51 -56.61 -6.16
C1 NAG G . -15.96 11.43 18.17
C2 NAG G . -16.11 9.94 18.45
C3 NAG G . -17.19 9.70 19.49
C4 NAG G . -16.92 10.52 20.74
C5 NAG G . -16.73 11.99 20.38
C6 NAG G . -16.30 12.82 21.57
C7 NAG G . -15.52 8.41 16.62
C8 NAG G . -15.98 7.74 15.36
N2 NAG G . -16.40 9.22 17.21
O3 NAG G . -17.23 8.31 19.80
O4 NAG G . -18.02 10.44 21.65
O5 NAG G . -15.68 12.12 19.39
O6 NAG G . -15.76 14.07 21.17
O7 NAG G . -14.40 8.22 17.07
C1 NAG G . -17.74 9.60 22.78
C2 NAG G . -18.72 9.96 23.90
C3 NAG G . -18.54 9.03 25.09
C4 NAG G . -18.66 7.57 24.64
C5 NAG G . -17.64 7.32 23.54
C6 NAG G . -17.70 5.92 22.96
C7 NAG G . -19.28 12.34 23.80
C8 NAG G . -18.98 13.70 24.33
N2 NAG G . -18.55 11.34 24.31
O3 NAG G . -19.51 9.32 26.09
O4 NAG G . -18.43 6.69 25.74
O5 NAG G . -17.88 8.22 22.44
O6 NAG G . -16.59 5.66 22.12
O7 NAG G . -20.14 12.15 22.94
C1 BMA G . -19.58 5.83 25.93
C2 BMA G . -19.10 4.49 26.50
C3 BMA G . -20.29 3.57 26.74
C4 BMA G . -21.34 4.25 27.59
C5 BMA G . -21.72 5.60 26.99
C6 BMA G . -22.69 6.38 27.83
O2 BMA G . -18.40 4.72 27.72
O3 BMA G . -19.85 2.38 27.39
O4 BMA G . -22.50 3.44 27.68
O5 BMA G . -20.54 6.41 26.83
O6 BMA G . -22.22 6.57 29.15
C1 MAN G . -19.02 1.59 26.51
C2 MAN G . -19.80 0.38 26.06
C3 MAN G . -20.14 -0.51 27.25
C4 MAN G . -18.87 -0.87 28.01
C5 MAN G . -18.10 0.39 28.38
C6 MAN G . -16.76 0.10 29.01
O2 MAN G . -19.04 -0.36 25.10
O3 MAN G . -20.82 -1.68 26.82
O4 MAN G . -19.21 -1.59 29.20
O5 MAN G . -17.84 1.17 27.19
O6 MAN G . -16.04 1.30 29.28
C1 MAN G . -23.02 7.61 29.77
C2 MAN G . -22.28 8.18 30.98
C3 MAN G . -22.15 7.12 32.07
C4 MAN G . -23.53 6.56 32.43
C5 MAN G . -24.21 6.04 31.16
C6 MAN G . -25.62 5.56 31.40
O2 MAN G . -22.96 9.32 31.46
O3 MAN G . -21.55 7.69 33.23
O4 MAN G . -23.39 5.50 33.36
O5 MAN G . -24.29 7.09 30.18
O6 MAN G . -26.44 6.60 31.93
C1 NAG H . 3.11 32.61 7.19
C2 NAG H . 3.73 33.60 8.17
C3 NAG H . 2.64 34.29 9.00
C4 NAG H . 1.54 34.86 8.11
C5 NAG H . 1.05 33.81 7.13
C6 NAG H . 0.07 34.36 6.13
C7 NAG H . 5.93 33.29 9.23
C8 NAG H . 6.72 32.47 10.21
N2 NAG H . 4.66 32.91 9.05
O3 NAG H . 3.22 35.32 9.77
O4 NAG H . 0.43 35.19 8.92
O5 NAG H . 2.15 33.28 6.38
O6 NAG H . -0.56 33.32 5.39
O7 NAG H . 6.41 34.24 8.64
C1 NAG H . 0.18 36.59 9.03
C2 NAG H . -1.30 36.80 9.34
C3 NAG H . -1.59 38.27 9.59
C4 NAG H . -0.65 38.83 10.65
C5 NAG H . 0.79 38.56 10.25
C6 NAG H . 1.79 38.98 11.31
C7 NAG H . -2.99 35.28 8.42
C8 NAG H . -3.78 34.89 7.20
N2 NAG H . -2.13 36.29 8.26
O3 NAG H . -2.95 38.41 10.02
O4 NAG H . -0.88 40.24 10.73
O5 NAG H . 0.97 37.15 10.07
O6 NAG H . 3.10 38.53 11.00
O7 NAG H . -3.12 34.69 9.49
C1 BMA H . -1.05 40.65 12.10
C2 BMA H . -0.71 42.13 12.13
C3 BMA H . -0.86 42.67 13.55
C4 BMA H . -2.26 42.39 14.05
C5 BMA H . -2.55 40.89 13.95
C6 BMA H . -3.94 40.52 14.36
O2 BMA H . -1.58 42.83 11.25
O3 BMA H . -0.55 44.05 13.59
O4 BMA H . -2.37 42.79 15.42
O5 BMA H . -2.38 40.46 12.59
O6 BMA H . -4.93 41.18 13.58
C1 MAN H . 0.85 44.15 13.89
C2 MAN H . 1.01 44.86 15.23
C3 MAN H . 0.52 46.30 15.10
C4 MAN H . 1.24 47.00 13.96
C5 MAN H . 1.08 46.20 12.67
C6 MAN H . 1.85 46.78 11.52
O2 MAN H . 2.38 44.84 15.63
O3 MAN H . 0.74 47.00 16.33
O4 MAN H . 0.70 48.31 13.77
O5 MAN H . 1.56 44.86 12.88
O6 MAN H . 1.64 46.03 10.32
C1 MAN H . -6.22 40.74 14.04
C2 MAN H . -7.21 40.94 12.92
C3 MAN H . -7.35 42.43 12.61
C4 MAN H . -7.73 43.20 13.87
C5 MAN H . -6.72 42.90 14.98
C6 MAN H . -7.09 43.52 16.30
O2 MAN H . -8.48 40.39 13.30
O3 MAN H . -8.33 42.62 11.59
O4 MAN H . -7.72 44.59 13.60
O5 MAN H . -6.64 41.48 15.20
O6 MAN H . -6.19 43.15 17.33
C1 NAG I . -3.29 24.63 41.91
C2 NAG I . -2.19 24.82 42.95
C3 NAG I . -1.90 26.31 43.16
C4 NAG I . -1.58 26.95 41.81
C5 NAG I . -2.71 26.68 40.82
C6 NAG I . -2.43 27.21 39.44
C7 NAG I . -1.88 23.14 44.72
C8 NAG I . -2.38 22.62 46.03
N2 NAG I . -2.55 24.19 44.22
O3 NAG I . -0.80 26.46 44.03
O4 NAG I . -1.43 28.36 41.97
O5 NAG I . -2.91 25.26 40.70
O6 NAG I . -1.21 26.69 38.93
O7 NAG I . -0.94 22.64 44.13
C1 NAG I . -0.06 28.72 41.71
C2 NAG I . 0.09 30.21 42.00
C3 NAG I . 1.54 30.65 41.82
C4 NAG I . 2.45 29.77 42.66
C5 NAG I . 2.22 28.31 42.32
C6 NAG I . 3.03 27.36 43.17
C7 NAG I . -2.05 31.30 41.46
C8 NAG I . -2.80 32.10 40.44
N2 NAG I . -0.78 30.99 41.14
O3 NAG I . 1.68 32.01 42.18
O4 NAG I . 3.81 30.10 42.43
O5 NAG I . 0.84 27.97 42.53
O6 NAG I . 4.43 27.59 43.01
O7 NAG I . -2.55 30.97 42.52
C1 NAG J . 7.28 -25.47 12.26
C2 NAG J . 6.82 -26.93 12.23
C3 NAG J . 6.23 -27.32 13.59
C4 NAG J . 7.19 -26.98 14.72
C5 NAG J . 7.64 -25.53 14.62
C6 NAG J . 8.70 -25.17 15.63
C7 NAG J . 5.97 -28.04 10.21
C8 NAG J . 4.86 -28.13 9.22
N2 NAG J . 5.84 -27.13 11.19
O3 NAG J . 5.94 -28.72 13.60
O4 NAG J . 6.51 -27.11 15.96
O5 NAG J . 8.20 -25.29 13.33
O6 NAG J . 9.01 -23.79 15.58
O7 NAG J . 6.98 -28.76 10.13
C1 NAG J . 7.00 -28.20 16.75
C2 NAG J . 6.72 -27.89 18.22
C3 NAG J . 7.15 -29.06 19.10
C4 NAG J . 6.47 -30.34 18.62
C5 NAG J . 6.77 -30.56 17.14
C6 NAG J . 6.04 -31.75 16.56
C7 NAG J . 6.74 -25.57 19.04
C8 NAG J . 7.60 -24.40 19.43
N2 NAG J . 7.40 -26.66 18.63
O3 NAG J . 6.78 -28.79 20.45
O4 NAG J . 6.98 -31.43 19.38
O5 NAG J . 6.35 -29.42 16.39
O6 NAG J . 6.43 -31.97 15.21
O7 NAG J . 5.52 -25.53 19.08
C1 BMA J . 5.90 -32.19 19.96
C2 BMA J . 6.43 -33.57 20.30
C3 BMA J . 5.33 -34.41 20.91
C4 BMA J . 4.70 -33.71 22.10
C5 BMA J . 4.28 -32.29 21.71
C6 BMA J . 3.83 -31.47 22.90
O2 BMA J . 7.52 -33.44 21.20
O3 BMA J . 5.86 -35.67 21.32
O4 BMA J . 3.55 -34.41 22.53
O5 BMA J . 5.39 -31.57 21.14
O6 BMA J . 4.87 -31.33 23.85
C1 MAN J . 5.34 -36.70 20.45
C2 MAN J . 5.39 -38.04 21.19
C3 MAN J . 6.84 -38.44 21.47
C4 MAN J . 7.65 -38.42 20.18
C5 MAN J . 7.51 -37.07 19.49
C6 MAN J . 8.19 -37.02 18.14
O2 MAN J . 4.74 -39.04 20.43
O3 MAN J . 6.88 -39.74 22.05
O4 MAN J . 9.02 -38.66 20.47
O5 MAN J . 6.12 -36.80 19.25
O6 MAN J . 8.00 -35.76 17.50
C1 MAN J . 4.37 -30.63 25.01
C2 MAN J . 5.50 -29.77 25.56
C3 MAN J . 6.64 -30.63 26.06
C4 MAN J . 6.12 -31.65 27.08
C5 MAN J . 4.97 -32.44 26.47
C6 MAN J . 4.31 -33.38 27.46
O2 MAN J . 5.00 -28.94 26.62
O3 MAN J . 7.65 -29.83 26.66
O4 MAN J . 7.17 -32.55 27.44
O5 MAN J . 3.93 -31.54 26.02
O6 MAN J . 3.17 -34.01 26.90
C1 NAG K . -28.61 -30.24 18.86
C2 NAG K . -29.24 -31.19 17.84
C3 NAG K . -28.86 -32.64 18.19
C4 NAG K . -27.35 -32.78 18.30
C5 NAG K . -26.82 -31.77 19.31
C6 NAG K . -25.31 -31.77 19.43
C7 NAG K . -31.42 -31.39 16.76
C8 NAG K . -32.90 -31.11 16.88
N2 NAG K . -30.68 -31.03 17.80
O3 NAG K . -29.35 -33.51 17.17
O4 NAG K . -27.04 -34.10 18.74
O5 NAG K . -27.20 -30.44 18.90
O6 NAG K . -24.70 -31.46 18.20
O7 NAG K . -30.94 -31.91 15.76
C1 NAG K . -26.12 -34.76 17.86
C2 NAG K . -25.92 -36.16 18.45
C3 NAG K . -24.94 -36.96 17.57
C4 NAG K . -25.46 -36.98 16.13
C5 NAG K . -25.69 -35.56 15.64
C6 NAG K . -26.32 -35.52 14.26
C7 NAG K . -26.27 -36.15 20.86
C8 NAG K . -25.63 -36.07 22.21
N2 NAG K . -25.44 -36.09 19.81
O3 NAG K . -24.83 -38.27 18.09
O4 NAG K . -24.52 -37.64 15.30
O5 NAG K . -26.58 -34.86 16.52
O6 NAG K . -25.58 -36.32 13.33
O7 NAG K . -27.49 -36.26 20.72
C1 NAG L . -11.41 -3.52 19.36
C2 NAG L . -12.77 -4.08 18.96
C3 NAG L . -13.41 -3.25 17.85
C4 NAG L . -13.46 -1.79 18.26
C5 NAG L . -12.04 -1.33 18.53
C6 NAG L . -11.95 0.11 18.98
C7 NAG L . -13.03 -6.51 19.30
C8 NAG L . -12.85 -7.87 18.68
N2 NAG L . -12.66 -5.47 18.53
O3 NAG L . -14.73 -3.72 17.59
O4 NAG L . -14.10 -1.00 17.25
O5 NAG L . -11.50 -2.12 19.60
O6 NAG L . -10.61 0.49 19.26
O7 NAG L . -13.47 -6.36 20.43
C1 NAG L . -15.18 -0.26 17.88
C2 NAG L . -15.70 0.81 16.92
C3 NAG L . -16.84 1.58 17.57
C4 NAG L . -17.91 0.65 18.12
C5 NAG L . -17.28 -0.45 18.98
C6 NAG L . -18.26 -1.50 19.43
C7 NAG L . -13.89 1.56 15.43
C8 NAG L . -12.83 2.59 15.20
N2 NAG L . -14.63 1.72 16.53
O3 NAG L . -17.40 2.49 16.63
O4 NAG L . -18.80 1.40 18.94
O5 NAG L . -16.25 -1.13 18.25
O6 NAG L . -18.85 -2.18 18.33
O7 NAG L . -14.07 0.62 14.66
C1 BMA L . -20.18 1.28 18.56
C2 BMA L . -20.98 2.01 19.64
C3 BMA L . -22.47 2.00 19.31
C4 BMA L . -22.71 2.53 17.90
C5 BMA L . -21.84 1.76 16.91
C6 BMA L . -21.95 2.27 15.49
O2 BMA L . -20.51 3.35 19.76
O3 BMA L . -23.17 2.79 20.26
O4 BMA L . -24.07 2.36 17.54
O5 BMA L . -20.47 1.86 17.28
O6 BMA L . -21.04 1.60 14.64
C1 MAN L . -24.33 2.09 20.74
C2 MAN L . -25.51 3.04 20.66
C3 MAN L . -25.30 4.21 21.61
C4 MAN L . -25.07 3.69 23.02
C5 MAN L . -23.92 2.69 23.03
C6 MAN L . -23.72 2.02 24.38
O2 MAN L . -26.71 2.35 20.99
O3 MAN L . -26.43 5.07 21.57
O4 MAN L . -24.76 4.78 23.89
O5 MAN L . -24.18 1.64 22.10
O6 MAN L . -23.46 2.97 25.40
C1 MAN L . -21.09 2.12 13.30
C2 MAN L . -20.28 1.18 12.43
C3 MAN L . -18.81 1.23 12.86
C4 MAN L . -18.30 2.67 12.83
C5 MAN L . -19.21 3.57 13.67
C6 MAN L . -18.84 5.03 13.56
O2 MAN L . -20.39 1.56 11.06
O3 MAN L . -18.02 0.40 12.03
O4 MAN L . -16.98 2.73 13.34
O5 MAN L . -20.57 3.45 13.21
O6 MAN L . -19.77 5.84 14.29
C1 NAG M . -18.54 -18.27 -13.14
C2 NAG M . -19.75 -18.36 -14.08
C3 NAG M . -20.95 -18.97 -13.33
C4 NAG M . -20.57 -20.29 -12.67
C5 NAG M . -19.33 -20.10 -11.81
C6 NAG M . -18.80 -21.39 -11.23
C7 NAG M . -20.35 -16.78 -15.86
C8 NAG M . -20.71 -15.36 -16.18
N2 NAG M . -20.11 -17.04 -14.57
O3 NAG M . -22.01 -19.19 -14.25
O4 NAG M . -21.61 -20.69 -11.79
O5 NAG M . -18.26 -19.56 -12.61
O6 NAG M . -17.59 -21.17 -10.51
O7 NAG M . -20.30 -17.65 -16.72
C1 NAG M . -22.40 -21.78 -12.26
C2 NAG M . -22.97 -22.47 -11.02
C3 NAG M . -23.91 -23.60 -11.42
C4 NAG M . -24.99 -23.07 -12.34
C5 NAG M . -24.33 -22.40 -13.54
C6 NAG M . -25.33 -21.76 -14.49
C7 NAG M . -21.64 -22.51 -8.95
C8 NAG M . -20.50 -23.15 -8.23
N2 NAG M . -21.89 -22.98 -10.18
O3 NAG M . -24.50 -24.15 -10.24
O4 NAG M . -25.78 -24.16 -12.80
O5 NAG M . -23.47 -21.35 -13.09
O6 NAG M . -24.69 -21.28 -15.66
O7 NAG M . -22.30 -21.60 -8.46
C1 BMA M . -27.16 -24.03 -12.40
C2 BMA M . -27.96 -25.03 -13.22
C3 BMA M . -29.43 -25.00 -12.82
C4 BMA M . -29.59 -25.19 -11.33
C5 BMA M . -28.72 -24.18 -10.58
C6 BMA M . -28.73 -24.39 -9.09
O2 BMA M . -27.43 -26.34 -13.01
O3 BMA M . -30.14 -26.01 -13.52
O4 BMA M . -30.94 -25.01 -10.94
O5 BMA M . -27.35 -24.29 -11.01
O6 BMA M . -28.39 -25.72 -8.77
C1 MAN M . -30.66 -25.44 -14.74
C2 MAN M . -32.09 -25.92 -14.89
C3 MAN M . -32.14 -27.42 -15.11
C4 MAN M . -31.25 -27.81 -16.27
C5 MAN M . -29.84 -27.28 -16.06
C6 MAN M . -28.92 -27.54 -17.23
O2 MAN M . -32.71 -25.25 -15.99
O3 MAN M . -33.47 -27.86 -15.33
O4 MAN M . -31.20 -29.23 -16.40
O5 MAN M . -29.88 -25.85 -15.88
O6 MAN M . -27.66 -26.90 -17.06
C1 MAN M . -28.58 -25.95 -7.36
C2 MAN M . -27.46 -26.88 -6.88
C3 MAN M . -27.59 -28.25 -7.52
C4 MAN M . -28.99 -28.81 -7.33
C5 MAN M . -30.03 -27.80 -7.79
C6 MAN M . -31.45 -28.25 -7.52
O2 MAN M . -27.51 -26.98 -5.46
O3 MAN M . -26.63 -29.14 -6.97
O4 MAN M . -29.14 -30.01 -8.06
O5 MAN M . -29.85 -26.56 -7.10
O6 MAN M . -32.40 -27.29 -7.98
C1 NAG N . -46.41 0.78 0.77
C2 NAG N . -47.21 1.61 -0.24
C3 NAG N . -47.89 0.68 -1.24
C4 NAG N . -46.87 -0.26 -1.89
C5 NAG N . -46.05 -0.97 -0.82
C6 NAG N . -44.91 -1.77 -1.40
C7 NAG N . -48.36 3.75 0.09
C8 NAG N . -49.43 4.49 0.83
N2 NAG N . -48.20 2.47 0.40
O3 NAG N . -48.53 1.46 -2.26
O4 NAG N . -47.55 -1.25 -2.64
O5 NAG N . -45.46 -0.01 0.08
O6 NAG N . -44.06 -0.95 -2.19
O7 NAG N . -47.65 4.30 -0.76
C1 NAG N . -47.36 -1.07 -4.05
C2 NAG N . -48.08 -2.22 -4.77
C3 NAG N . -47.93 -2.06 -6.28
C4 NAG N . -48.40 -0.68 -6.71
C5 NAG N . -47.66 0.39 -5.91
C6 NAG N . -48.15 1.79 -6.22
C7 NAG N . -48.02 -4.14 -3.25
C8 NAG N . -47.39 -5.46 -2.94
N2 NAG N . -47.57 -3.51 -4.33
O3 NAG N . -48.71 -3.06 -6.94
O4 NAG N . -48.16 -0.49 -8.09
O5 NAG N . -47.86 0.17 -4.52
O6 NAG N . -47.98 2.11 -7.59
O7 NAG N . -48.91 -3.67 -2.55
C1 D10 O . 27.25 21.93 -40.17
C2 D10 O . 27.07 20.93 -39.04
C3 D10 O . 25.74 21.09 -38.33
C4 D10 O . 25.50 20.09 -37.22
C5 D10 O . 24.16 20.25 -36.53
C6 D10 O . 22.97 20.20 -37.48
C7 D10 O . 21.63 20.14 -36.78
C8 D10 O . 20.46 19.94 -37.73
C9 D10 O . 19.14 19.73 -37.02
C10 D10 O . 17.99 19.45 -37.97
N POV P . -3.71 25.54 -19.49
P POV P . 1.11 25.55 -17.90
C1 POV P . 2.72 27.26 -19.10
C2 POV P . 3.37 27.23 -20.46
C3 POV P . 2.42 26.74 -21.51
C210 POV P . 15.91 24.24 -23.65
C310 POV P . 8.72 23.02 -32.05
C11 POV P . -1.28 26.09 -18.89
O11 POV P . 2.46 25.91 -18.68
C211 POV P . 16.37 23.15 -22.75
C311 POV P . 9.98 22.28 -32.48
C12 POV P . -2.25 25.13 -19.52
O12 POV P . 0.08 25.67 -19.12
C212 POV P . 16.20 21.76 -23.33
C312 POV P . 10.26 22.41 -33.97
C13 POV P . -4.44 24.87 -20.61
O13 POV P . 1.16 24.15 -17.44
C213 POV P . 16.17 20.65 -22.28
C313 POV P . 11.44 21.58 -34.44
C14 POV P . -4.34 25.14 -18.19
O14 POV P . 0.82 26.64 -16.95
C214 POV P . 15.93 19.26 -22.85
C314 POV P . 11.63 21.61 -35.94
C15 POV P . -3.83 27.02 -19.66
C215 POV P . 15.60 18.20 -21.80
C315 POV P . 12.81 20.78 -36.44
C216 POV P . 16.77 17.73 -20.95
C316 POV P . 14.13 21.27 -35.88
C217 POV P . 17.10 18.58 -19.74
C218 POV P . 18.29 18.07 -18.96
C21 POV P . 5.62 26.74 -19.75
O21 POV P . 4.52 26.32 -20.40
C22 POV P . 6.72 25.71 -19.82
O22 POV P . 5.71 27.79 -19.19
C23 POV P . 7.80 26.12 -20.82
C24 POV P . 9.13 25.41 -20.61
C25 POV P . 10.16 25.78 -21.67
C26 POV P . 11.55 25.22 -21.40
C27 POV P . 12.53 25.46 -22.55
C28 POV P . 13.96 24.99 -22.25
C29 POV P . 14.87 25.03 -23.44
C31 POV P . 2.60 26.49 -23.85
O31 POV P . 3.17 26.27 -22.66
C32 POV P . 3.44 25.95 -24.97
O32 POV P . 1.56 27.06 -24.00
C33 POV P . 2.95 24.58 -25.45
C34 POV P . 3.37 24.25 -26.87
C35 POV P . 4.85 23.96 -27.04
C36 POV P . 5.23 23.76 -28.49
C37 POV P . 6.69 23.40 -28.75
C38 POV P . 7.06 23.51 -30.21
C39 POV P . 8.40 22.92 -30.57
C1 D10 Q . 17.75 -1.25 -52.11
C2 D10 Q . 17.96 -0.24 -51.01
C3 D10 Q . 17.73 -0.80 -49.62
C4 D10 Q . 18.09 0.18 -48.52
C5 D10 Q . 18.13 -0.43 -47.13
C6 D10 Q . 16.80 -0.88 -46.57
C7 D10 Q . 16.87 -1.36 -45.14
C8 D10 Q . 15.58 -2.00 -44.64
C9 D10 Q . 15.65 -2.50 -43.20
C10 D10 Q . 14.38 -3.18 -42.75
CL CL R . -4.28 18.25 -8.97
N ABU S . -16.11 27.94 12.02
CD ABU S . -17.01 26.94 11.38
CB ABU S . -18.17 27.63 10.72
CG ABU S . -19.05 26.63 9.96
C ABU S . -19.87 27.29 8.88
O ABU S . -19.55 28.43 8.49
OXT ABU S . -20.84 26.65 8.42
C1 D10 T . 48.41 19.20 -22.22
C2 D10 T . 47.87 17.79 -22.34
C3 D10 T . 46.57 17.58 -21.59
C4 D10 T . 46.06 16.16 -21.64
C5 D10 T . 44.90 15.89 -20.70
C6 D10 T . 43.63 16.66 -21.04
C7 D10 T . 42.54 16.49 -20.00
C8 D10 T . 41.30 17.33 -20.25
C9 D10 T . 40.25 17.25 -19.15
C10 D10 T . 39.04 18.11 -19.42
N ABU U . -0.57 -15.46 28.25
CD ABU U . -0.48 -14.00 28.55
CB ABU U . 0.53 -13.73 29.63
CG ABU U . 0.62 -12.24 29.93
C ABU U . 1.76 -11.87 30.86
O ABU U . 2.81 -12.55 30.82
OXT ABU U . 1.59 -10.89 31.61
C1 D10 V . 50.00 -9.68 -19.36
C2 D10 V . 49.02 -8.57 -19.05
C3 D10 V . 47.57 -9.02 -19.10
C4 D10 V . 46.59 -7.95 -18.64
C5 D10 V . 45.15 -8.43 -18.58
C6 D10 V . 44.22 -7.48 -17.85
C7 D10 V . 44.63 -7.23 -16.40
C8 D10 V . 43.80 -6.18 -15.69
C9 D10 V . 44.24 -5.91 -14.25
C10 D10 V . 43.51 -4.75 -13.61
C1 D10 W . 34.16 -25.84 -31.64
C2 D10 W . 33.00 -26.26 -30.76
C3 D10 W . 32.50 -25.12 -29.88
C4 D10 W . 31.30 -25.48 -29.02
C5 D10 W . 30.61 -24.27 -28.43
C6 D10 W . 29.29 -24.60 -27.74
C7 D10 W . 28.44 -23.38 -27.45
C8 D10 W . 27.10 -23.71 -26.81
C9 D10 W . 26.17 -22.53 -26.64
C10 D10 W . 24.86 -22.90 -25.99
C27 R16 X . 26.05 -24.00 -21.55
C28 R16 X . 24.56 -23.93 -21.29
C29 R16 X . 24.19 -24.36 -19.89
C30 R16 X . 22.68 -24.31 -19.62
C31 R16 X . 22.29 -24.75 -18.22
C32 R16 X . 20.80 -24.77 -17.98
C33 R16 X . 20.41 -25.21 -16.57
C34 R16 X . 18.91 -25.24 -16.31
C35 R16 X . 18.56 -25.71 -14.90
C36 R16 X . 17.08 -25.86 -14.62
C37 R16 X . 16.80 -26.38 -13.22
C38 R16 X . 15.35 -26.73 -12.95
C39 R16 X . 15.13 -27.38 -11.59
C40 R16 X . 13.69 -27.84 -11.36
C41 R16 X . 13.46 -28.54 -10.03
C42 R16 X . 12.03 -28.96 -9.81
N POV Y . 28.18 -6.41 12.95
P POV Y . 28.19 -8.76 8.87
C1 POV Y . 29.59 -8.90 6.66
C2 POV Y . 30.48 -9.97 6.09
C3 POV Y . 31.93 -9.60 6.19
C210 POV Y . 33.04 -12.26 -6.26
C310 POV Y . 38.73 -4.80 -1.66
C11 POV Y . 28.88 -6.81 10.53
O11 POV Y . 29.58 -8.97 8.09
C211 POV Y . 31.85 -11.89 -7.10
C311 POV Y . 39.96 -4.08 -2.17
C12 POV Y . 27.79 -6.84 11.56
O12 POV Y . 28.35 -7.21 9.24
C212 POV Y . 31.85 -10.42 -7.48
C312 POV Y . 40.30 -4.39 -3.60
C13 POV Y . 28.58 -4.97 12.93
O13 POV Y . 27.07 -8.94 7.93
C213 POV Y . 30.47 -9.87 -7.84
C313 POV Y . 41.53 -3.66 -4.11
C14 POV Y . 27.00 -6.57 13.86
O14 POV Y . 28.24 -9.57 10.11
C214 POV Y . 30.48 -8.40 -8.20
C314 POV Y . 41.91 -4.05 -5.53
C15 POV Y . 29.31 -7.24 13.45
C215 POV Y . 29.11 -7.72 -8.23
C315 POV Y . 43.11 -3.31 -6.07
C216 POV Y . 28.17 -8.22 -9.32
C316 POV Y . 43.51 -3.80 -7.45
C217 POV Y . 27.24 -9.36 -8.91
C218 POV Y . 26.47 -9.94 -10.07
C21 POV Y . 29.15 -10.92 4.33
O21 POV Y . 30.15 -10.10 4.67
C22 POV Y . 28.94 -10.95 2.86
O22 POV Y . 28.52 -11.57 5.14
C23 POV Y . 30.13 -11.51 2.09
C24 POV Y . 29.95 -11.42 0.59
C25 POV Y . 31.17 -11.84 -0.22
C26 POV Y . 30.97 -11.68 -1.72
C27 POV Y . 32.20 -12.00 -2.56
C28 POV Y . 31.95 -11.80 -4.05
C29 POV Y . 33.07 -12.22 -4.94
C31 POV Y . 33.00 -7.59 6.83
O31 POV Y . 32.04 -8.17 6.11
C32 POV Y . 32.98 -6.09 6.65
O32 POV Y . 33.77 -8.18 7.53
C33 POV Y . 34.24 -5.55 6.00
C34 POV Y . 34.37 -5.92 4.53
C35 POV Y . 35.66 -5.44 3.90
C36 POV Y . 35.77 -5.68 2.42
C37 POV Y . 37.05 -5.09 1.84
C38 POV Y . 37.20 -5.22 0.34
C39 POV Y . 38.49 -4.61 -0.17
CL CL Z . 15.76 -4.27 10.88
C1 D10 AA . 31.29 -21.16 -36.75
C2 D10 AA . 30.72 -19.79 -36.48
C3 D10 AA . 29.87 -19.75 -35.22
C4 D10 AA . 29.30 -18.37 -34.91
C5 D10 AA . 28.33 -18.34 -33.75
C6 D10 AA . 28.98 -18.70 -32.41
C7 D10 AA . 28.02 -18.62 -31.24
C8 D10 AA . 28.67 -18.94 -29.91
C9 D10 AA . 27.76 -18.73 -28.71
C10 D10 AA . 26.53 -19.62 -28.76
#